data_7UIU
# 
_entry.id   7UIU 
# 
_audit_conform.dict_name       mmcif_pdbx.dic 
_audit_conform.dict_version    5.387 
_audit_conform.dict_location   http://mmcif.pdb.org/dictionaries/ascii/mmcif_pdbx.dic 
# 
loop_
_database_2.database_id 
_database_2.database_code 
_database_2.pdbx_database_accession 
_database_2.pdbx_DOI 
PDB   7UIU         pdb_00007uiu 10.2210/pdb7uiu/pdb 
WWPDB D_1000264180 ?            ?                   
EMDB  EMD-26553    ?            ?                   
# 
loop_
_pdbx_audit_revision_history.ordinal 
_pdbx_audit_revision_history.data_content_type 
_pdbx_audit_revision_history.major_revision 
_pdbx_audit_revision_history.minor_revision 
_pdbx_audit_revision_history.revision_date 
1 'Structure model' 1 0 2022-06-22 
2 'Structure model' 1 1 2022-06-29 
3 'Structure model' 1 2 2024-02-14 
# 
_pdbx_audit_revision_details.ordinal             1 
_pdbx_audit_revision_details.revision_ordinal    1 
_pdbx_audit_revision_details.data_content_type   'Structure model' 
_pdbx_audit_revision_details.provider            repository 
_pdbx_audit_revision_details.type                'Initial release' 
_pdbx_audit_revision_details.description         ? 
_pdbx_audit_revision_details.details             ? 
# 
loop_
_pdbx_audit_revision_group.ordinal 
_pdbx_audit_revision_group.revision_ordinal 
_pdbx_audit_revision_group.data_content_type 
_pdbx_audit_revision_group.group 
1 2 'Structure model' 'Database references' 
2 3 'Structure model' 'Data collection'     
# 
loop_
_pdbx_audit_revision_category.ordinal 
_pdbx_audit_revision_category.revision_ordinal 
_pdbx_audit_revision_category.data_content_type 
_pdbx_audit_revision_category.category 
1 2 'Structure model' citation        
2 2 'Structure model' citation_author 
3 3 'Structure model' chem_comp_atom  
4 3 'Structure model' chem_comp_bond  
# 
loop_
_pdbx_audit_revision_item.ordinal 
_pdbx_audit_revision_item.revision_ordinal 
_pdbx_audit_revision_item.data_content_type 
_pdbx_audit_revision_item.item 
1 2 'Structure model' '_citation.journal_volume'          
2 2 'Structure model' '_citation.page_first'              
3 2 'Structure model' '_citation.page_last'               
4 2 'Structure model' '_citation.pdbx_database_id_PubMed' 
5 2 'Structure model' '_citation.title'                   
6 2 'Structure model' '_citation_author.identifier_ORCID' 
# 
_pdbx_database_status.status_code                     REL 
_pdbx_database_status.status_code_sf                  ? 
_pdbx_database_status.status_code_mr                  ? 
_pdbx_database_status.entry_id                        7UIU 
_pdbx_database_status.recvd_initial_deposition_date   2022-03-29 
_pdbx_database_status.SG_entry                        N 
_pdbx_database_status.deposit_site                    RCSB 
_pdbx_database_status.process_site                    RCSB 
_pdbx_database_status.status_code_cs                  ? 
_pdbx_database_status.status_code_nmr_data            ? 
_pdbx_database_status.methods_development_category    ? 
_pdbx_database_status.pdb_format_compatible           Y 
# 
_pdbx_database_related.db_name        EMDB 
_pdbx_database_related.details        
'N2 sub-domain of IF2 bound to the 30S subunit in the 70S ribosome initiation complex (focused classification and refinement)' 
_pdbx_database_related.db_id          EMD-26553 
_pdbx_database_related.content_type   'associated EM volume' 
# 
_pdbx_contact_author.id                 3 
_pdbx_contact_author.email              magagnon@UTMB.edu 
_pdbx_contact_author.name_first         Matthieu 
_pdbx_contact_author.name_last          Gagnon 
_pdbx_contact_author.name_mi            G 
_pdbx_contact_author.role               'principal investigator/group leader' 
_pdbx_contact_author.identifier_ORCID   0000-0003-4516-604X 
# 
loop_
_audit_author.name 
_audit_author.pdbx_ordinal 
_audit_author.identifier_ORCID 
'Basu, R.S.'    1 0000-0001-6410-7905 
'Sherman, M.B.' 2 0000-0002-3680-8066 
'Gagnon, M.G.'  3 0000-0003-4516-604X 
# 
_citation.abstract                  ? 
_citation.abstract_id_CAS           ? 
_citation.book_id_ISBN              ? 
_citation.book_publisher            ? 
_citation.book_publisher_city       ? 
_citation.book_title                ? 
_citation.coordinate_linkage        ? 
_citation.country                   UK 
_citation.database_id_Medline       ? 
_citation.details                   ? 
_citation.id                        primary 
_citation.journal_abbrev            'Nat Commun' 
_citation.journal_id_ASTM           ? 
_citation.journal_id_CSD            ? 
_citation.journal_id_ISSN           2041-1723 
_citation.journal_full              ? 
_citation.journal_issue             ? 
_citation.journal_volume            13 
_citation.language                  ? 
_citation.page_first                3388 
_citation.page_last                 3388 
_citation.title                     
'Compact IF2 allows initiator tRNA accommodation into the P site and gates the ribosome to elongation.' 
_citation.year                      2022 
_citation.database_id_CSD           ? 
_citation.pdbx_database_id_DOI      10.1038/s41467-022-31129-2 
_citation.pdbx_database_id_PubMed   35697706 
_citation.pdbx_database_id_patent   ? 
_citation.unpublished_flag          ? 
# 
loop_
_citation_author.citation_id 
_citation_author.name 
_citation_author.ordinal 
_citation_author.identifier_ORCID 
primary 'Basu, R.S.'    1 ? 
primary 'Sherman, M.B.' 2 ? 
primary 'Gagnon, M.G.'  3 ? 
# 
_entity.id                         1 
_entity.type                       polymer 
_entity.src_method                 man 
_entity.pdbx_description           'Translation initiation factor IF-2' 
_entity.formula_weight             91049.641 
_entity.pdbx_number_of_molecules   1 
_entity.pdbx_ec                    ? 
_entity.pdbx_mutation              ? 
_entity.pdbx_fragment              'N2 sub-domain of IF2' 
_entity.details                    ? 
# 
_entity_poly.entity_id                      1 
_entity_poly.type                           'polypeptide(L)' 
_entity_poly.nstd_linkage                   no 
_entity_poly.nstd_monomer                   no 
_entity_poly.pdbx_seq_one_letter_code       
;MTQVTVKELAQVVDTPVERLLLQMRDAGLPHTSAEQVVTDSEKQALLTHLKGSHGDRASEPRKITLQRKTTTTLKVGGSK
TVSVEVRKKKTYVKRSPDEIEAERQRELEEQRAAEEAERLKAEEAAARQRAEEEARKAEEAARAKAAQEAAATAGAEPAV
VADVAVAEPVAKPAAVEERKKEEPRRVPKRDEDDDRRDRKHTQHRPSVKEKEKVPAPRVAPRSTDEESDGYRRGGRGGKS
KLKKRNQHGFQNPTGPIVREVNIGETITVAELAAQMSVKGAEVVKFMFKMGSPVTINQVLDQETAQLVAEELGHKVKLVS
ENALEEQLAESLKFEGEAVTRAPVVTVMGHVDHGKTSLLDYIRRAKVAAGEAGGITQHIGAYHVETERGMVTFLDTPGHA
AFTAMRARGAQATDIVILVVAADDGVMPQTQEAVQHAKAAGVPIVVAVNKIDKPEANPDNIKNGLAALDVIPEEWGGDAP
FVPVSAKLGTGVDELLEAVLLQAEVLELKATPSAPGRGVVVESRLDKGRGPVATVLVQDGTLRQGDMVLVGINYGRVRAM
LDENGKPIKEAGPSIPVEILGLDGTPDAGDEMTVVADEKKAREVALFRQGKFREVKLARAHAGKLENIFENMGQEEKKTL
NIVLKADVRGSLEALQGSLSGLGNDEVQVRVVGGGVGGITESDANLALASNAVLFGFNVRADAGARKIVEAEGLDMRYYN
VIYDIIEDVKKALTGMLGSDLRENILGIAEVRDVFRSPKFGAIAGCMVTEGMVHRNRPIRVLRDDVVIFEGELESLRRFK
DDVAEVRAGMECGIGVKSYNDVKVGDKIEVFEKVEVARSL
;
_entity_poly.pdbx_seq_one_letter_code_can   
;MTQVTVKELAQVVDTPVERLLLQMRDAGLPHTSAEQVVTDSEKQALLTHLKGSHGDRASEPRKITLQRKTTTTLKVGGSK
TVSVEVRKKKTYVKRSPDEIEAERQRELEEQRAAEEAERLKAEEAAARQRAEEEARKAEEAARAKAAQEAAATAGAEPAV
VADVAVAEPVAKPAAVEERKKEEPRRVPKRDEDDDRRDRKHTQHRPSVKEKEKVPAPRVAPRSTDEESDGYRRGGRGGKS
KLKKRNQHGFQNPTGPIVREVNIGETITVAELAAQMSVKGAEVVKFMFKMGSPVTINQVLDQETAQLVAEELGHKVKLVS
ENALEEQLAESLKFEGEAVTRAPVVTVMGHVDHGKTSLLDYIRRAKVAAGEAGGITQHIGAYHVETERGMVTFLDTPGHA
AFTAMRARGAQATDIVILVVAADDGVMPQTQEAVQHAKAAGVPIVVAVNKIDKPEANPDNIKNGLAALDVIPEEWGGDAP
FVPVSAKLGTGVDELLEAVLLQAEVLELKATPSAPGRGVVVESRLDKGRGPVATVLVQDGTLRQGDMVLVGINYGRVRAM
LDENGKPIKEAGPSIPVEILGLDGTPDAGDEMTVVADEKKAREVALFRQGKFREVKLARAHAGKLENIFENMGQEEKKTL
NIVLKADVRGSLEALQGSLSGLGNDEVQVRVVGGGVGGITESDANLALASNAVLFGFNVRADAGARKIVEAEGLDMRYYN
VIYDIIEDVKKALTGMLGSDLRENILGIAEVRDVFRSPKFGAIAGCMVTEGMVHRNRPIRVLRDDVVIFEGELESLRRFK
DDVAEVRAGMECGIGVKSYNDVKVGDKIEVFEKVEVARSL
;
_entity_poly.pdbx_strand_id                 x 
_entity_poly.pdbx_target_identifier         ? 
# 
loop_
_entity_poly_seq.entity_id 
_entity_poly_seq.num 
_entity_poly_seq.mon_id 
_entity_poly_seq.hetero 
1 1   MET n 
1 2   THR n 
1 3   GLN n 
1 4   VAL n 
1 5   THR n 
1 6   VAL n 
1 7   LYS n 
1 8   GLU n 
1 9   LEU n 
1 10  ALA n 
1 11  GLN n 
1 12  VAL n 
1 13  VAL n 
1 14  ASP n 
1 15  THR n 
1 16  PRO n 
1 17  VAL n 
1 18  GLU n 
1 19  ARG n 
1 20  LEU n 
1 21  LEU n 
1 22  LEU n 
1 23  GLN n 
1 24  MET n 
1 25  ARG n 
1 26  ASP n 
1 27  ALA n 
1 28  GLY n 
1 29  LEU n 
1 30  PRO n 
1 31  HIS n 
1 32  THR n 
1 33  SER n 
1 34  ALA n 
1 35  GLU n 
1 36  GLN n 
1 37  VAL n 
1 38  VAL n 
1 39  THR n 
1 40  ASP n 
1 41  SER n 
1 42  GLU n 
1 43  LYS n 
1 44  GLN n 
1 45  ALA n 
1 46  LEU n 
1 47  LEU n 
1 48  THR n 
1 49  HIS n 
1 50  LEU n 
1 51  LYS n 
1 52  GLY n 
1 53  SER n 
1 54  HIS n 
1 55  GLY n 
1 56  ASP n 
1 57  ARG n 
1 58  ALA n 
1 59  SER n 
1 60  GLU n 
1 61  PRO n 
1 62  ARG n 
1 63  LYS n 
1 64  ILE n 
1 65  THR n 
1 66  LEU n 
1 67  GLN n 
1 68  ARG n 
1 69  LYS n 
1 70  THR n 
1 71  THR n 
1 72  THR n 
1 73  THR n 
1 74  LEU n 
1 75  LYS n 
1 76  VAL n 
1 77  GLY n 
1 78  GLY n 
1 79  SER n 
1 80  LYS n 
1 81  THR n 
1 82  VAL n 
1 83  SER n 
1 84  VAL n 
1 85  GLU n 
1 86  VAL n 
1 87  ARG n 
1 88  LYS n 
1 89  LYS n 
1 90  LYS n 
1 91  THR n 
1 92  TYR n 
1 93  VAL n 
1 94  LYS n 
1 95  ARG n 
1 96  SER n 
1 97  PRO n 
1 98  ASP n 
1 99  GLU n 
1 100 ILE n 
1 101 GLU n 
1 102 ALA n 
1 103 GLU n 
1 104 ARG n 
1 105 GLN n 
1 106 ARG n 
1 107 GLU n 
1 108 LEU n 
1 109 GLU n 
1 110 GLU n 
1 111 GLN n 
1 112 ARG n 
1 113 ALA n 
1 114 ALA n 
1 115 GLU n 
1 116 GLU n 
1 117 ALA n 
1 118 GLU n 
1 119 ARG n 
1 120 LEU n 
1 121 LYS n 
1 122 ALA n 
1 123 GLU n 
1 124 GLU n 
1 125 ALA n 
1 126 ALA n 
1 127 ALA n 
1 128 ARG n 
1 129 GLN n 
1 130 ARG n 
1 131 ALA n 
1 132 GLU n 
1 133 GLU n 
1 134 GLU n 
1 135 ALA n 
1 136 ARG n 
1 137 LYS n 
1 138 ALA n 
1 139 GLU n 
1 140 GLU n 
1 141 ALA n 
1 142 ALA n 
1 143 ARG n 
1 144 ALA n 
1 145 LYS n 
1 146 ALA n 
1 147 ALA n 
1 148 GLN n 
1 149 GLU n 
1 150 ALA n 
1 151 ALA n 
1 152 ALA n 
1 153 THR n 
1 154 ALA n 
1 155 GLY n 
1 156 ALA n 
1 157 GLU n 
1 158 PRO n 
1 159 ALA n 
1 160 VAL n 
1 161 VAL n 
1 162 ALA n 
1 163 ASP n 
1 164 VAL n 
1 165 ALA n 
1 166 VAL n 
1 167 ALA n 
1 168 GLU n 
1 169 PRO n 
1 170 VAL n 
1 171 ALA n 
1 172 LYS n 
1 173 PRO n 
1 174 ALA n 
1 175 ALA n 
1 176 VAL n 
1 177 GLU n 
1 178 GLU n 
1 179 ARG n 
1 180 LYS n 
1 181 LYS n 
1 182 GLU n 
1 183 GLU n 
1 184 PRO n 
1 185 ARG n 
1 186 ARG n 
1 187 VAL n 
1 188 PRO n 
1 189 LYS n 
1 190 ARG n 
1 191 ASP n 
1 192 GLU n 
1 193 ASP n 
1 194 ASP n 
1 195 ASP n 
1 196 ARG n 
1 197 ARG n 
1 198 ASP n 
1 199 ARG n 
1 200 LYS n 
1 201 HIS n 
1 202 THR n 
1 203 GLN n 
1 204 HIS n 
1 205 ARG n 
1 206 PRO n 
1 207 SER n 
1 208 VAL n 
1 209 LYS n 
1 210 GLU n 
1 211 LYS n 
1 212 GLU n 
1 213 LYS n 
1 214 VAL n 
1 215 PRO n 
1 216 ALA n 
1 217 PRO n 
1 218 ARG n 
1 219 VAL n 
1 220 ALA n 
1 221 PRO n 
1 222 ARG n 
1 223 SER n 
1 224 THR n 
1 225 ASP n 
1 226 GLU n 
1 227 GLU n 
1 228 SER n 
1 229 ASP n 
1 230 GLY n 
1 231 TYR n 
1 232 ARG n 
1 233 ARG n 
1 234 GLY n 
1 235 GLY n 
1 236 ARG n 
1 237 GLY n 
1 238 GLY n 
1 239 LYS n 
1 240 SER n 
1 241 LYS n 
1 242 LEU n 
1 243 LYS n 
1 244 LYS n 
1 245 ARG n 
1 246 ASN n 
1 247 GLN n 
1 248 HIS n 
1 249 GLY n 
1 250 PHE n 
1 251 GLN n 
1 252 ASN n 
1 253 PRO n 
1 254 THR n 
1 255 GLY n 
1 256 PRO n 
1 257 ILE n 
1 258 VAL n 
1 259 ARG n 
1 260 GLU n 
1 261 VAL n 
1 262 ASN n 
1 263 ILE n 
1 264 GLY n 
1 265 GLU n 
1 266 THR n 
1 267 ILE n 
1 268 THR n 
1 269 VAL n 
1 270 ALA n 
1 271 GLU n 
1 272 LEU n 
1 273 ALA n 
1 274 ALA n 
1 275 GLN n 
1 276 MET n 
1 277 SER n 
1 278 VAL n 
1 279 LYS n 
1 280 GLY n 
1 281 ALA n 
1 282 GLU n 
1 283 VAL n 
1 284 VAL n 
1 285 LYS n 
1 286 PHE n 
1 287 MET n 
1 288 PHE n 
1 289 LYS n 
1 290 MET n 
1 291 GLY n 
1 292 SER n 
1 293 PRO n 
1 294 VAL n 
1 295 THR n 
1 296 ILE n 
1 297 ASN n 
1 298 GLN n 
1 299 VAL n 
1 300 LEU n 
1 301 ASP n 
1 302 GLN n 
1 303 GLU n 
1 304 THR n 
1 305 ALA n 
1 306 GLN n 
1 307 LEU n 
1 308 VAL n 
1 309 ALA n 
1 310 GLU n 
1 311 GLU n 
1 312 LEU n 
1 313 GLY n 
1 314 HIS n 
1 315 LYS n 
1 316 VAL n 
1 317 LYS n 
1 318 LEU n 
1 319 VAL n 
1 320 SER n 
1 321 GLU n 
1 322 ASN n 
1 323 ALA n 
1 324 LEU n 
1 325 GLU n 
1 326 GLU n 
1 327 GLN n 
1 328 LEU n 
1 329 ALA n 
1 330 GLU n 
1 331 SER n 
1 332 LEU n 
1 333 LYS n 
1 334 PHE n 
1 335 GLU n 
1 336 GLY n 
1 337 GLU n 
1 338 ALA n 
1 339 VAL n 
1 340 THR n 
1 341 ARG n 
1 342 ALA n 
1 343 PRO n 
1 344 VAL n 
1 345 VAL n 
1 346 THR n 
1 347 VAL n 
1 348 MET n 
1 349 GLY n 
1 350 HIS n 
1 351 VAL n 
1 352 ASP n 
1 353 HIS n 
1 354 GLY n 
1 355 LYS n 
1 356 THR n 
1 357 SER n 
1 358 LEU n 
1 359 LEU n 
1 360 ASP n 
1 361 TYR n 
1 362 ILE n 
1 363 ARG n 
1 364 ARG n 
1 365 ALA n 
1 366 LYS n 
1 367 VAL n 
1 368 ALA n 
1 369 ALA n 
1 370 GLY n 
1 371 GLU n 
1 372 ALA n 
1 373 GLY n 
1 374 GLY n 
1 375 ILE n 
1 376 THR n 
1 377 GLN n 
1 378 HIS n 
1 379 ILE n 
1 380 GLY n 
1 381 ALA n 
1 382 TYR n 
1 383 HIS n 
1 384 VAL n 
1 385 GLU n 
1 386 THR n 
1 387 GLU n 
1 388 ARG n 
1 389 GLY n 
1 390 MET n 
1 391 VAL n 
1 392 THR n 
1 393 PHE n 
1 394 LEU n 
1 395 ASP n 
1 396 THR n 
1 397 PRO n 
1 398 GLY n 
1 399 HIS n 
1 400 ALA n 
1 401 ALA n 
1 402 PHE n 
1 403 THR n 
1 404 ALA n 
1 405 MET n 
1 406 ARG n 
1 407 ALA n 
1 408 ARG n 
1 409 GLY n 
1 410 ALA n 
1 411 GLN n 
1 412 ALA n 
1 413 THR n 
1 414 ASP n 
1 415 ILE n 
1 416 VAL n 
1 417 ILE n 
1 418 LEU n 
1 419 VAL n 
1 420 VAL n 
1 421 ALA n 
1 422 ALA n 
1 423 ASP n 
1 424 ASP n 
1 425 GLY n 
1 426 VAL n 
1 427 MET n 
1 428 PRO n 
1 429 GLN n 
1 430 THR n 
1 431 GLN n 
1 432 GLU n 
1 433 ALA n 
1 434 VAL n 
1 435 GLN n 
1 436 HIS n 
1 437 ALA n 
1 438 LYS n 
1 439 ALA n 
1 440 ALA n 
1 441 GLY n 
1 442 VAL n 
1 443 PRO n 
1 444 ILE n 
1 445 VAL n 
1 446 VAL n 
1 447 ALA n 
1 448 VAL n 
1 449 ASN n 
1 450 LYS n 
1 451 ILE n 
1 452 ASP n 
1 453 LYS n 
1 454 PRO n 
1 455 GLU n 
1 456 ALA n 
1 457 ASN n 
1 458 PRO n 
1 459 ASP n 
1 460 ASN n 
1 461 ILE n 
1 462 LYS n 
1 463 ASN n 
1 464 GLY n 
1 465 LEU n 
1 466 ALA n 
1 467 ALA n 
1 468 LEU n 
1 469 ASP n 
1 470 VAL n 
1 471 ILE n 
1 472 PRO n 
1 473 GLU n 
1 474 GLU n 
1 475 TRP n 
1 476 GLY n 
1 477 GLY n 
1 478 ASP n 
1 479 ALA n 
1 480 PRO n 
1 481 PHE n 
1 482 VAL n 
1 483 PRO n 
1 484 VAL n 
1 485 SER n 
1 486 ALA n 
1 487 LYS n 
1 488 LEU n 
1 489 GLY n 
1 490 THR n 
1 491 GLY n 
1 492 VAL n 
1 493 ASP n 
1 494 GLU n 
1 495 LEU n 
1 496 LEU n 
1 497 GLU n 
1 498 ALA n 
1 499 VAL n 
1 500 LEU n 
1 501 LEU n 
1 502 GLN n 
1 503 ALA n 
1 504 GLU n 
1 505 VAL n 
1 506 LEU n 
1 507 GLU n 
1 508 LEU n 
1 509 LYS n 
1 510 ALA n 
1 511 THR n 
1 512 PRO n 
1 513 SER n 
1 514 ALA n 
1 515 PRO n 
1 516 GLY n 
1 517 ARG n 
1 518 GLY n 
1 519 VAL n 
1 520 VAL n 
1 521 VAL n 
1 522 GLU n 
1 523 SER n 
1 524 ARG n 
1 525 LEU n 
1 526 ASP n 
1 527 LYS n 
1 528 GLY n 
1 529 ARG n 
1 530 GLY n 
1 531 PRO n 
1 532 VAL n 
1 533 ALA n 
1 534 THR n 
1 535 VAL n 
1 536 LEU n 
1 537 VAL n 
1 538 GLN n 
1 539 ASP n 
1 540 GLY n 
1 541 THR n 
1 542 LEU n 
1 543 ARG n 
1 544 GLN n 
1 545 GLY n 
1 546 ASP n 
1 547 MET n 
1 548 VAL n 
1 549 LEU n 
1 550 VAL n 
1 551 GLY n 
1 552 ILE n 
1 553 ASN n 
1 554 TYR n 
1 555 GLY n 
1 556 ARG n 
1 557 VAL n 
1 558 ARG n 
1 559 ALA n 
1 560 MET n 
1 561 LEU n 
1 562 ASP n 
1 563 GLU n 
1 564 ASN n 
1 565 GLY n 
1 566 LYS n 
1 567 PRO n 
1 568 ILE n 
1 569 LYS n 
1 570 GLU n 
1 571 ALA n 
1 572 GLY n 
1 573 PRO n 
1 574 SER n 
1 575 ILE n 
1 576 PRO n 
1 577 VAL n 
1 578 GLU n 
1 579 ILE n 
1 580 LEU n 
1 581 GLY n 
1 582 LEU n 
1 583 ASP n 
1 584 GLY n 
1 585 THR n 
1 586 PRO n 
1 587 ASP n 
1 588 ALA n 
1 589 GLY n 
1 590 ASP n 
1 591 GLU n 
1 592 MET n 
1 593 THR n 
1 594 VAL n 
1 595 VAL n 
1 596 ALA n 
1 597 ASP n 
1 598 GLU n 
1 599 LYS n 
1 600 LYS n 
1 601 ALA n 
1 602 ARG n 
1 603 GLU n 
1 604 VAL n 
1 605 ALA n 
1 606 LEU n 
1 607 PHE n 
1 608 ARG n 
1 609 GLN n 
1 610 GLY n 
1 611 LYS n 
1 612 PHE n 
1 613 ARG n 
1 614 GLU n 
1 615 VAL n 
1 616 LYS n 
1 617 LEU n 
1 618 ALA n 
1 619 ARG n 
1 620 ALA n 
1 621 HIS n 
1 622 ALA n 
1 623 GLY n 
1 624 LYS n 
1 625 LEU n 
1 626 GLU n 
1 627 ASN n 
1 628 ILE n 
1 629 PHE n 
1 630 GLU n 
1 631 ASN n 
1 632 MET n 
1 633 GLY n 
1 634 GLN n 
1 635 GLU n 
1 636 GLU n 
1 637 LYS n 
1 638 LYS n 
1 639 THR n 
1 640 LEU n 
1 641 ASN n 
1 642 ILE n 
1 643 VAL n 
1 644 LEU n 
1 645 LYS n 
1 646 ALA n 
1 647 ASP n 
1 648 VAL n 
1 649 ARG n 
1 650 GLY n 
1 651 SER n 
1 652 LEU n 
1 653 GLU n 
1 654 ALA n 
1 655 LEU n 
1 656 GLN n 
1 657 GLY n 
1 658 SER n 
1 659 LEU n 
1 660 SER n 
1 661 GLY n 
1 662 LEU n 
1 663 GLY n 
1 664 ASN n 
1 665 ASP n 
1 666 GLU n 
1 667 VAL n 
1 668 GLN n 
1 669 VAL n 
1 670 ARG n 
1 671 VAL n 
1 672 VAL n 
1 673 GLY n 
1 674 GLY n 
1 675 GLY n 
1 676 VAL n 
1 677 GLY n 
1 678 GLY n 
1 679 ILE n 
1 680 THR n 
1 681 GLU n 
1 682 SER n 
1 683 ASP n 
1 684 ALA n 
1 685 ASN n 
1 686 LEU n 
1 687 ALA n 
1 688 LEU n 
1 689 ALA n 
1 690 SER n 
1 691 ASN n 
1 692 ALA n 
1 693 VAL n 
1 694 LEU n 
1 695 PHE n 
1 696 GLY n 
1 697 PHE n 
1 698 ASN n 
1 699 VAL n 
1 700 ARG n 
1 701 ALA n 
1 702 ASP n 
1 703 ALA n 
1 704 GLY n 
1 705 ALA n 
1 706 ARG n 
1 707 LYS n 
1 708 ILE n 
1 709 VAL n 
1 710 GLU n 
1 711 ALA n 
1 712 GLU n 
1 713 GLY n 
1 714 LEU n 
1 715 ASP n 
1 716 MET n 
1 717 ARG n 
1 718 TYR n 
1 719 TYR n 
1 720 ASN n 
1 721 VAL n 
1 722 ILE n 
1 723 TYR n 
1 724 ASP n 
1 725 ILE n 
1 726 ILE n 
1 727 GLU n 
1 728 ASP n 
1 729 VAL n 
1 730 LYS n 
1 731 LYS n 
1 732 ALA n 
1 733 LEU n 
1 734 THR n 
1 735 GLY n 
1 736 MET n 
1 737 LEU n 
1 738 GLY n 
1 739 SER n 
1 740 ASP n 
1 741 LEU n 
1 742 ARG n 
1 743 GLU n 
1 744 ASN n 
1 745 ILE n 
1 746 LEU n 
1 747 GLY n 
1 748 ILE n 
1 749 ALA n 
1 750 GLU n 
1 751 VAL n 
1 752 ARG n 
1 753 ASP n 
1 754 VAL n 
1 755 PHE n 
1 756 ARG n 
1 757 SER n 
1 758 PRO n 
1 759 LYS n 
1 760 PHE n 
1 761 GLY n 
1 762 ALA n 
1 763 ILE n 
1 764 ALA n 
1 765 GLY n 
1 766 CYS n 
1 767 MET n 
1 768 VAL n 
1 769 THR n 
1 770 GLU n 
1 771 GLY n 
1 772 MET n 
1 773 VAL n 
1 774 HIS n 
1 775 ARG n 
1 776 ASN n 
1 777 ARG n 
1 778 PRO n 
1 779 ILE n 
1 780 ARG n 
1 781 VAL n 
1 782 LEU n 
1 783 ARG n 
1 784 ASP n 
1 785 ASP n 
1 786 VAL n 
1 787 VAL n 
1 788 ILE n 
1 789 PHE n 
1 790 GLU n 
1 791 GLY n 
1 792 GLU n 
1 793 LEU n 
1 794 GLU n 
1 795 SER n 
1 796 LEU n 
1 797 ARG n 
1 798 ARG n 
1 799 PHE n 
1 800 LYS n 
1 801 ASP n 
1 802 ASP n 
1 803 VAL n 
1 804 ALA n 
1 805 GLU n 
1 806 VAL n 
1 807 ARG n 
1 808 ALA n 
1 809 GLY n 
1 810 MET n 
1 811 GLU n 
1 812 CYS n 
1 813 GLY n 
1 814 ILE n 
1 815 GLY n 
1 816 VAL n 
1 817 LYS n 
1 818 SER n 
1 819 TYR n 
1 820 ASN n 
1 821 ASP n 
1 822 VAL n 
1 823 LYS n 
1 824 VAL n 
1 825 GLY n 
1 826 ASP n 
1 827 LYS n 
1 828 ILE n 
1 829 GLU n 
1 830 VAL n 
1 831 PHE n 
1 832 GLU n 
1 833 LYS n 
1 834 VAL n 
1 835 GLU n 
1 836 VAL n 
1 837 ALA n 
1 838 ARG n 
1 839 SER n 
1 840 LEU n 
# 
_entity_src_gen.entity_id                          1 
_entity_src_gen.pdbx_src_id                        1 
_entity_src_gen.pdbx_alt_source_flag               sample 
_entity_src_gen.pdbx_seq_type                      'Biological sequence' 
_entity_src_gen.pdbx_beg_seq_num                   1 
_entity_src_gen.pdbx_end_seq_num                   840 
_entity_src_gen.gene_src_common_name               ? 
_entity_src_gen.gene_src_genus                     ? 
_entity_src_gen.pdbx_gene_src_gene                 'infB, PA4744' 
_entity_src_gen.gene_src_species                   ? 
_entity_src_gen.gene_src_strain                    ? 
_entity_src_gen.gene_src_tissue                    ? 
_entity_src_gen.gene_src_tissue_fraction           ? 
_entity_src_gen.gene_src_details                   'Initiation Factor 2' 
_entity_src_gen.pdbx_gene_src_fragment             ? 
_entity_src_gen.pdbx_gene_src_scientific_name      'Pseudomonas aeruginosa PAO1' 
_entity_src_gen.pdbx_gene_src_ncbi_taxonomy_id     208964 
_entity_src_gen.pdbx_gene_src_variant              ? 
_entity_src_gen.pdbx_gene_src_cell_line            ? 
_entity_src_gen.pdbx_gene_src_atcc                 ? 
_entity_src_gen.pdbx_gene_src_organ                ? 
_entity_src_gen.pdbx_gene_src_organelle            ? 
_entity_src_gen.pdbx_gene_src_cell                 ? 
_entity_src_gen.pdbx_gene_src_cellular_location    ? 
_entity_src_gen.host_org_common_name               ? 
_entity_src_gen.pdbx_host_org_scientific_name      'Escherichia coli' 
_entity_src_gen.pdbx_host_org_ncbi_taxonomy_id     562 
_entity_src_gen.host_org_genus                     ? 
_entity_src_gen.pdbx_host_org_gene                 ? 
_entity_src_gen.pdbx_host_org_organ                ? 
_entity_src_gen.host_org_species                   ? 
_entity_src_gen.pdbx_host_org_tissue               ? 
_entity_src_gen.pdbx_host_org_tissue_fraction      ? 
_entity_src_gen.pdbx_host_org_strain               'BL21 Star(DE3)' 
_entity_src_gen.pdbx_host_org_variant              ? 
_entity_src_gen.pdbx_host_org_cell_line            ? 
_entity_src_gen.pdbx_host_org_atcc                 ? 
_entity_src_gen.pdbx_host_org_culture_collection   ? 
_entity_src_gen.pdbx_host_org_cell                 ? 
_entity_src_gen.pdbx_host_org_organelle            ? 
_entity_src_gen.pdbx_host_org_cellular_location    ? 
_entity_src_gen.pdbx_host_org_vector_type          plasmid 
_entity_src_gen.pdbx_host_org_vector               ? 
_entity_src_gen.host_org_details                   ? 
_entity_src_gen.expression_system_id               ? 
_entity_src_gen.plasmid_name                       pET28a 
_entity_src_gen.plasmid_details                    ? 
_entity_src_gen.pdbx_description                   ? 
# 
loop_
_chem_comp.id 
_chem_comp.type 
_chem_comp.mon_nstd_flag 
_chem_comp.name 
_chem_comp.pdbx_synonyms 
_chem_comp.formula 
_chem_comp.formula_weight 
ALA 'L-peptide linking' y ALANINE         ? 'C3 H7 N O2'     89.093  
ARG 'L-peptide linking' y ARGININE        ? 'C6 H15 N4 O2 1' 175.209 
ASN 'L-peptide linking' y ASPARAGINE      ? 'C4 H8 N2 O3'    132.118 
ASP 'L-peptide linking' y 'ASPARTIC ACID' ? 'C4 H7 N O4'     133.103 
CYS 'L-peptide linking' y CYSTEINE        ? 'C3 H7 N O2 S'   121.158 
GLN 'L-peptide linking' y GLUTAMINE       ? 'C5 H10 N2 O3'   146.144 
GLU 'L-peptide linking' y 'GLUTAMIC ACID' ? 'C5 H9 N O4'     147.129 
GLY 'peptide linking'   y GLYCINE         ? 'C2 H5 N O2'     75.067  
HIS 'L-peptide linking' y HISTIDINE       ? 'C6 H10 N3 O2 1' 156.162 
ILE 'L-peptide linking' y ISOLEUCINE      ? 'C6 H13 N O2'    131.173 
LEU 'L-peptide linking' y LEUCINE         ? 'C6 H13 N O2'    131.173 
LYS 'L-peptide linking' y LYSINE          ? 'C6 H15 N2 O2 1' 147.195 
MET 'L-peptide linking' y METHIONINE      ? 'C5 H11 N O2 S'  149.211 
PHE 'L-peptide linking' y PHENYLALANINE   ? 'C9 H11 N O2'    165.189 
PRO 'L-peptide linking' y PROLINE         ? 'C5 H9 N O2'     115.130 
SER 'L-peptide linking' y SERINE          ? 'C3 H7 N O3'     105.093 
THR 'L-peptide linking' y THREONINE       ? 'C4 H9 N O3'     119.119 
TRP 'L-peptide linking' y TRYPTOPHAN      ? 'C11 H12 N2 O2'  204.225 
TYR 'L-peptide linking' y TYROSINE        ? 'C9 H11 N O3'    181.189 
VAL 'L-peptide linking' y VALINE          ? 'C5 H11 N O2'    117.146 
# 
loop_
_pdbx_poly_seq_scheme.asym_id 
_pdbx_poly_seq_scheme.entity_id 
_pdbx_poly_seq_scheme.seq_id 
_pdbx_poly_seq_scheme.mon_id 
_pdbx_poly_seq_scheme.ndb_seq_num 
_pdbx_poly_seq_scheme.pdb_seq_num 
_pdbx_poly_seq_scheme.auth_seq_num 
_pdbx_poly_seq_scheme.pdb_mon_id 
_pdbx_poly_seq_scheme.auth_mon_id 
_pdbx_poly_seq_scheme.pdb_strand_id 
_pdbx_poly_seq_scheme.pdb_ins_code 
_pdbx_poly_seq_scheme.hetero 
A 1 1   MET 1   1   ?   ?   ?   x . n 
A 1 2   THR 2   2   ?   ?   ?   x . n 
A 1 3   GLN 3   3   ?   ?   ?   x . n 
A 1 4   VAL 4   4   ?   ?   ?   x . n 
A 1 5   THR 5   5   ?   ?   ?   x . n 
A 1 6   VAL 6   6   ?   ?   ?   x . n 
A 1 7   LYS 7   7   ?   ?   ?   x . n 
A 1 8   GLU 8   8   ?   ?   ?   x . n 
A 1 9   LEU 9   9   ?   ?   ?   x . n 
A 1 10  ALA 10  10  ?   ?   ?   x . n 
A 1 11  GLN 11  11  ?   ?   ?   x . n 
A 1 12  VAL 12  12  ?   ?   ?   x . n 
A 1 13  VAL 13  13  ?   ?   ?   x . n 
A 1 14  ASP 14  14  ?   ?   ?   x . n 
A 1 15  THR 15  15  ?   ?   ?   x . n 
A 1 16  PRO 16  16  ?   ?   ?   x . n 
A 1 17  VAL 17  17  ?   ?   ?   x . n 
A 1 18  GLU 18  18  ?   ?   ?   x . n 
A 1 19  ARG 19  19  ?   ?   ?   x . n 
A 1 20  LEU 20  20  ?   ?   ?   x . n 
A 1 21  LEU 21  21  ?   ?   ?   x . n 
A 1 22  LEU 22  22  ?   ?   ?   x . n 
A 1 23  GLN 23  23  ?   ?   ?   x . n 
A 1 24  MET 24  24  ?   ?   ?   x . n 
A 1 25  ARG 25  25  ?   ?   ?   x . n 
A 1 26  ASP 26  26  ?   ?   ?   x . n 
A 1 27  ALA 27  27  ?   ?   ?   x . n 
A 1 28  GLY 28  28  ?   ?   ?   x . n 
A 1 29  LEU 29  29  ?   ?   ?   x . n 
A 1 30  PRO 30  30  ?   ?   ?   x . n 
A 1 31  HIS 31  31  ?   ?   ?   x . n 
A 1 32  THR 32  32  ?   ?   ?   x . n 
A 1 33  SER 33  33  ?   ?   ?   x . n 
A 1 34  ALA 34  34  ?   ?   ?   x . n 
A 1 35  GLU 35  35  ?   ?   ?   x . n 
A 1 36  GLN 36  36  ?   ?   ?   x . n 
A 1 37  VAL 37  37  ?   ?   ?   x . n 
A 1 38  VAL 38  38  ?   ?   ?   x . n 
A 1 39  THR 39  39  ?   ?   ?   x . n 
A 1 40  ASP 40  40  ?   ?   ?   x . n 
A 1 41  SER 41  41  ?   ?   ?   x . n 
A 1 42  GLU 42  42  ?   ?   ?   x . n 
A 1 43  LYS 43  43  ?   ?   ?   x . n 
A 1 44  GLN 44  44  ?   ?   ?   x . n 
A 1 45  ALA 45  45  ?   ?   ?   x . n 
A 1 46  LEU 46  46  ?   ?   ?   x . n 
A 1 47  LEU 47  47  ?   ?   ?   x . n 
A 1 48  THR 48  48  ?   ?   ?   x . n 
A 1 49  HIS 49  49  ?   ?   ?   x . n 
A 1 50  LEU 50  50  ?   ?   ?   x . n 
A 1 51  LYS 51  51  ?   ?   ?   x . n 
A 1 52  GLY 52  52  ?   ?   ?   x . n 
A 1 53  SER 53  53  ?   ?   ?   x . n 
A 1 54  HIS 54  54  ?   ?   ?   x . n 
A 1 55  GLY 55  55  ?   ?   ?   x . n 
A 1 56  ASP 56  56  ?   ?   ?   x . n 
A 1 57  ARG 57  57  ?   ?   ?   x . n 
A 1 58  ALA 58  58  ?   ?   ?   x . n 
A 1 59  SER 59  59  ?   ?   ?   x . n 
A 1 60  GLU 60  60  ?   ?   ?   x . n 
A 1 61  PRO 61  61  ?   ?   ?   x . n 
A 1 62  ARG 62  62  ?   ?   ?   x . n 
A 1 63  LYS 63  63  ?   ?   ?   x . n 
A 1 64  ILE 64  64  ?   ?   ?   x . n 
A 1 65  THR 65  65  ?   ?   ?   x . n 
A 1 66  LEU 66  66  ?   ?   ?   x . n 
A 1 67  GLN 67  67  ?   ?   ?   x . n 
A 1 68  ARG 68  68  ?   ?   ?   x . n 
A 1 69  LYS 69  69  ?   ?   ?   x . n 
A 1 70  THR 70  70  ?   ?   ?   x . n 
A 1 71  THR 71  71  ?   ?   ?   x . n 
A 1 72  THR 72  72  ?   ?   ?   x . n 
A 1 73  THR 73  73  ?   ?   ?   x . n 
A 1 74  LEU 74  74  ?   ?   ?   x . n 
A 1 75  LYS 75  75  ?   ?   ?   x . n 
A 1 76  VAL 76  76  ?   ?   ?   x . n 
A 1 77  GLY 77  77  ?   ?   ?   x . n 
A 1 78  GLY 78  78  ?   ?   ?   x . n 
A 1 79  SER 79  79  ?   ?   ?   x . n 
A 1 80  LYS 80  80  ?   ?   ?   x . n 
A 1 81  THR 81  81  ?   ?   ?   x . n 
A 1 82  VAL 82  82  ?   ?   ?   x . n 
A 1 83  SER 83  83  ?   ?   ?   x . n 
A 1 84  VAL 84  84  ?   ?   ?   x . n 
A 1 85  GLU 85  85  ?   ?   ?   x . n 
A 1 86  VAL 86  86  ?   ?   ?   x . n 
A 1 87  ARG 87  87  ?   ?   ?   x . n 
A 1 88  LYS 88  88  ?   ?   ?   x . n 
A 1 89  LYS 89  89  ?   ?   ?   x . n 
A 1 90  LYS 90  90  ?   ?   ?   x . n 
A 1 91  THR 91  91  ?   ?   ?   x . n 
A 1 92  TYR 92  92  ?   ?   ?   x . n 
A 1 93  VAL 93  93  ?   ?   ?   x . n 
A 1 94  LYS 94  94  ?   ?   ?   x . n 
A 1 95  ARG 95  95  ?   ?   ?   x . n 
A 1 96  SER 96  96  ?   ?   ?   x . n 
A 1 97  PRO 97  97  ?   ?   ?   x . n 
A 1 98  ASP 98  98  ?   ?   ?   x . n 
A 1 99  GLU 99  99  ?   ?   ?   x . n 
A 1 100 ILE 100 100 ?   ?   ?   x . n 
A 1 101 GLU 101 101 ?   ?   ?   x . n 
A 1 102 ALA 102 102 ?   ?   ?   x . n 
A 1 103 GLU 103 103 ?   ?   ?   x . n 
A 1 104 ARG 104 104 ?   ?   ?   x . n 
A 1 105 GLN 105 105 ?   ?   ?   x . n 
A 1 106 ARG 106 106 ?   ?   ?   x . n 
A 1 107 GLU 107 107 ?   ?   ?   x . n 
A 1 108 LEU 108 108 ?   ?   ?   x . n 
A 1 109 GLU 109 109 ?   ?   ?   x . n 
A 1 110 GLU 110 110 ?   ?   ?   x . n 
A 1 111 GLN 111 111 ?   ?   ?   x . n 
A 1 112 ARG 112 112 ?   ?   ?   x . n 
A 1 113 ALA 113 113 ?   ?   ?   x . n 
A 1 114 ALA 114 114 ?   ?   ?   x . n 
A 1 115 GLU 115 115 ?   ?   ?   x . n 
A 1 116 GLU 116 116 ?   ?   ?   x . n 
A 1 117 ALA 117 117 ?   ?   ?   x . n 
A 1 118 GLU 118 118 ?   ?   ?   x . n 
A 1 119 ARG 119 119 ?   ?   ?   x . n 
A 1 120 LEU 120 120 ?   ?   ?   x . n 
A 1 121 LYS 121 121 ?   ?   ?   x . n 
A 1 122 ALA 122 122 ?   ?   ?   x . n 
A 1 123 GLU 123 123 ?   ?   ?   x . n 
A 1 124 GLU 124 124 ?   ?   ?   x . n 
A 1 125 ALA 125 125 ?   ?   ?   x . n 
A 1 126 ALA 126 126 ?   ?   ?   x . n 
A 1 127 ALA 127 127 ?   ?   ?   x . n 
A 1 128 ARG 128 128 ?   ?   ?   x . n 
A 1 129 GLN 129 129 ?   ?   ?   x . n 
A 1 130 ARG 130 130 ?   ?   ?   x . n 
A 1 131 ALA 131 131 ?   ?   ?   x . n 
A 1 132 GLU 132 132 ?   ?   ?   x . n 
A 1 133 GLU 133 133 ?   ?   ?   x . n 
A 1 134 GLU 134 134 ?   ?   ?   x . n 
A 1 135 ALA 135 135 ?   ?   ?   x . n 
A 1 136 ARG 136 136 ?   ?   ?   x . n 
A 1 137 LYS 137 137 ?   ?   ?   x . n 
A 1 138 ALA 138 138 ?   ?   ?   x . n 
A 1 139 GLU 139 139 ?   ?   ?   x . n 
A 1 140 GLU 140 140 ?   ?   ?   x . n 
A 1 141 ALA 141 141 ?   ?   ?   x . n 
A 1 142 ALA 142 142 ?   ?   ?   x . n 
A 1 143 ARG 143 143 ?   ?   ?   x . n 
A 1 144 ALA 144 144 ?   ?   ?   x . n 
A 1 145 LYS 145 145 ?   ?   ?   x . n 
A 1 146 ALA 146 146 ?   ?   ?   x . n 
A 1 147 ALA 147 147 ?   ?   ?   x . n 
A 1 148 GLN 148 148 ?   ?   ?   x . n 
A 1 149 GLU 149 149 ?   ?   ?   x . n 
A 1 150 ALA 150 150 ?   ?   ?   x . n 
A 1 151 ALA 151 151 ?   ?   ?   x . n 
A 1 152 ALA 152 152 ?   ?   ?   x . n 
A 1 153 THR 153 153 ?   ?   ?   x . n 
A 1 154 ALA 154 154 ?   ?   ?   x . n 
A 1 155 GLY 155 155 ?   ?   ?   x . n 
A 1 156 ALA 156 156 ?   ?   ?   x . n 
A 1 157 GLU 157 157 ?   ?   ?   x . n 
A 1 158 PRO 158 158 ?   ?   ?   x . n 
A 1 159 ALA 159 159 ?   ?   ?   x . n 
A 1 160 VAL 160 160 ?   ?   ?   x . n 
A 1 161 VAL 161 161 ?   ?   ?   x . n 
A 1 162 ALA 162 162 ?   ?   ?   x . n 
A 1 163 ASP 163 163 ?   ?   ?   x . n 
A 1 164 VAL 164 164 ?   ?   ?   x . n 
A 1 165 ALA 165 165 ?   ?   ?   x . n 
A 1 166 VAL 166 166 ?   ?   ?   x . n 
A 1 167 ALA 167 167 ?   ?   ?   x . n 
A 1 168 GLU 168 168 ?   ?   ?   x . n 
A 1 169 PRO 169 169 ?   ?   ?   x . n 
A 1 170 VAL 170 170 ?   ?   ?   x . n 
A 1 171 ALA 171 171 ?   ?   ?   x . n 
A 1 172 LYS 172 172 ?   ?   ?   x . n 
A 1 173 PRO 173 173 ?   ?   ?   x . n 
A 1 174 ALA 174 174 ?   ?   ?   x . n 
A 1 175 ALA 175 175 ?   ?   ?   x . n 
A 1 176 VAL 176 176 ?   ?   ?   x . n 
A 1 177 GLU 177 177 ?   ?   ?   x . n 
A 1 178 GLU 178 178 ?   ?   ?   x . n 
A 1 179 ARG 179 179 ?   ?   ?   x . n 
A 1 180 LYS 180 180 ?   ?   ?   x . n 
A 1 181 LYS 181 181 ?   ?   ?   x . n 
A 1 182 GLU 182 182 ?   ?   ?   x . n 
A 1 183 GLU 183 183 ?   ?   ?   x . n 
A 1 184 PRO 184 184 ?   ?   ?   x . n 
A 1 185 ARG 185 185 ?   ?   ?   x . n 
A 1 186 ARG 186 186 ?   ?   ?   x . n 
A 1 187 VAL 187 187 ?   ?   ?   x . n 
A 1 188 PRO 188 188 ?   ?   ?   x . n 
A 1 189 LYS 189 189 ?   ?   ?   x . n 
A 1 190 ARG 190 190 ?   ?   ?   x . n 
A 1 191 ASP 191 191 ?   ?   ?   x . n 
A 1 192 GLU 192 192 ?   ?   ?   x . n 
A 1 193 ASP 193 193 ?   ?   ?   x . n 
A 1 194 ASP 194 194 ?   ?   ?   x . n 
A 1 195 ASP 195 195 ?   ?   ?   x . n 
A 1 196 ARG 196 196 ?   ?   ?   x . n 
A 1 197 ARG 197 197 ?   ?   ?   x . n 
A 1 198 ASP 198 198 ?   ?   ?   x . n 
A 1 199 ARG 199 199 ?   ?   ?   x . n 
A 1 200 LYS 200 200 ?   ?   ?   x . n 
A 1 201 HIS 201 201 ?   ?   ?   x . n 
A 1 202 THR 202 202 ?   ?   ?   x . n 
A 1 203 GLN 203 203 ?   ?   ?   x . n 
A 1 204 HIS 204 204 ?   ?   ?   x . n 
A 1 205 ARG 205 205 ?   ?   ?   x . n 
A 1 206 PRO 206 206 ?   ?   ?   x . n 
A 1 207 SER 207 207 ?   ?   ?   x . n 
A 1 208 VAL 208 208 ?   ?   ?   x . n 
A 1 209 LYS 209 209 ?   ?   ?   x . n 
A 1 210 GLU 210 210 ?   ?   ?   x . n 
A 1 211 LYS 211 211 ?   ?   ?   x . n 
A 1 212 GLU 212 212 ?   ?   ?   x . n 
A 1 213 LYS 213 213 ?   ?   ?   x . n 
A 1 214 VAL 214 214 ?   ?   ?   x . n 
A 1 215 PRO 215 215 ?   ?   ?   x . n 
A 1 216 ALA 216 216 ?   ?   ?   x . n 
A 1 217 PRO 217 217 ?   ?   ?   x . n 
A 1 218 ARG 218 218 ?   ?   ?   x . n 
A 1 219 VAL 219 219 ?   ?   ?   x . n 
A 1 220 ALA 220 220 ?   ?   ?   x . n 
A 1 221 PRO 221 221 ?   ?   ?   x . n 
A 1 222 ARG 222 222 ?   ?   ?   x . n 
A 1 223 SER 223 223 ?   ?   ?   x . n 
A 1 224 THR 224 224 ?   ?   ?   x . n 
A 1 225 ASP 225 225 ?   ?   ?   x . n 
A 1 226 GLU 226 226 ?   ?   ?   x . n 
A 1 227 GLU 227 227 ?   ?   ?   x . n 
A 1 228 SER 228 228 ?   ?   ?   x . n 
A 1 229 ASP 229 229 ?   ?   ?   x . n 
A 1 230 GLY 230 230 ?   ?   ?   x . n 
A 1 231 TYR 231 231 ?   ?   ?   x . n 
A 1 232 ARG 232 232 ?   ?   ?   x . n 
A 1 233 ARG 233 233 ?   ?   ?   x . n 
A 1 234 GLY 234 234 ?   ?   ?   x . n 
A 1 235 GLY 235 235 ?   ?   ?   x . n 
A 1 236 ARG 236 236 ?   ?   ?   x . n 
A 1 237 GLY 237 237 ?   ?   ?   x . n 
A 1 238 GLY 238 238 ?   ?   ?   x . n 
A 1 239 LYS 239 239 ?   ?   ?   x . n 
A 1 240 SER 240 240 ?   ?   ?   x . n 
A 1 241 LYS 241 241 ?   ?   ?   x . n 
A 1 242 LEU 242 242 ?   ?   ?   x . n 
A 1 243 LYS 243 243 ?   ?   ?   x . n 
A 1 244 LYS 244 244 ?   ?   ?   x . n 
A 1 245 ARG 245 245 ?   ?   ?   x . n 
A 1 246 ASN 246 246 ?   ?   ?   x . n 
A 1 247 GLN 247 247 ?   ?   ?   x . n 
A 1 248 HIS 248 248 248 HIS HIS x . n 
A 1 249 GLY 249 249 249 GLY GLY x . n 
A 1 250 PHE 250 250 250 PHE PHE x . n 
A 1 251 GLN 251 251 251 GLN GLN x . n 
A 1 252 ASN 252 252 252 ASN ASN x . n 
A 1 253 PRO 253 253 253 PRO PRO x . n 
A 1 254 THR 254 254 254 THR THR x . n 
A 1 255 GLY 255 255 255 GLY GLY x . n 
A 1 256 PRO 256 256 256 PRO PRO x . n 
A 1 257 ILE 257 257 257 ILE ILE x . n 
A 1 258 VAL 258 258 258 VAL VAL x . n 
A 1 259 ARG 259 259 259 ARG ARG x . n 
A 1 260 GLU 260 260 260 GLU GLU x . n 
A 1 261 VAL 261 261 261 VAL VAL x . n 
A 1 262 ASN 262 262 262 ASN ASN x . n 
A 1 263 ILE 263 263 263 ILE ILE x . n 
A 1 264 GLY 264 264 264 GLY GLY x . n 
A 1 265 GLU 265 265 265 GLU GLU x . n 
A 1 266 THR 266 266 266 THR THR x . n 
A 1 267 ILE 267 267 267 ILE ILE x . n 
A 1 268 THR 268 268 268 THR THR x . n 
A 1 269 VAL 269 269 269 VAL VAL x . n 
A 1 270 ALA 270 270 270 ALA ALA x . n 
A 1 271 GLU 271 271 271 GLU GLU x . n 
A 1 272 LEU 272 272 272 LEU LEU x . n 
A 1 273 ALA 273 273 273 ALA ALA x . n 
A 1 274 ALA 274 274 274 ALA ALA x . n 
A 1 275 GLN 275 275 275 GLN GLN x . n 
A 1 276 MET 276 276 276 MET MET x . n 
A 1 277 SER 277 277 277 SER SER x . n 
A 1 278 VAL 278 278 278 VAL VAL x . n 
A 1 279 LYS 279 279 279 LYS LYS x . n 
A 1 280 GLY 280 280 280 GLY GLY x . n 
A 1 281 ALA 281 281 281 ALA ALA x . n 
A 1 282 GLU 282 282 282 GLU GLU x . n 
A 1 283 VAL 283 283 283 VAL VAL x . n 
A 1 284 VAL 284 284 284 VAL VAL x . n 
A 1 285 LYS 285 285 285 LYS LYS x . n 
A 1 286 PHE 286 286 286 PHE PHE x . n 
A 1 287 MET 287 287 287 MET MET x . n 
A 1 288 PHE 288 288 288 PHE PHE x . n 
A 1 289 LYS 289 289 289 LYS LYS x . n 
A 1 290 MET 290 290 290 MET MET x . n 
A 1 291 GLY 291 291 291 GLY GLY x . n 
A 1 292 SER 292 292 292 SER SER x . n 
A 1 293 PRO 293 293 293 PRO PRO x . n 
A 1 294 VAL 294 294 294 VAL VAL x . n 
A 1 295 THR 295 295 295 THR THR x . n 
A 1 296 ILE 296 296 296 ILE ILE x . n 
A 1 297 ASN 297 297 297 ASN ASN x . n 
A 1 298 GLN 298 298 298 GLN GLN x . n 
A 1 299 VAL 299 299 299 VAL VAL x . n 
A 1 300 LEU 300 300 300 LEU LEU x . n 
A 1 301 ASP 301 301 301 ASP ASP x . n 
A 1 302 GLN 302 302 302 GLN GLN x . n 
A 1 303 GLU 303 303 303 GLU GLU x . n 
A 1 304 THR 304 304 304 THR THR x . n 
A 1 305 ALA 305 305 305 ALA ALA x . n 
A 1 306 GLN 306 306 306 GLN GLN x . n 
A 1 307 LEU 307 307 307 LEU LEU x . n 
A 1 308 VAL 308 308 308 VAL VAL x . n 
A 1 309 ALA 309 309 309 ALA ALA x . n 
A 1 310 GLU 310 310 310 GLU GLU x . n 
A 1 311 GLU 311 311 311 GLU GLU x . n 
A 1 312 LEU 312 312 312 LEU LEU x . n 
A 1 313 GLY 313 313 313 GLY GLY x . n 
A 1 314 HIS 314 314 314 HIS HIS x . n 
A 1 315 LYS 315 315 315 LYS LYS x . n 
A 1 316 VAL 316 316 316 VAL VAL x . n 
A 1 317 LYS 317 317 317 LYS LYS x . n 
A 1 318 LEU 318 318 318 LEU LEU x . n 
A 1 319 VAL 319 319 319 VAL VAL x . n 
A 1 320 SER 320 320 320 SER SER x . n 
A 1 321 GLU 321 321 321 GLU GLU x . n 
A 1 322 ASN 322 322 322 ASN ASN x . n 
A 1 323 ALA 323 323 323 ALA ALA x . n 
A 1 324 LEU 324 324 324 LEU LEU x . n 
A 1 325 GLU 325 325 325 GLU GLU x . n 
A 1 326 GLU 326 326 326 GLU GLU x . n 
A 1 327 GLN 327 327 327 GLN GLN x . n 
A 1 328 LEU 328 328 328 LEU LEU x . n 
A 1 329 ALA 329 329 329 ALA ALA x . n 
A 1 330 GLU 330 330 330 GLU GLU x . n 
A 1 331 SER 331 331 331 SER SER x . n 
A 1 332 LEU 332 332 332 LEU LEU x . n 
A 1 333 LYS 333 333 ?   ?   ?   x . n 
A 1 334 PHE 334 334 ?   ?   ?   x . n 
A 1 335 GLU 335 335 ?   ?   ?   x . n 
A 1 336 GLY 336 336 ?   ?   ?   x . n 
A 1 337 GLU 337 337 ?   ?   ?   x . n 
A 1 338 ALA 338 338 ?   ?   ?   x . n 
A 1 339 VAL 339 339 ?   ?   ?   x . n 
A 1 340 THR 340 340 ?   ?   ?   x . n 
A 1 341 ARG 341 341 ?   ?   ?   x . n 
A 1 342 ALA 342 342 ?   ?   ?   x . n 
A 1 343 PRO 343 343 ?   ?   ?   x . n 
A 1 344 VAL 344 344 ?   ?   ?   x . n 
A 1 345 VAL 345 345 ?   ?   ?   x . n 
A 1 346 THR 346 346 ?   ?   ?   x . n 
A 1 347 VAL 347 347 ?   ?   ?   x . n 
A 1 348 MET 348 348 ?   ?   ?   x . n 
A 1 349 GLY 349 349 ?   ?   ?   x . n 
A 1 350 HIS 350 350 ?   ?   ?   x . n 
A 1 351 VAL 351 351 ?   ?   ?   x . n 
A 1 352 ASP 352 352 ?   ?   ?   x . n 
A 1 353 HIS 353 353 ?   ?   ?   x . n 
A 1 354 GLY 354 354 ?   ?   ?   x . n 
A 1 355 LYS 355 355 ?   ?   ?   x . n 
A 1 356 THR 356 356 ?   ?   ?   x . n 
A 1 357 SER 357 357 ?   ?   ?   x . n 
A 1 358 LEU 358 358 ?   ?   ?   x . n 
A 1 359 LEU 359 359 ?   ?   ?   x . n 
A 1 360 ASP 360 360 ?   ?   ?   x . n 
A 1 361 TYR 361 361 ?   ?   ?   x . n 
A 1 362 ILE 362 362 ?   ?   ?   x . n 
A 1 363 ARG 363 363 ?   ?   ?   x . n 
A 1 364 ARG 364 364 ?   ?   ?   x . n 
A 1 365 ALA 365 365 ?   ?   ?   x . n 
A 1 366 LYS 366 366 ?   ?   ?   x . n 
A 1 367 VAL 367 367 ?   ?   ?   x . n 
A 1 368 ALA 368 368 ?   ?   ?   x . n 
A 1 369 ALA 369 369 ?   ?   ?   x . n 
A 1 370 GLY 370 370 ?   ?   ?   x . n 
A 1 371 GLU 371 371 ?   ?   ?   x . n 
A 1 372 ALA 372 372 ?   ?   ?   x . n 
A 1 373 GLY 373 373 ?   ?   ?   x . n 
A 1 374 GLY 374 374 ?   ?   ?   x . n 
A 1 375 ILE 375 375 ?   ?   ?   x . n 
A 1 376 THR 376 376 ?   ?   ?   x . n 
A 1 377 GLN 377 377 ?   ?   ?   x . n 
A 1 378 HIS 378 378 ?   ?   ?   x . n 
A 1 379 ILE 379 379 ?   ?   ?   x . n 
A 1 380 GLY 380 380 ?   ?   ?   x . n 
A 1 381 ALA 381 381 ?   ?   ?   x . n 
A 1 382 TYR 382 382 ?   ?   ?   x . n 
A 1 383 HIS 383 383 ?   ?   ?   x . n 
A 1 384 VAL 384 384 ?   ?   ?   x . n 
A 1 385 GLU 385 385 ?   ?   ?   x . n 
A 1 386 THR 386 386 ?   ?   ?   x . n 
A 1 387 GLU 387 387 ?   ?   ?   x . n 
A 1 388 ARG 388 388 ?   ?   ?   x . n 
A 1 389 GLY 389 389 ?   ?   ?   x . n 
A 1 390 MET 390 390 ?   ?   ?   x . n 
A 1 391 VAL 391 391 ?   ?   ?   x . n 
A 1 392 THR 392 392 ?   ?   ?   x . n 
A 1 393 PHE 393 393 ?   ?   ?   x . n 
A 1 394 LEU 394 394 ?   ?   ?   x . n 
A 1 395 ASP 395 395 ?   ?   ?   x . n 
A 1 396 THR 396 396 ?   ?   ?   x . n 
A 1 397 PRO 397 397 ?   ?   ?   x . n 
A 1 398 GLY 398 398 ?   ?   ?   x . n 
A 1 399 HIS 399 399 ?   ?   ?   x . n 
A 1 400 ALA 400 400 ?   ?   ?   x . n 
A 1 401 ALA 401 401 ?   ?   ?   x . n 
A 1 402 PHE 402 402 ?   ?   ?   x . n 
A 1 403 THR 403 403 ?   ?   ?   x . n 
A 1 404 ALA 404 404 ?   ?   ?   x . n 
A 1 405 MET 405 405 ?   ?   ?   x . n 
A 1 406 ARG 406 406 ?   ?   ?   x . n 
A 1 407 ALA 407 407 ?   ?   ?   x . n 
A 1 408 ARG 408 408 ?   ?   ?   x . n 
A 1 409 GLY 409 409 ?   ?   ?   x . n 
A 1 410 ALA 410 410 ?   ?   ?   x . n 
A 1 411 GLN 411 411 ?   ?   ?   x . n 
A 1 412 ALA 412 412 ?   ?   ?   x . n 
A 1 413 THR 413 413 ?   ?   ?   x . n 
A 1 414 ASP 414 414 ?   ?   ?   x . n 
A 1 415 ILE 415 415 ?   ?   ?   x . n 
A 1 416 VAL 416 416 ?   ?   ?   x . n 
A 1 417 ILE 417 417 ?   ?   ?   x . n 
A 1 418 LEU 418 418 ?   ?   ?   x . n 
A 1 419 VAL 419 419 ?   ?   ?   x . n 
A 1 420 VAL 420 420 ?   ?   ?   x . n 
A 1 421 ALA 421 421 ?   ?   ?   x . n 
A 1 422 ALA 422 422 ?   ?   ?   x . n 
A 1 423 ASP 423 423 ?   ?   ?   x . n 
A 1 424 ASP 424 424 ?   ?   ?   x . n 
A 1 425 GLY 425 425 ?   ?   ?   x . n 
A 1 426 VAL 426 426 ?   ?   ?   x . n 
A 1 427 MET 427 427 ?   ?   ?   x . n 
A 1 428 PRO 428 428 ?   ?   ?   x . n 
A 1 429 GLN 429 429 ?   ?   ?   x . n 
A 1 430 THR 430 430 ?   ?   ?   x . n 
A 1 431 GLN 431 431 ?   ?   ?   x . n 
A 1 432 GLU 432 432 ?   ?   ?   x . n 
A 1 433 ALA 433 433 ?   ?   ?   x . n 
A 1 434 VAL 434 434 ?   ?   ?   x . n 
A 1 435 GLN 435 435 ?   ?   ?   x . n 
A 1 436 HIS 436 436 ?   ?   ?   x . n 
A 1 437 ALA 437 437 ?   ?   ?   x . n 
A 1 438 LYS 438 438 ?   ?   ?   x . n 
A 1 439 ALA 439 439 ?   ?   ?   x . n 
A 1 440 ALA 440 440 ?   ?   ?   x . n 
A 1 441 GLY 441 441 ?   ?   ?   x . n 
A 1 442 VAL 442 442 ?   ?   ?   x . n 
A 1 443 PRO 443 443 ?   ?   ?   x . n 
A 1 444 ILE 444 444 ?   ?   ?   x . n 
A 1 445 VAL 445 445 ?   ?   ?   x . n 
A 1 446 VAL 446 446 ?   ?   ?   x . n 
A 1 447 ALA 447 447 ?   ?   ?   x . n 
A 1 448 VAL 448 448 ?   ?   ?   x . n 
A 1 449 ASN 449 449 ?   ?   ?   x . n 
A 1 450 LYS 450 450 ?   ?   ?   x . n 
A 1 451 ILE 451 451 ?   ?   ?   x . n 
A 1 452 ASP 452 452 ?   ?   ?   x . n 
A 1 453 LYS 453 453 ?   ?   ?   x . n 
A 1 454 PRO 454 454 ?   ?   ?   x . n 
A 1 455 GLU 455 455 ?   ?   ?   x . n 
A 1 456 ALA 456 456 ?   ?   ?   x . n 
A 1 457 ASN 457 457 ?   ?   ?   x . n 
A 1 458 PRO 458 458 ?   ?   ?   x . n 
A 1 459 ASP 459 459 ?   ?   ?   x . n 
A 1 460 ASN 460 460 ?   ?   ?   x . n 
A 1 461 ILE 461 461 ?   ?   ?   x . n 
A 1 462 LYS 462 462 ?   ?   ?   x . n 
A 1 463 ASN 463 463 ?   ?   ?   x . n 
A 1 464 GLY 464 464 ?   ?   ?   x . n 
A 1 465 LEU 465 465 ?   ?   ?   x . n 
A 1 466 ALA 466 466 ?   ?   ?   x . n 
A 1 467 ALA 467 467 ?   ?   ?   x . n 
A 1 468 LEU 468 468 ?   ?   ?   x . n 
A 1 469 ASP 469 469 ?   ?   ?   x . n 
A 1 470 VAL 470 470 ?   ?   ?   x . n 
A 1 471 ILE 471 471 ?   ?   ?   x . n 
A 1 472 PRO 472 472 ?   ?   ?   x . n 
A 1 473 GLU 473 473 ?   ?   ?   x . n 
A 1 474 GLU 474 474 ?   ?   ?   x . n 
A 1 475 TRP 475 475 ?   ?   ?   x . n 
A 1 476 GLY 476 476 ?   ?   ?   x . n 
A 1 477 GLY 477 477 ?   ?   ?   x . n 
A 1 478 ASP 478 478 ?   ?   ?   x . n 
A 1 479 ALA 479 479 ?   ?   ?   x . n 
A 1 480 PRO 480 480 ?   ?   ?   x . n 
A 1 481 PHE 481 481 ?   ?   ?   x . n 
A 1 482 VAL 482 482 ?   ?   ?   x . n 
A 1 483 PRO 483 483 ?   ?   ?   x . n 
A 1 484 VAL 484 484 ?   ?   ?   x . n 
A 1 485 SER 485 485 ?   ?   ?   x . n 
A 1 486 ALA 486 486 ?   ?   ?   x . n 
A 1 487 LYS 487 487 ?   ?   ?   x . n 
A 1 488 LEU 488 488 ?   ?   ?   x . n 
A 1 489 GLY 489 489 ?   ?   ?   x . n 
A 1 490 THR 490 490 ?   ?   ?   x . n 
A 1 491 GLY 491 491 ?   ?   ?   x . n 
A 1 492 VAL 492 492 ?   ?   ?   x . n 
A 1 493 ASP 493 493 ?   ?   ?   x . n 
A 1 494 GLU 494 494 ?   ?   ?   x . n 
A 1 495 LEU 495 495 ?   ?   ?   x . n 
A 1 496 LEU 496 496 ?   ?   ?   x . n 
A 1 497 GLU 497 497 ?   ?   ?   x . n 
A 1 498 ALA 498 498 ?   ?   ?   x . n 
A 1 499 VAL 499 499 ?   ?   ?   x . n 
A 1 500 LEU 500 500 ?   ?   ?   x . n 
A 1 501 LEU 501 501 ?   ?   ?   x . n 
A 1 502 GLN 502 502 ?   ?   ?   x . n 
A 1 503 ALA 503 503 ?   ?   ?   x . n 
A 1 504 GLU 504 504 ?   ?   ?   x . n 
A 1 505 VAL 505 505 ?   ?   ?   x . n 
A 1 506 LEU 506 506 ?   ?   ?   x . n 
A 1 507 GLU 507 507 ?   ?   ?   x . n 
A 1 508 LEU 508 508 ?   ?   ?   x . n 
A 1 509 LYS 509 509 ?   ?   ?   x . n 
A 1 510 ALA 510 510 ?   ?   ?   x . n 
A 1 511 THR 511 511 ?   ?   ?   x . n 
A 1 512 PRO 512 512 ?   ?   ?   x . n 
A 1 513 SER 513 513 ?   ?   ?   x . n 
A 1 514 ALA 514 514 ?   ?   ?   x . n 
A 1 515 PRO 515 515 ?   ?   ?   x . n 
A 1 516 GLY 516 516 ?   ?   ?   x . n 
A 1 517 ARG 517 517 ?   ?   ?   x . n 
A 1 518 GLY 518 518 ?   ?   ?   x . n 
A 1 519 VAL 519 519 ?   ?   ?   x . n 
A 1 520 VAL 520 520 ?   ?   ?   x . n 
A 1 521 VAL 521 521 ?   ?   ?   x . n 
A 1 522 GLU 522 522 ?   ?   ?   x . n 
A 1 523 SER 523 523 ?   ?   ?   x . n 
A 1 524 ARG 524 524 ?   ?   ?   x . n 
A 1 525 LEU 525 525 ?   ?   ?   x . n 
A 1 526 ASP 526 526 ?   ?   ?   x . n 
A 1 527 LYS 527 527 ?   ?   ?   x . n 
A 1 528 GLY 528 528 ?   ?   ?   x . n 
A 1 529 ARG 529 529 ?   ?   ?   x . n 
A 1 530 GLY 530 530 ?   ?   ?   x . n 
A 1 531 PRO 531 531 ?   ?   ?   x . n 
A 1 532 VAL 532 532 ?   ?   ?   x . n 
A 1 533 ALA 533 533 ?   ?   ?   x . n 
A 1 534 THR 534 534 ?   ?   ?   x . n 
A 1 535 VAL 535 535 ?   ?   ?   x . n 
A 1 536 LEU 536 536 ?   ?   ?   x . n 
A 1 537 VAL 537 537 ?   ?   ?   x . n 
A 1 538 GLN 538 538 ?   ?   ?   x . n 
A 1 539 ASP 539 539 ?   ?   ?   x . n 
A 1 540 GLY 540 540 ?   ?   ?   x . n 
A 1 541 THR 541 541 ?   ?   ?   x . n 
A 1 542 LEU 542 542 ?   ?   ?   x . n 
A 1 543 ARG 543 543 ?   ?   ?   x . n 
A 1 544 GLN 544 544 ?   ?   ?   x . n 
A 1 545 GLY 545 545 ?   ?   ?   x . n 
A 1 546 ASP 546 546 ?   ?   ?   x . n 
A 1 547 MET 547 547 ?   ?   ?   x . n 
A 1 548 VAL 548 548 ?   ?   ?   x . n 
A 1 549 LEU 549 549 ?   ?   ?   x . n 
A 1 550 VAL 550 550 ?   ?   ?   x . n 
A 1 551 GLY 551 551 ?   ?   ?   x . n 
A 1 552 ILE 552 552 ?   ?   ?   x . n 
A 1 553 ASN 553 553 ?   ?   ?   x . n 
A 1 554 TYR 554 554 ?   ?   ?   x . n 
A 1 555 GLY 555 555 ?   ?   ?   x . n 
A 1 556 ARG 556 556 ?   ?   ?   x . n 
A 1 557 VAL 557 557 ?   ?   ?   x . n 
A 1 558 ARG 558 558 ?   ?   ?   x . n 
A 1 559 ALA 559 559 ?   ?   ?   x . n 
A 1 560 MET 560 560 ?   ?   ?   x . n 
A 1 561 LEU 561 561 ?   ?   ?   x . n 
A 1 562 ASP 562 562 ?   ?   ?   x . n 
A 1 563 GLU 563 563 ?   ?   ?   x . n 
A 1 564 ASN 564 564 ?   ?   ?   x . n 
A 1 565 GLY 565 565 ?   ?   ?   x . n 
A 1 566 LYS 566 566 ?   ?   ?   x . n 
A 1 567 PRO 567 567 ?   ?   ?   x . n 
A 1 568 ILE 568 568 ?   ?   ?   x . n 
A 1 569 LYS 569 569 ?   ?   ?   x . n 
A 1 570 GLU 570 570 ?   ?   ?   x . n 
A 1 571 ALA 571 571 ?   ?   ?   x . n 
A 1 572 GLY 572 572 ?   ?   ?   x . n 
A 1 573 PRO 573 573 ?   ?   ?   x . n 
A 1 574 SER 574 574 ?   ?   ?   x . n 
A 1 575 ILE 575 575 ?   ?   ?   x . n 
A 1 576 PRO 576 576 ?   ?   ?   x . n 
A 1 577 VAL 577 577 ?   ?   ?   x . n 
A 1 578 GLU 578 578 ?   ?   ?   x . n 
A 1 579 ILE 579 579 ?   ?   ?   x . n 
A 1 580 LEU 580 580 ?   ?   ?   x . n 
A 1 581 GLY 581 581 ?   ?   ?   x . n 
A 1 582 LEU 582 582 ?   ?   ?   x . n 
A 1 583 ASP 583 583 ?   ?   ?   x . n 
A 1 584 GLY 584 584 ?   ?   ?   x . n 
A 1 585 THR 585 585 ?   ?   ?   x . n 
A 1 586 PRO 586 586 ?   ?   ?   x . n 
A 1 587 ASP 587 587 ?   ?   ?   x . n 
A 1 588 ALA 588 588 ?   ?   ?   x . n 
A 1 589 GLY 589 589 ?   ?   ?   x . n 
A 1 590 ASP 590 590 ?   ?   ?   x . n 
A 1 591 GLU 591 591 ?   ?   ?   x . n 
A 1 592 MET 592 592 ?   ?   ?   x . n 
A 1 593 THR 593 593 ?   ?   ?   x . n 
A 1 594 VAL 594 594 ?   ?   ?   x . n 
A 1 595 VAL 595 595 ?   ?   ?   x . n 
A 1 596 ALA 596 596 ?   ?   ?   x . n 
A 1 597 ASP 597 597 ?   ?   ?   x . n 
A 1 598 GLU 598 598 ?   ?   ?   x . n 
A 1 599 LYS 599 599 ?   ?   ?   x . n 
A 1 600 LYS 600 600 ?   ?   ?   x . n 
A 1 601 ALA 601 601 ?   ?   ?   x . n 
A 1 602 ARG 602 602 ?   ?   ?   x . n 
A 1 603 GLU 603 603 ?   ?   ?   x . n 
A 1 604 VAL 604 604 ?   ?   ?   x . n 
A 1 605 ALA 605 605 ?   ?   ?   x . n 
A 1 606 LEU 606 606 ?   ?   ?   x . n 
A 1 607 PHE 607 607 ?   ?   ?   x . n 
A 1 608 ARG 608 608 ?   ?   ?   x . n 
A 1 609 GLN 609 609 ?   ?   ?   x . n 
A 1 610 GLY 610 610 ?   ?   ?   x . n 
A 1 611 LYS 611 611 ?   ?   ?   x . n 
A 1 612 PHE 612 612 ?   ?   ?   x . n 
A 1 613 ARG 613 613 ?   ?   ?   x . n 
A 1 614 GLU 614 614 ?   ?   ?   x . n 
A 1 615 VAL 615 615 ?   ?   ?   x . n 
A 1 616 LYS 616 616 ?   ?   ?   x . n 
A 1 617 LEU 617 617 ?   ?   ?   x . n 
A 1 618 ALA 618 618 ?   ?   ?   x . n 
A 1 619 ARG 619 619 ?   ?   ?   x . n 
A 1 620 ALA 620 620 ?   ?   ?   x . n 
A 1 621 HIS 621 621 ?   ?   ?   x . n 
A 1 622 ALA 622 622 ?   ?   ?   x . n 
A 1 623 GLY 623 623 ?   ?   ?   x . n 
A 1 624 LYS 624 624 ?   ?   ?   x . n 
A 1 625 LEU 625 625 ?   ?   ?   x . n 
A 1 626 GLU 626 626 ?   ?   ?   x . n 
A 1 627 ASN 627 627 ?   ?   ?   x . n 
A 1 628 ILE 628 628 ?   ?   ?   x . n 
A 1 629 PHE 629 629 ?   ?   ?   x . n 
A 1 630 GLU 630 630 ?   ?   ?   x . n 
A 1 631 ASN 631 631 ?   ?   ?   x . n 
A 1 632 MET 632 632 ?   ?   ?   x . n 
A 1 633 GLY 633 633 ?   ?   ?   x . n 
A 1 634 GLN 634 634 ?   ?   ?   x . n 
A 1 635 GLU 635 635 ?   ?   ?   x . n 
A 1 636 GLU 636 636 ?   ?   ?   x . n 
A 1 637 LYS 637 637 ?   ?   ?   x . n 
A 1 638 LYS 638 638 ?   ?   ?   x . n 
A 1 639 THR 639 639 ?   ?   ?   x . n 
A 1 640 LEU 640 640 ?   ?   ?   x . n 
A 1 641 ASN 641 641 ?   ?   ?   x . n 
A 1 642 ILE 642 642 ?   ?   ?   x . n 
A 1 643 VAL 643 643 ?   ?   ?   x . n 
A 1 644 LEU 644 644 ?   ?   ?   x . n 
A 1 645 LYS 645 645 ?   ?   ?   x . n 
A 1 646 ALA 646 646 ?   ?   ?   x . n 
A 1 647 ASP 647 647 ?   ?   ?   x . n 
A 1 648 VAL 648 648 ?   ?   ?   x . n 
A 1 649 ARG 649 649 ?   ?   ?   x . n 
A 1 650 GLY 650 650 ?   ?   ?   x . n 
A 1 651 SER 651 651 ?   ?   ?   x . n 
A 1 652 LEU 652 652 ?   ?   ?   x . n 
A 1 653 GLU 653 653 ?   ?   ?   x . n 
A 1 654 ALA 654 654 ?   ?   ?   x . n 
A 1 655 LEU 655 655 ?   ?   ?   x . n 
A 1 656 GLN 656 656 ?   ?   ?   x . n 
A 1 657 GLY 657 657 ?   ?   ?   x . n 
A 1 658 SER 658 658 ?   ?   ?   x . n 
A 1 659 LEU 659 659 ?   ?   ?   x . n 
A 1 660 SER 660 660 ?   ?   ?   x . n 
A 1 661 GLY 661 661 ?   ?   ?   x . n 
A 1 662 LEU 662 662 ?   ?   ?   x . n 
A 1 663 GLY 663 663 ?   ?   ?   x . n 
A 1 664 ASN 664 664 ?   ?   ?   x . n 
A 1 665 ASP 665 665 ?   ?   ?   x . n 
A 1 666 GLU 666 666 ?   ?   ?   x . n 
A 1 667 VAL 667 667 ?   ?   ?   x . n 
A 1 668 GLN 668 668 ?   ?   ?   x . n 
A 1 669 VAL 669 669 ?   ?   ?   x . n 
A 1 670 ARG 670 670 ?   ?   ?   x . n 
A 1 671 VAL 671 671 ?   ?   ?   x . n 
A 1 672 VAL 672 672 ?   ?   ?   x . n 
A 1 673 GLY 673 673 ?   ?   ?   x . n 
A 1 674 GLY 674 674 ?   ?   ?   x . n 
A 1 675 GLY 675 675 ?   ?   ?   x . n 
A 1 676 VAL 676 676 ?   ?   ?   x . n 
A 1 677 GLY 677 677 ?   ?   ?   x . n 
A 1 678 GLY 678 678 ?   ?   ?   x . n 
A 1 679 ILE 679 679 ?   ?   ?   x . n 
A 1 680 THR 680 680 ?   ?   ?   x . n 
A 1 681 GLU 681 681 ?   ?   ?   x . n 
A 1 682 SER 682 682 ?   ?   ?   x . n 
A 1 683 ASP 683 683 ?   ?   ?   x . n 
A 1 684 ALA 684 684 ?   ?   ?   x . n 
A 1 685 ASN 685 685 ?   ?   ?   x . n 
A 1 686 LEU 686 686 ?   ?   ?   x . n 
A 1 687 ALA 687 687 ?   ?   ?   x . n 
A 1 688 LEU 688 688 ?   ?   ?   x . n 
A 1 689 ALA 689 689 ?   ?   ?   x . n 
A 1 690 SER 690 690 ?   ?   ?   x . n 
A 1 691 ASN 691 691 ?   ?   ?   x . n 
A 1 692 ALA 692 692 ?   ?   ?   x . n 
A 1 693 VAL 693 693 ?   ?   ?   x . n 
A 1 694 LEU 694 694 ?   ?   ?   x . n 
A 1 695 PHE 695 695 ?   ?   ?   x . n 
A 1 696 GLY 696 696 ?   ?   ?   x . n 
A 1 697 PHE 697 697 ?   ?   ?   x . n 
A 1 698 ASN 698 698 ?   ?   ?   x . n 
A 1 699 VAL 699 699 ?   ?   ?   x . n 
A 1 700 ARG 700 700 ?   ?   ?   x . n 
A 1 701 ALA 701 701 ?   ?   ?   x . n 
A 1 702 ASP 702 702 ?   ?   ?   x . n 
A 1 703 ALA 703 703 ?   ?   ?   x . n 
A 1 704 GLY 704 704 ?   ?   ?   x . n 
A 1 705 ALA 705 705 ?   ?   ?   x . n 
A 1 706 ARG 706 706 ?   ?   ?   x . n 
A 1 707 LYS 707 707 ?   ?   ?   x . n 
A 1 708 ILE 708 708 ?   ?   ?   x . n 
A 1 709 VAL 709 709 ?   ?   ?   x . n 
A 1 710 GLU 710 710 ?   ?   ?   x . n 
A 1 711 ALA 711 711 ?   ?   ?   x . n 
A 1 712 GLU 712 712 ?   ?   ?   x . n 
A 1 713 GLY 713 713 ?   ?   ?   x . n 
A 1 714 LEU 714 714 ?   ?   ?   x . n 
A 1 715 ASP 715 715 ?   ?   ?   x . n 
A 1 716 MET 716 716 ?   ?   ?   x . n 
A 1 717 ARG 717 717 ?   ?   ?   x . n 
A 1 718 TYR 718 718 ?   ?   ?   x . n 
A 1 719 TYR 719 719 ?   ?   ?   x . n 
A 1 720 ASN 720 720 ?   ?   ?   x . n 
A 1 721 VAL 721 721 ?   ?   ?   x . n 
A 1 722 ILE 722 722 ?   ?   ?   x . n 
A 1 723 TYR 723 723 ?   ?   ?   x . n 
A 1 724 ASP 724 724 ?   ?   ?   x . n 
A 1 725 ILE 725 725 ?   ?   ?   x . n 
A 1 726 ILE 726 726 ?   ?   ?   x . n 
A 1 727 GLU 727 727 ?   ?   ?   x . n 
A 1 728 ASP 728 728 ?   ?   ?   x . n 
A 1 729 VAL 729 729 ?   ?   ?   x . n 
A 1 730 LYS 730 730 ?   ?   ?   x . n 
A 1 731 LYS 731 731 ?   ?   ?   x . n 
A 1 732 ALA 732 732 ?   ?   ?   x . n 
A 1 733 LEU 733 733 ?   ?   ?   x . n 
A 1 734 THR 734 734 ?   ?   ?   x . n 
A 1 735 GLY 735 735 ?   ?   ?   x . n 
A 1 736 MET 736 736 ?   ?   ?   x . n 
A 1 737 LEU 737 737 ?   ?   ?   x . n 
A 1 738 GLY 738 738 ?   ?   ?   x . n 
A 1 739 SER 739 739 ?   ?   ?   x . n 
A 1 740 ASP 740 740 ?   ?   ?   x . n 
A 1 741 LEU 741 741 ?   ?   ?   x . n 
A 1 742 ARG 742 742 ?   ?   ?   x . n 
A 1 743 GLU 743 743 ?   ?   ?   x . n 
A 1 744 ASN 744 744 ?   ?   ?   x . n 
A 1 745 ILE 745 745 ?   ?   ?   x . n 
A 1 746 LEU 746 746 ?   ?   ?   x . n 
A 1 747 GLY 747 747 ?   ?   ?   x . n 
A 1 748 ILE 748 748 ?   ?   ?   x . n 
A 1 749 ALA 749 749 ?   ?   ?   x . n 
A 1 750 GLU 750 750 ?   ?   ?   x . n 
A 1 751 VAL 751 751 ?   ?   ?   x . n 
A 1 752 ARG 752 752 ?   ?   ?   x . n 
A 1 753 ASP 753 753 ?   ?   ?   x . n 
A 1 754 VAL 754 754 ?   ?   ?   x . n 
A 1 755 PHE 755 755 ?   ?   ?   x . n 
A 1 756 ARG 756 756 ?   ?   ?   x . n 
A 1 757 SER 757 757 ?   ?   ?   x . n 
A 1 758 PRO 758 758 ?   ?   ?   x . n 
A 1 759 LYS 759 759 ?   ?   ?   x . n 
A 1 760 PHE 760 760 ?   ?   ?   x . n 
A 1 761 GLY 761 761 ?   ?   ?   x . n 
A 1 762 ALA 762 762 ?   ?   ?   x . n 
A 1 763 ILE 763 763 ?   ?   ?   x . n 
A 1 764 ALA 764 764 ?   ?   ?   x . n 
A 1 765 GLY 765 765 ?   ?   ?   x . n 
A 1 766 CYS 766 766 ?   ?   ?   x . n 
A 1 767 MET 767 767 ?   ?   ?   x . n 
A 1 768 VAL 768 768 ?   ?   ?   x . n 
A 1 769 THR 769 769 ?   ?   ?   x . n 
A 1 770 GLU 770 770 ?   ?   ?   x . n 
A 1 771 GLY 771 771 ?   ?   ?   x . n 
A 1 772 MET 772 772 ?   ?   ?   x . n 
A 1 773 VAL 773 773 ?   ?   ?   x . n 
A 1 774 HIS 774 774 ?   ?   ?   x . n 
A 1 775 ARG 775 775 ?   ?   ?   x . n 
A 1 776 ASN 776 776 ?   ?   ?   x . n 
A 1 777 ARG 777 777 ?   ?   ?   x . n 
A 1 778 PRO 778 778 ?   ?   ?   x . n 
A 1 779 ILE 779 779 ?   ?   ?   x . n 
A 1 780 ARG 780 780 ?   ?   ?   x . n 
A 1 781 VAL 781 781 ?   ?   ?   x . n 
A 1 782 LEU 782 782 ?   ?   ?   x . n 
A 1 783 ARG 783 783 ?   ?   ?   x . n 
A 1 784 ASP 784 784 ?   ?   ?   x . n 
A 1 785 ASP 785 785 ?   ?   ?   x . n 
A 1 786 VAL 786 786 ?   ?   ?   x . n 
A 1 787 VAL 787 787 ?   ?   ?   x . n 
A 1 788 ILE 788 788 ?   ?   ?   x . n 
A 1 789 PHE 789 789 ?   ?   ?   x . n 
A 1 790 GLU 790 790 ?   ?   ?   x . n 
A 1 791 GLY 791 791 ?   ?   ?   x . n 
A 1 792 GLU 792 792 ?   ?   ?   x . n 
A 1 793 LEU 793 793 ?   ?   ?   x . n 
A 1 794 GLU 794 794 ?   ?   ?   x . n 
A 1 795 SER 795 795 ?   ?   ?   x . n 
A 1 796 LEU 796 796 ?   ?   ?   x . n 
A 1 797 ARG 797 797 ?   ?   ?   x . n 
A 1 798 ARG 798 798 ?   ?   ?   x . n 
A 1 799 PHE 799 799 ?   ?   ?   x . n 
A 1 800 LYS 800 800 ?   ?   ?   x . n 
A 1 801 ASP 801 801 ?   ?   ?   x . n 
A 1 802 ASP 802 802 ?   ?   ?   x . n 
A 1 803 VAL 803 803 ?   ?   ?   x . n 
A 1 804 ALA 804 804 ?   ?   ?   x . n 
A 1 805 GLU 805 805 ?   ?   ?   x . n 
A 1 806 VAL 806 806 ?   ?   ?   x . n 
A 1 807 ARG 807 807 ?   ?   ?   x . n 
A 1 808 ALA 808 808 ?   ?   ?   x . n 
A 1 809 GLY 809 809 ?   ?   ?   x . n 
A 1 810 MET 810 810 ?   ?   ?   x . n 
A 1 811 GLU 811 811 ?   ?   ?   x . n 
A 1 812 CYS 812 812 ?   ?   ?   x . n 
A 1 813 GLY 813 813 ?   ?   ?   x . n 
A 1 814 ILE 814 814 ?   ?   ?   x . n 
A 1 815 GLY 815 815 ?   ?   ?   x . n 
A 1 816 VAL 816 816 ?   ?   ?   x . n 
A 1 817 LYS 817 817 ?   ?   ?   x . n 
A 1 818 SER 818 818 ?   ?   ?   x . n 
A 1 819 TYR 819 819 ?   ?   ?   x . n 
A 1 820 ASN 820 820 ?   ?   ?   x . n 
A 1 821 ASP 821 821 ?   ?   ?   x . n 
A 1 822 VAL 822 822 ?   ?   ?   x . n 
A 1 823 LYS 823 823 ?   ?   ?   x . n 
A 1 824 VAL 824 824 ?   ?   ?   x . n 
A 1 825 GLY 825 825 ?   ?   ?   x . n 
A 1 826 ASP 826 826 ?   ?   ?   x . n 
A 1 827 LYS 827 827 ?   ?   ?   x . n 
A 1 828 ILE 828 828 ?   ?   ?   x . n 
A 1 829 GLU 829 829 ?   ?   ?   x . n 
A 1 830 VAL 830 830 ?   ?   ?   x . n 
A 1 831 PHE 831 831 ?   ?   ?   x . n 
A 1 832 GLU 832 832 ?   ?   ?   x . n 
A 1 833 LYS 833 833 ?   ?   ?   x . n 
A 1 834 VAL 834 834 ?   ?   ?   x . n 
A 1 835 GLU 835 835 ?   ?   ?   x . n 
A 1 836 VAL 836 836 ?   ?   ?   x . n 
A 1 837 ALA 837 837 ?   ?   ?   x . n 
A 1 838 ARG 838 838 ?   ?   ?   x . n 
A 1 839 SER 839 839 ?   ?   ?   x . n 
A 1 840 LEU 840 840 ?   ?   ?   x . n 
# 
loop_
_pdbx_unobs_or_zero_occ_atoms.id 
_pdbx_unobs_or_zero_occ_atoms.PDB_model_num 
_pdbx_unobs_or_zero_occ_atoms.polymer_flag 
_pdbx_unobs_or_zero_occ_atoms.occupancy_flag 
_pdbx_unobs_or_zero_occ_atoms.auth_asym_id 
_pdbx_unobs_or_zero_occ_atoms.auth_comp_id 
_pdbx_unobs_or_zero_occ_atoms.auth_seq_id 
_pdbx_unobs_or_zero_occ_atoms.PDB_ins_code 
_pdbx_unobs_or_zero_occ_atoms.auth_atom_id 
_pdbx_unobs_or_zero_occ_atoms.label_alt_id 
_pdbx_unobs_or_zero_occ_atoms.label_asym_id 
_pdbx_unobs_or_zero_occ_atoms.label_comp_id 
_pdbx_unobs_or_zero_occ_atoms.label_seq_id 
_pdbx_unobs_or_zero_occ_atoms.label_atom_id 
1  1 Y 1 x GLU 260 ? CG  ? A GLU 260 CG  
2  1 Y 1 x GLU 260 ? CD  ? A GLU 260 CD  
3  1 Y 1 x GLU 260 ? OE1 ? A GLU 260 OE1 
4  1 Y 1 x GLU 260 ? OE2 ? A GLU 260 OE2 
5  1 Y 1 x GLU 265 ? CG  ? A GLU 265 CG  
6  1 Y 1 x GLU 265 ? CD  ? A GLU 265 CD  
7  1 Y 1 x GLU 265 ? OE1 ? A GLU 265 OE1 
8  1 Y 1 x GLU 265 ? OE2 ? A GLU 265 OE2 
9  1 Y 1 x THR 266 ? OG1 ? A THR 266 OG1 
10 1 Y 1 x THR 266 ? CG2 ? A THR 266 CG2 
11 1 Y 1 x LYS 289 ? CG  ? A LYS 289 CG  
12 1 Y 1 x LYS 289 ? CD  ? A LYS 289 CD  
13 1 Y 1 x LYS 289 ? CE  ? A LYS 289 CE  
14 1 Y 1 x LYS 289 ? NZ  ? A LYS 289 NZ  
15 1 Y 1 x GLU 303 ? CG  ? A GLU 303 CG  
16 1 Y 1 x GLU 303 ? CD  ? A GLU 303 CD  
17 1 Y 1 x GLU 303 ? OE1 ? A GLU 303 OE1 
18 1 Y 1 x GLU 303 ? OE2 ? A GLU 303 OE2 
19 1 Y 1 x LEU 307 ? CG  ? A LEU 307 CG  
20 1 Y 1 x LEU 307 ? CD1 ? A LEU 307 CD1 
21 1 Y 1 x LEU 307 ? CD2 ? A LEU 307 CD2 
22 1 Y 1 x GLU 310 ? CG  ? A GLU 310 CG  
23 1 Y 1 x GLU 310 ? CD  ? A GLU 310 CD  
24 1 Y 1 x GLU 310 ? OE1 ? A GLU 310 OE1 
25 1 Y 1 x GLU 310 ? OE2 ? A GLU 310 OE2 
26 1 Y 1 x SER 320 ? OG  ? A SER 320 OG  
27 1 Y 1 x LEU 328 ? CG  ? A LEU 328 CG  
28 1 Y 1 x LEU 328 ? CD1 ? A LEU 328 CD1 
29 1 Y 1 x LEU 328 ? CD2 ? A LEU 328 CD2 
30 1 Y 1 x GLU 330 ? CG  ? A GLU 330 CG  
31 1 Y 1 x GLU 330 ? CD  ? A GLU 330 CD  
32 1 Y 1 x GLU 330 ? OE1 ? A GLU 330 OE1 
33 1 Y 1 x GLU 330 ? OE2 ? A GLU 330 OE2 
34 1 Y 1 x LEU 332 ? CG  ? A LEU 332 CG  
35 1 Y 1 x LEU 332 ? CD1 ? A LEU 332 CD1 
36 1 Y 1 x LEU 332 ? CD2 ? A LEU 332 CD2 
# 
_cell.angle_alpha                  90.00 
_cell.angle_alpha_esd              ? 
_cell.angle_beta                   90.00 
_cell.angle_beta_esd               ? 
_cell.angle_gamma                  90.00 
_cell.angle_gamma_esd              ? 
_cell.entry_id                     7UIU 
_cell.details                      ? 
_cell.formula_units_Z              ? 
_cell.length_a                     1.00 
_cell.length_a_esd                 ? 
_cell.length_b                     1.00 
_cell.length_b_esd                 ? 
_cell.length_c                     1.00 
_cell.length_c_esd                 ? 
_cell.volume                       ? 
_cell.volume_esd                   ? 
_cell.Z_PDB                        ? 
_cell.reciprocal_angle_alpha       ? 
_cell.reciprocal_angle_beta        ? 
_cell.reciprocal_angle_gamma       ? 
_cell.reciprocal_angle_alpha_esd   ? 
_cell.reciprocal_angle_beta_esd    ? 
_cell.reciprocal_angle_gamma_esd   ? 
_cell.reciprocal_length_a          ? 
_cell.reciprocal_length_b          ? 
_cell.reciprocal_length_c          ? 
_cell.reciprocal_length_a_esd      ? 
_cell.reciprocal_length_b_esd      ? 
_cell.reciprocal_length_c_esd      ? 
_cell.pdbx_unique_axis             ? 
# 
_symmetry.entry_id                         7UIU 
_symmetry.cell_setting                     ? 
_symmetry.Int_Tables_number                1 
_symmetry.space_group_name_Hall            ? 
_symmetry.space_group_name_H-M             'P 1' 
_symmetry.pdbx_full_space_group_name_H-M   ? 
# 
_exptl.absorpt_coefficient_mu     ? 
_exptl.absorpt_correction_T_max   ? 
_exptl.absorpt_correction_T_min   ? 
_exptl.absorpt_correction_type    ? 
_exptl.absorpt_process_details    ? 
_exptl.entry_id                   7UIU 
_exptl.crystals_number            ? 
_exptl.details                    ? 
_exptl.method                     'ELECTRON MICROSCOPY' 
_exptl.method_details             ? 
# 
_struct.entry_id                     7UIU 
_struct.title                        
;N2 sub-domain of IF2 bound to the 30S subunit in the Pseudomonas aeruginosa 70S ribosome initiation complex (focused classification and refinement)
;
_struct.pdbx_model_details           ? 
_struct.pdbx_formula_weight          ? 
_struct.pdbx_formula_weight_method   ? 
_struct.pdbx_model_type_details      ? 
_struct.pdbx_CASP_flag               N 
# 
_struct_keywords.entry_id        7UIU 
_struct_keywords.text            
'Initiation Factor 2, 70S ribosome, cryo-EM, translation initiation, initiator tRNA, conformational changes, RIBOSOME' 
_struct_keywords.pdbx_keywords   RIBOSOME 
# 
_struct_asym.id                            A 
_struct_asym.pdbx_blank_PDB_chainid_flag   N 
_struct_asym.pdbx_modified                 N 
_struct_asym.entity_id                     1 
_struct_asym.details                       ? 
# 
_struct_ref.id                         1 
_struct_ref.db_name                    UNP 
_struct_ref.db_code                    IF2_PSEAE 
_struct_ref.pdbx_db_accession          Q9HV55 
_struct_ref.pdbx_db_isoform            ? 
_struct_ref.entity_id                  1 
_struct_ref.pdbx_seq_one_letter_code   
;MTQVTVKELAQVVDTPVERLLLQMRDAGLPHTSAEQVVTDSEKQALLTHLKGSHGDRASEPRKITLQRKTTTTLKVGGSK
TVSVEVRKKKTYVKRSPDEIEAERQRELEEQRAAEEAERLKAEEAAARQRAEEEARKAEEAARAKAAQEAAATAGAEPAV
VADVAVAEPVAKPAAVEERKKEEPRRVPKRDEDDDRRDRKHTQHRPSVKEKEKVPAPRVAPRSTDEESDGYRRGGRGGKS
KLKKRNQHGFQNPTGPIVREVNIGETITVAELAAQMSVKGAEVVKFMFKMGSPVTINQVLDQETAQLVAEELGHKVKLVS
ENALEEQLAESLKFEGEAVTRAPVVTVMGHVDHGKTSLLDYIRRAKVAAGEAGGITQHIGAYHVETERGMVTFLDTPGHA
AFTAMRARGAQATDIVILVVAADDGVMPQTQEAVQHAKAAGVPIVVAVNKIDKPEANPDNIKNGLAALDVIPEEWGGDAP
FVPVSAKLGTGVDELLEAVLLQAEVLELKATPSAPGRGVVVESRLDKGRGPVATVLVQDGTLRQGDMVLVGINYGRVRAM
LDENGKPIKEAGPSIPVEILGLDGTPDAGDEMTVVADEKKAREVALFRQGKFREVKLARAHAGKLENIFENMGQEEKKTL
NIVLKADVRGSLEALQGSLSGLGNDEVQVRVVGGGVGGITESDANLALASNAVLFGFNVRADAGARKIVEAEGLDMRYYN
VIYDIIEDVKKALTGMLGSDLRENILGIAEVRDVFRSPKFGAIAGCMVTEGMVHRNRPIRVLRDDVVIFEGELESLRRFK
DDVAEVRAGMECGIGVKSYNDVKVGDKIEVFEKVEVARSL
;
_struct_ref.pdbx_align_begin           1 
# 
_struct_ref_seq.align_id                      1 
_struct_ref_seq.ref_id                        1 
_struct_ref_seq.pdbx_PDB_id_code              7UIU 
_struct_ref_seq.pdbx_strand_id                x 
_struct_ref_seq.seq_align_beg                 1 
_struct_ref_seq.pdbx_seq_align_beg_ins_code   ? 
_struct_ref_seq.seq_align_end                 840 
_struct_ref_seq.pdbx_seq_align_end_ins_code   ? 
_struct_ref_seq.pdbx_db_accession             Q9HV55 
_struct_ref_seq.db_align_beg                  1 
_struct_ref_seq.pdbx_db_align_beg_ins_code    ? 
_struct_ref_seq.db_align_end                  840 
_struct_ref_seq.pdbx_db_align_end_ins_code    ? 
_struct_ref_seq.pdbx_auth_seq_align_beg       1 
_struct_ref_seq.pdbx_auth_seq_align_end       840 
# 
_pdbx_struct_assembly.id                   1 
_pdbx_struct_assembly.details              author_defined_assembly 
_pdbx_struct_assembly.method_details       ? 
_pdbx_struct_assembly.oligomeric_details   monomeric 
_pdbx_struct_assembly.oligomeric_count     1 
# 
_pdbx_struct_assembly_gen.assembly_id       1 
_pdbx_struct_assembly_gen.oper_expression   1 
_pdbx_struct_assembly_gen.asym_id_list      A 
# 
_pdbx_struct_assembly_auth_evidence.id                     1 
_pdbx_struct_assembly_auth_evidence.assembly_id            1 
_pdbx_struct_assembly_auth_evidence.experimental_support   'electron microscopy' 
_pdbx_struct_assembly_auth_evidence.details                ? 
# 
_pdbx_struct_oper_list.id                   1 
_pdbx_struct_oper_list.type                 'identity operation' 
_pdbx_struct_oper_list.name                 1_555 
_pdbx_struct_oper_list.symmetry_operation   ? 
_pdbx_struct_oper_list.matrix[1][1]         1.0000000000 
_pdbx_struct_oper_list.matrix[1][2]         0.0000000000 
_pdbx_struct_oper_list.matrix[1][3]         0.0000000000 
_pdbx_struct_oper_list.vector[1]            0.0000000000 
_pdbx_struct_oper_list.matrix[2][1]         0.0000000000 
_pdbx_struct_oper_list.matrix[2][2]         1.0000000000 
_pdbx_struct_oper_list.matrix[2][3]         0.0000000000 
_pdbx_struct_oper_list.vector[2]            0.0000000000 
_pdbx_struct_oper_list.matrix[3][1]         0.0000000000 
_pdbx_struct_oper_list.matrix[3][2]         0.0000000000 
_pdbx_struct_oper_list.matrix[3][3]         1.0000000000 
_pdbx_struct_oper_list.vector[3]            0.0000000000 
# 
loop_
_struct_conf.conf_type_id 
_struct_conf.id 
_struct_conf.pdbx_PDB_helix_id 
_struct_conf.beg_label_comp_id 
_struct_conf.beg_label_asym_id 
_struct_conf.beg_label_seq_id 
_struct_conf.pdbx_beg_PDB_ins_code 
_struct_conf.end_label_comp_id 
_struct_conf.end_label_asym_id 
_struct_conf.end_label_seq_id 
_struct_conf.pdbx_end_PDB_ins_code 
_struct_conf.beg_auth_comp_id 
_struct_conf.beg_auth_asym_id 
_struct_conf.beg_auth_seq_id 
_struct_conf.end_auth_comp_id 
_struct_conf.end_auth_asym_id 
_struct_conf.end_auth_seq_id 
_struct_conf.pdbx_PDB_helix_class 
_struct_conf.details 
_struct_conf.pdbx_PDB_helix_length 
HELX_P HELX_P1 AA1 VAL A 269 ? MET A 276 ? VAL x 269 MET x 276 1 ? 8  
HELX_P HELX_P2 AA2 LYS A 279 ? MET A 290 ? LYS x 279 MET x 290 1 ? 12 
HELX_P HELX_P3 AA3 GLN A 302 ? LEU A 312 ? GLN x 302 LEU x 312 1 ? 11 
HELX_P HELX_P4 AA4 ASN A 322 ? LEU A 328 ? ASN x 322 LEU x 328 1 ? 7  
# 
_struct_conf_type.id          HELX_P 
_struct_conf_type.criteria    ? 
_struct_conf_type.reference   ? 
# 
loop_
_struct_sheet.id 
_struct_sheet.type 
_struct_sheet.number_strands 
_struct_sheet.details 
AA1 ? 2 ? 
AA2 ? 2 ? 
# 
loop_
_struct_sheet_order.sheet_id 
_struct_sheet_order.range_id_1 
_struct_sheet_order.range_id_2 
_struct_sheet_order.offset 
_struct_sheet_order.sense 
AA1 1 2 ? parallel      
AA2 1 2 ? anti-parallel 
# 
loop_
_struct_sheet_range.sheet_id 
_struct_sheet_range.id 
_struct_sheet_range.beg_label_comp_id 
_struct_sheet_range.beg_label_asym_id 
_struct_sheet_range.beg_label_seq_id 
_struct_sheet_range.pdbx_beg_PDB_ins_code 
_struct_sheet_range.end_label_comp_id 
_struct_sheet_range.end_label_asym_id 
_struct_sheet_range.end_label_seq_id 
_struct_sheet_range.pdbx_end_PDB_ins_code 
_struct_sheet_range.beg_auth_comp_id 
_struct_sheet_range.beg_auth_asym_id 
_struct_sheet_range.beg_auth_seq_id 
_struct_sheet_range.end_auth_comp_id 
_struct_sheet_range.end_auth_asym_id 
_struct_sheet_range.end_auth_seq_id 
AA1 1 GLU A 260 ? VAL A 261 ? GLU x 260 VAL x 261 
AA1 2 LYS A 315 ? VAL A 316 ? LYS x 315 VAL x 316 
AA2 1 THR A 266 ? THR A 268 ? THR x 266 THR x 268 
AA2 2 VAL A 299 ? ASP A 301 ? VAL x 299 ASP x 301 
# 
loop_
_pdbx_struct_sheet_hbond.sheet_id 
_pdbx_struct_sheet_hbond.range_id_1 
_pdbx_struct_sheet_hbond.range_id_2 
_pdbx_struct_sheet_hbond.range_1_label_atom_id 
_pdbx_struct_sheet_hbond.range_1_label_comp_id 
_pdbx_struct_sheet_hbond.range_1_label_asym_id 
_pdbx_struct_sheet_hbond.range_1_label_seq_id 
_pdbx_struct_sheet_hbond.range_1_PDB_ins_code 
_pdbx_struct_sheet_hbond.range_1_auth_atom_id 
_pdbx_struct_sheet_hbond.range_1_auth_comp_id 
_pdbx_struct_sheet_hbond.range_1_auth_asym_id 
_pdbx_struct_sheet_hbond.range_1_auth_seq_id 
_pdbx_struct_sheet_hbond.range_2_label_atom_id 
_pdbx_struct_sheet_hbond.range_2_label_comp_id 
_pdbx_struct_sheet_hbond.range_2_label_asym_id 
_pdbx_struct_sheet_hbond.range_2_label_seq_id 
_pdbx_struct_sheet_hbond.range_2_PDB_ins_code 
_pdbx_struct_sheet_hbond.range_2_auth_atom_id 
_pdbx_struct_sheet_hbond.range_2_auth_comp_id 
_pdbx_struct_sheet_hbond.range_2_auth_asym_id 
_pdbx_struct_sheet_hbond.range_2_auth_seq_id 
AA1 1 2 N VAL A 261 ? N VAL x 261 O LYS A 315 ? O LYS x 315 
AA2 1 2 N ILE A 267 ? N ILE x 267 O LEU A 300 ? O LEU x 300 
# 
_pdbx_validate_torsion.id              1 
_pdbx_validate_torsion.PDB_model_num   1 
_pdbx_validate_torsion.auth_comp_id    LEU 
_pdbx_validate_torsion.auth_asym_id    x 
_pdbx_validate_torsion.auth_seq_id     328 
_pdbx_validate_torsion.PDB_ins_code    ? 
_pdbx_validate_torsion.label_alt_id    ? 
_pdbx_validate_torsion.phi             -92.30 
_pdbx_validate_torsion.psi             47.68 
# 
_em_3d_fitting.entry_id          7UIU 
_em_3d_fitting.id                1 
_em_3d_fitting.details           ? 
_em_3d_fitting.overall_b_value   ? 
_em_3d_fitting.ref_protocol      'RIGID BODY FIT' 
_em_3d_fitting.ref_space         REAL 
_em_3d_fitting.target_criteria   ? 
_em_3d_fitting.method            ? 
# 
_em_3d_reconstruction.entry_id                    7UIU 
_em_3d_reconstruction.id                          1 
_em_3d_reconstruction.algorithm                   ? 
_em_3d_reconstruction.details                     ? 
_em_3d_reconstruction.refinement_type             ? 
_em_3d_reconstruction.image_processing_id         1 
_em_3d_reconstruction.num_class_averages          ? 
_em_3d_reconstruction.num_particles               123146 
_em_3d_reconstruction.resolution                  2.8 
_em_3d_reconstruction.resolution_method           'FSC 0.143 CUT-OFF' 
_em_3d_reconstruction.symmetry_type               POINT 
_em_3d_reconstruction.method                      ? 
_em_3d_reconstruction.nominal_pixel_size          ? 
_em_3d_reconstruction.actual_pixel_size           ? 
_em_3d_reconstruction.magnification_calibration   ? 
# 
_em_buffer.id            1 
_em_buffer.details       ? 
_em_buffer.pH            7.6 
_em_buffer.specimen_id   1 
_em_buffer.name          ? 
# 
_em_entity_assembly.id                   1 
_em_entity_assembly.parent_id            0 
_em_entity_assembly.details              ? 
_em_entity_assembly.name                 
'Focused map of the N2 sub-domain of IF2 bound to the 30S subunit in the 70S ribosome initiation complex' 
_em_entity_assembly.source               RECOMBINANT 
_em_entity_assembly.type                 RIBOSOME 
_em_entity_assembly.entity_id_list       1 
_em_entity_assembly.synonym              ? 
_em_entity_assembly.oligomeric_details   ? 
# 
_em_imaging.id                              1 
_em_imaging.entry_id                        7UIU 
_em_imaging.accelerating_voltage            300 
_em_imaging.alignment_procedure             ? 
_em_imaging.c2_aperture_diameter            ? 
_em_imaging.calibrated_defocus_max          ? 
_em_imaging.calibrated_defocus_min          ? 
_em_imaging.calibrated_magnification        ? 
_em_imaging.cryogen                         NITROGEN 
_em_imaging.details                         ? 
_em_imaging.electron_source                 'FIELD EMISSION GUN' 
_em_imaging.illumination_mode               'FLOOD BEAM' 
_em_imaging.microscope_model                'TFS KRIOS' 
_em_imaging.mode                            'BRIGHT FIELD' 
_em_imaging.nominal_cs                      2.7 
_em_imaging.nominal_defocus_max             2100 
_em_imaging.nominal_defocus_min             200 
_em_imaging.nominal_magnification           105000 
_em_imaging.recording_temperature_maximum   ? 
_em_imaging.recording_temperature_minimum   ? 
_em_imaging.residual_tilt                   ? 
_em_imaging.specimen_holder_model           ? 
_em_imaging.specimen_id                     1 
_em_imaging.citation_id                     ? 
_em_imaging.date                            ? 
_em_imaging.temperature                     ? 
_em_imaging.tilt_angle_min                  ? 
_em_imaging.tilt_angle_max                  ? 
_em_imaging.astigmatism                     ? 
_em_imaging.detector_distance               ? 
_em_imaging.electron_beam_tilt_params       ? 
_em_imaging.specimen_holder_type            ? 
# 
_em_sample_support.id               1 
_em_sample_support.specimen_id      1 
_em_sample_support.details          ? 
_em_sample_support.grid_material    GOLD 
_em_sample_support.grid_mesh_size   ? 
_em_sample_support.grid_type        'Quantifoil R2/1' 
_em_sample_support.method           ? 
_em_sample_support.film_material    ? 
# 
_em_vitrification.id                    1 
_em_vitrification.specimen_id           1 
_em_vitrification.chamber_temperature   295 
_em_vitrification.cryogen_name          ETHANE 
_em_vitrification.details               ? 
_em_vitrification.humidity              85 
_em_vitrification.instrument            'LEICA EM GP' 
_em_vitrification.entry_id              7UIU 
_em_vitrification.citation_id           ? 
_em_vitrification.method                ? 
_em_vitrification.temp                  ? 
_em_vitrification.time_resolved_state   ? 
# 
_em_experiment.entry_id                7UIU 
_em_experiment.id                      1 
_em_experiment.aggregation_state       PARTICLE 
_em_experiment.reconstruction_method   'SINGLE PARTICLE' 
_em_experiment.entity_assembly_id      1 
# 
_em_single_particle_entity.entry_id              7UIU 
_em_single_particle_entity.id                    1 
_em_single_particle_entity.image_processing_id   1 
_em_single_particle_entity.point_symmetry        C1 
# 
loop_
_pdbx_unobs_or_zero_occ_residues.id 
_pdbx_unobs_or_zero_occ_residues.PDB_model_num 
_pdbx_unobs_or_zero_occ_residues.polymer_flag 
_pdbx_unobs_or_zero_occ_residues.occupancy_flag 
_pdbx_unobs_or_zero_occ_residues.auth_asym_id 
_pdbx_unobs_or_zero_occ_residues.auth_comp_id 
_pdbx_unobs_or_zero_occ_residues.auth_seq_id 
_pdbx_unobs_or_zero_occ_residues.PDB_ins_code 
_pdbx_unobs_or_zero_occ_residues.label_asym_id 
_pdbx_unobs_or_zero_occ_residues.label_comp_id 
_pdbx_unobs_or_zero_occ_residues.label_seq_id 
1   1 Y 1 x MET 1   ? A MET 1   
2   1 Y 1 x THR 2   ? A THR 2   
3   1 Y 1 x GLN 3   ? A GLN 3   
4   1 Y 1 x VAL 4   ? A VAL 4   
5   1 Y 1 x THR 5   ? A THR 5   
6   1 Y 1 x VAL 6   ? A VAL 6   
7   1 Y 1 x LYS 7   ? A LYS 7   
8   1 Y 1 x GLU 8   ? A GLU 8   
9   1 Y 1 x LEU 9   ? A LEU 9   
10  1 Y 1 x ALA 10  ? A ALA 10  
11  1 Y 1 x GLN 11  ? A GLN 11  
12  1 Y 1 x VAL 12  ? A VAL 12  
13  1 Y 1 x VAL 13  ? A VAL 13  
14  1 Y 1 x ASP 14  ? A ASP 14  
15  1 Y 1 x THR 15  ? A THR 15  
16  1 Y 1 x PRO 16  ? A PRO 16  
17  1 Y 1 x VAL 17  ? A VAL 17  
18  1 Y 1 x GLU 18  ? A GLU 18  
19  1 Y 1 x ARG 19  ? A ARG 19  
20  1 Y 1 x LEU 20  ? A LEU 20  
21  1 Y 1 x LEU 21  ? A LEU 21  
22  1 Y 1 x LEU 22  ? A LEU 22  
23  1 Y 1 x GLN 23  ? A GLN 23  
24  1 Y 1 x MET 24  ? A MET 24  
25  1 Y 1 x ARG 25  ? A ARG 25  
26  1 Y 1 x ASP 26  ? A ASP 26  
27  1 Y 1 x ALA 27  ? A ALA 27  
28  1 Y 1 x GLY 28  ? A GLY 28  
29  1 Y 1 x LEU 29  ? A LEU 29  
30  1 Y 1 x PRO 30  ? A PRO 30  
31  1 Y 1 x HIS 31  ? A HIS 31  
32  1 Y 1 x THR 32  ? A THR 32  
33  1 Y 1 x SER 33  ? A SER 33  
34  1 Y 1 x ALA 34  ? A ALA 34  
35  1 Y 1 x GLU 35  ? A GLU 35  
36  1 Y 1 x GLN 36  ? A GLN 36  
37  1 Y 1 x VAL 37  ? A VAL 37  
38  1 Y 1 x VAL 38  ? A VAL 38  
39  1 Y 1 x THR 39  ? A THR 39  
40  1 Y 1 x ASP 40  ? A ASP 40  
41  1 Y 1 x SER 41  ? A SER 41  
42  1 Y 1 x GLU 42  ? A GLU 42  
43  1 Y 1 x LYS 43  ? A LYS 43  
44  1 Y 1 x GLN 44  ? A GLN 44  
45  1 Y 1 x ALA 45  ? A ALA 45  
46  1 Y 1 x LEU 46  ? A LEU 46  
47  1 Y 1 x LEU 47  ? A LEU 47  
48  1 Y 1 x THR 48  ? A THR 48  
49  1 Y 1 x HIS 49  ? A HIS 49  
50  1 Y 1 x LEU 50  ? A LEU 50  
51  1 Y 1 x LYS 51  ? A LYS 51  
52  1 Y 1 x GLY 52  ? A GLY 52  
53  1 Y 1 x SER 53  ? A SER 53  
54  1 Y 1 x HIS 54  ? A HIS 54  
55  1 Y 1 x GLY 55  ? A GLY 55  
56  1 Y 1 x ASP 56  ? A ASP 56  
57  1 Y 1 x ARG 57  ? A ARG 57  
58  1 Y 1 x ALA 58  ? A ALA 58  
59  1 Y 1 x SER 59  ? A SER 59  
60  1 Y 1 x GLU 60  ? A GLU 60  
61  1 Y 1 x PRO 61  ? A PRO 61  
62  1 Y 1 x ARG 62  ? A ARG 62  
63  1 Y 1 x LYS 63  ? A LYS 63  
64  1 Y 1 x ILE 64  ? A ILE 64  
65  1 Y 1 x THR 65  ? A THR 65  
66  1 Y 1 x LEU 66  ? A LEU 66  
67  1 Y 1 x GLN 67  ? A GLN 67  
68  1 Y 1 x ARG 68  ? A ARG 68  
69  1 Y 1 x LYS 69  ? A LYS 69  
70  1 Y 1 x THR 70  ? A THR 70  
71  1 Y 1 x THR 71  ? A THR 71  
72  1 Y 1 x THR 72  ? A THR 72  
73  1 Y 1 x THR 73  ? A THR 73  
74  1 Y 1 x LEU 74  ? A LEU 74  
75  1 Y 1 x LYS 75  ? A LYS 75  
76  1 Y 1 x VAL 76  ? A VAL 76  
77  1 Y 1 x GLY 77  ? A GLY 77  
78  1 Y 1 x GLY 78  ? A GLY 78  
79  1 Y 1 x SER 79  ? A SER 79  
80  1 Y 1 x LYS 80  ? A LYS 80  
81  1 Y 1 x THR 81  ? A THR 81  
82  1 Y 1 x VAL 82  ? A VAL 82  
83  1 Y 1 x SER 83  ? A SER 83  
84  1 Y 1 x VAL 84  ? A VAL 84  
85  1 Y 1 x GLU 85  ? A GLU 85  
86  1 Y 1 x VAL 86  ? A VAL 86  
87  1 Y 1 x ARG 87  ? A ARG 87  
88  1 Y 1 x LYS 88  ? A LYS 88  
89  1 Y 1 x LYS 89  ? A LYS 89  
90  1 Y 1 x LYS 90  ? A LYS 90  
91  1 Y 1 x THR 91  ? A THR 91  
92  1 Y 1 x TYR 92  ? A TYR 92  
93  1 Y 1 x VAL 93  ? A VAL 93  
94  1 Y 1 x LYS 94  ? A LYS 94  
95  1 Y 1 x ARG 95  ? A ARG 95  
96  1 Y 1 x SER 96  ? A SER 96  
97  1 Y 1 x PRO 97  ? A PRO 97  
98  1 Y 1 x ASP 98  ? A ASP 98  
99  1 Y 1 x GLU 99  ? A GLU 99  
100 1 Y 1 x ILE 100 ? A ILE 100 
101 1 Y 1 x GLU 101 ? A GLU 101 
102 1 Y 1 x ALA 102 ? A ALA 102 
103 1 Y 1 x GLU 103 ? A GLU 103 
104 1 Y 1 x ARG 104 ? A ARG 104 
105 1 Y 1 x GLN 105 ? A GLN 105 
106 1 Y 1 x ARG 106 ? A ARG 106 
107 1 Y 1 x GLU 107 ? A GLU 107 
108 1 Y 1 x LEU 108 ? A LEU 108 
109 1 Y 1 x GLU 109 ? A GLU 109 
110 1 Y 1 x GLU 110 ? A GLU 110 
111 1 Y 1 x GLN 111 ? A GLN 111 
112 1 Y 1 x ARG 112 ? A ARG 112 
113 1 Y 1 x ALA 113 ? A ALA 113 
114 1 Y 1 x ALA 114 ? A ALA 114 
115 1 Y 1 x GLU 115 ? A GLU 115 
116 1 Y 1 x GLU 116 ? A GLU 116 
117 1 Y 1 x ALA 117 ? A ALA 117 
118 1 Y 1 x GLU 118 ? A GLU 118 
119 1 Y 1 x ARG 119 ? A ARG 119 
120 1 Y 1 x LEU 120 ? A LEU 120 
121 1 Y 1 x LYS 121 ? A LYS 121 
122 1 Y 1 x ALA 122 ? A ALA 122 
123 1 Y 1 x GLU 123 ? A GLU 123 
124 1 Y 1 x GLU 124 ? A GLU 124 
125 1 Y 1 x ALA 125 ? A ALA 125 
126 1 Y 1 x ALA 126 ? A ALA 126 
127 1 Y 1 x ALA 127 ? A ALA 127 
128 1 Y 1 x ARG 128 ? A ARG 128 
129 1 Y 1 x GLN 129 ? A GLN 129 
130 1 Y 1 x ARG 130 ? A ARG 130 
131 1 Y 1 x ALA 131 ? A ALA 131 
132 1 Y 1 x GLU 132 ? A GLU 132 
133 1 Y 1 x GLU 133 ? A GLU 133 
134 1 Y 1 x GLU 134 ? A GLU 134 
135 1 Y 1 x ALA 135 ? A ALA 135 
136 1 Y 1 x ARG 136 ? A ARG 136 
137 1 Y 1 x LYS 137 ? A LYS 137 
138 1 Y 1 x ALA 138 ? A ALA 138 
139 1 Y 1 x GLU 139 ? A GLU 139 
140 1 Y 1 x GLU 140 ? A GLU 140 
141 1 Y 1 x ALA 141 ? A ALA 141 
142 1 Y 1 x ALA 142 ? A ALA 142 
143 1 Y 1 x ARG 143 ? A ARG 143 
144 1 Y 1 x ALA 144 ? A ALA 144 
145 1 Y 1 x LYS 145 ? A LYS 145 
146 1 Y 1 x ALA 146 ? A ALA 146 
147 1 Y 1 x ALA 147 ? A ALA 147 
148 1 Y 1 x GLN 148 ? A GLN 148 
149 1 Y 1 x GLU 149 ? A GLU 149 
150 1 Y 1 x ALA 150 ? A ALA 150 
151 1 Y 1 x ALA 151 ? A ALA 151 
152 1 Y 1 x ALA 152 ? A ALA 152 
153 1 Y 1 x THR 153 ? A THR 153 
154 1 Y 1 x ALA 154 ? A ALA 154 
155 1 Y 1 x GLY 155 ? A GLY 155 
156 1 Y 1 x ALA 156 ? A ALA 156 
157 1 Y 1 x GLU 157 ? A GLU 157 
158 1 Y 1 x PRO 158 ? A PRO 158 
159 1 Y 1 x ALA 159 ? A ALA 159 
160 1 Y 1 x VAL 160 ? A VAL 160 
161 1 Y 1 x VAL 161 ? A VAL 161 
162 1 Y 1 x ALA 162 ? A ALA 162 
163 1 Y 1 x ASP 163 ? A ASP 163 
164 1 Y 1 x VAL 164 ? A VAL 164 
165 1 Y 1 x ALA 165 ? A ALA 165 
166 1 Y 1 x VAL 166 ? A VAL 166 
167 1 Y 1 x ALA 167 ? A ALA 167 
168 1 Y 1 x GLU 168 ? A GLU 168 
169 1 Y 1 x PRO 169 ? A PRO 169 
170 1 Y 1 x VAL 170 ? A VAL 170 
171 1 Y 1 x ALA 171 ? A ALA 171 
172 1 Y 1 x LYS 172 ? A LYS 172 
173 1 Y 1 x PRO 173 ? A PRO 173 
174 1 Y 1 x ALA 174 ? A ALA 174 
175 1 Y 1 x ALA 175 ? A ALA 175 
176 1 Y 1 x VAL 176 ? A VAL 176 
177 1 Y 1 x GLU 177 ? A GLU 177 
178 1 Y 1 x GLU 178 ? A GLU 178 
179 1 Y 1 x ARG 179 ? A ARG 179 
180 1 Y 1 x LYS 180 ? A LYS 180 
181 1 Y 1 x LYS 181 ? A LYS 181 
182 1 Y 1 x GLU 182 ? A GLU 182 
183 1 Y 1 x GLU 183 ? A GLU 183 
184 1 Y 1 x PRO 184 ? A PRO 184 
185 1 Y 1 x ARG 185 ? A ARG 185 
186 1 Y 1 x ARG 186 ? A ARG 186 
187 1 Y 1 x VAL 187 ? A VAL 187 
188 1 Y 1 x PRO 188 ? A PRO 188 
189 1 Y 1 x LYS 189 ? A LYS 189 
190 1 Y 1 x ARG 190 ? A ARG 190 
191 1 Y 1 x ASP 191 ? A ASP 191 
192 1 Y 1 x GLU 192 ? A GLU 192 
193 1 Y 1 x ASP 193 ? A ASP 193 
194 1 Y 1 x ASP 194 ? A ASP 194 
195 1 Y 1 x ASP 195 ? A ASP 195 
196 1 Y 1 x ARG 196 ? A ARG 196 
197 1 Y 1 x ARG 197 ? A ARG 197 
198 1 Y 1 x ASP 198 ? A ASP 198 
199 1 Y 1 x ARG 199 ? A ARG 199 
200 1 Y 1 x LYS 200 ? A LYS 200 
201 1 Y 1 x HIS 201 ? A HIS 201 
202 1 Y 1 x THR 202 ? A THR 202 
203 1 Y 1 x GLN 203 ? A GLN 203 
204 1 Y 1 x HIS 204 ? A HIS 204 
205 1 Y 1 x ARG 205 ? A ARG 205 
206 1 Y 1 x PRO 206 ? A PRO 206 
207 1 Y 1 x SER 207 ? A SER 207 
208 1 Y 1 x VAL 208 ? A VAL 208 
209 1 Y 1 x LYS 209 ? A LYS 209 
210 1 Y 1 x GLU 210 ? A GLU 210 
211 1 Y 1 x LYS 211 ? A LYS 211 
212 1 Y 1 x GLU 212 ? A GLU 212 
213 1 Y 1 x LYS 213 ? A LYS 213 
214 1 Y 1 x VAL 214 ? A VAL 214 
215 1 Y 1 x PRO 215 ? A PRO 215 
216 1 Y 1 x ALA 216 ? A ALA 216 
217 1 Y 1 x PRO 217 ? A PRO 217 
218 1 Y 1 x ARG 218 ? A ARG 218 
219 1 Y 1 x VAL 219 ? A VAL 219 
220 1 Y 1 x ALA 220 ? A ALA 220 
221 1 Y 1 x PRO 221 ? A PRO 221 
222 1 Y 1 x ARG 222 ? A ARG 222 
223 1 Y 1 x SER 223 ? A SER 223 
224 1 Y 1 x THR 224 ? A THR 224 
225 1 Y 1 x ASP 225 ? A ASP 225 
226 1 Y 1 x GLU 226 ? A GLU 226 
227 1 Y 1 x GLU 227 ? A GLU 227 
228 1 Y 1 x SER 228 ? A SER 228 
229 1 Y 1 x ASP 229 ? A ASP 229 
230 1 Y 1 x GLY 230 ? A GLY 230 
231 1 Y 1 x TYR 231 ? A TYR 231 
232 1 Y 1 x ARG 232 ? A ARG 232 
233 1 Y 1 x ARG 233 ? A ARG 233 
234 1 Y 1 x GLY 234 ? A GLY 234 
235 1 Y 1 x GLY 235 ? A GLY 235 
236 1 Y 1 x ARG 236 ? A ARG 236 
237 1 Y 1 x GLY 237 ? A GLY 237 
238 1 Y 1 x GLY 238 ? A GLY 238 
239 1 Y 1 x LYS 239 ? A LYS 239 
240 1 Y 1 x SER 240 ? A SER 240 
241 1 Y 1 x LYS 241 ? A LYS 241 
242 1 Y 1 x LEU 242 ? A LEU 242 
243 1 Y 1 x LYS 243 ? A LYS 243 
244 1 Y 1 x LYS 244 ? A LYS 244 
245 1 Y 1 x ARG 245 ? A ARG 245 
246 1 Y 1 x ASN 246 ? A ASN 246 
247 1 Y 1 x GLN 247 ? A GLN 247 
248 1 Y 1 x LYS 333 ? A LYS 333 
249 1 Y 1 x PHE 334 ? A PHE 334 
250 1 Y 1 x GLU 335 ? A GLU 335 
251 1 Y 1 x GLY 336 ? A GLY 336 
252 1 Y 1 x GLU 337 ? A GLU 337 
253 1 Y 1 x ALA 338 ? A ALA 338 
254 1 Y 1 x VAL 339 ? A VAL 339 
255 1 Y 1 x THR 340 ? A THR 340 
256 1 Y 1 x ARG 341 ? A ARG 341 
257 1 Y 1 x ALA 342 ? A ALA 342 
258 1 Y 1 x PRO 343 ? A PRO 343 
259 1 Y 1 x VAL 344 ? A VAL 344 
260 1 Y 1 x VAL 345 ? A VAL 345 
261 1 Y 1 x THR 346 ? A THR 346 
262 1 Y 1 x VAL 347 ? A VAL 347 
263 1 Y 1 x MET 348 ? A MET 348 
264 1 Y 1 x GLY 349 ? A GLY 349 
265 1 Y 1 x HIS 350 ? A HIS 350 
266 1 Y 1 x VAL 351 ? A VAL 351 
267 1 Y 1 x ASP 352 ? A ASP 352 
268 1 Y 1 x HIS 353 ? A HIS 353 
269 1 Y 1 x GLY 354 ? A GLY 354 
270 1 Y 1 x LYS 355 ? A LYS 355 
271 1 Y 1 x THR 356 ? A THR 356 
272 1 Y 1 x SER 357 ? A SER 357 
273 1 Y 1 x LEU 358 ? A LEU 358 
274 1 Y 1 x LEU 359 ? A LEU 359 
275 1 Y 1 x ASP 360 ? A ASP 360 
276 1 Y 1 x TYR 361 ? A TYR 361 
277 1 Y 1 x ILE 362 ? A ILE 362 
278 1 Y 1 x ARG 363 ? A ARG 363 
279 1 Y 1 x ARG 364 ? A ARG 364 
280 1 Y 1 x ALA 365 ? A ALA 365 
281 1 Y 1 x LYS 366 ? A LYS 366 
282 1 Y 1 x VAL 367 ? A VAL 367 
283 1 Y 1 x ALA 368 ? A ALA 368 
284 1 Y 1 x ALA 369 ? A ALA 369 
285 1 Y 1 x GLY 370 ? A GLY 370 
286 1 Y 1 x GLU 371 ? A GLU 371 
287 1 Y 1 x ALA 372 ? A ALA 372 
288 1 Y 1 x GLY 373 ? A GLY 373 
289 1 Y 1 x GLY 374 ? A GLY 374 
290 1 Y 1 x ILE 375 ? A ILE 375 
291 1 Y 1 x THR 376 ? A THR 376 
292 1 Y 1 x GLN 377 ? A GLN 377 
293 1 Y 1 x HIS 378 ? A HIS 378 
294 1 Y 1 x ILE 379 ? A ILE 379 
295 1 Y 1 x GLY 380 ? A GLY 380 
296 1 Y 1 x ALA 381 ? A ALA 381 
297 1 Y 1 x TYR 382 ? A TYR 382 
298 1 Y 1 x HIS 383 ? A HIS 383 
299 1 Y 1 x VAL 384 ? A VAL 384 
300 1 Y 1 x GLU 385 ? A GLU 385 
301 1 Y 1 x THR 386 ? A THR 386 
302 1 Y 1 x GLU 387 ? A GLU 387 
303 1 Y 1 x ARG 388 ? A ARG 388 
304 1 Y 1 x GLY 389 ? A GLY 389 
305 1 Y 1 x MET 390 ? A MET 390 
306 1 Y 1 x VAL 391 ? A VAL 391 
307 1 Y 1 x THR 392 ? A THR 392 
308 1 Y 1 x PHE 393 ? A PHE 393 
309 1 Y 1 x LEU 394 ? A LEU 394 
310 1 Y 1 x ASP 395 ? A ASP 395 
311 1 Y 1 x THR 396 ? A THR 396 
312 1 Y 1 x PRO 397 ? A PRO 397 
313 1 Y 1 x GLY 398 ? A GLY 398 
314 1 Y 1 x HIS 399 ? A HIS 399 
315 1 Y 1 x ALA 400 ? A ALA 400 
316 1 Y 1 x ALA 401 ? A ALA 401 
317 1 Y 1 x PHE 402 ? A PHE 402 
318 1 Y 1 x THR 403 ? A THR 403 
319 1 Y 1 x ALA 404 ? A ALA 404 
320 1 Y 1 x MET 405 ? A MET 405 
321 1 Y 1 x ARG 406 ? A ARG 406 
322 1 Y 1 x ALA 407 ? A ALA 407 
323 1 Y 1 x ARG 408 ? A ARG 408 
324 1 Y 1 x GLY 409 ? A GLY 409 
325 1 Y 1 x ALA 410 ? A ALA 410 
326 1 Y 1 x GLN 411 ? A GLN 411 
327 1 Y 1 x ALA 412 ? A ALA 412 
328 1 Y 1 x THR 413 ? A THR 413 
329 1 Y 1 x ASP 414 ? A ASP 414 
330 1 Y 1 x ILE 415 ? A ILE 415 
331 1 Y 1 x VAL 416 ? A VAL 416 
332 1 Y 1 x ILE 417 ? A ILE 417 
333 1 Y 1 x LEU 418 ? A LEU 418 
334 1 Y 1 x VAL 419 ? A VAL 419 
335 1 Y 1 x VAL 420 ? A VAL 420 
336 1 Y 1 x ALA 421 ? A ALA 421 
337 1 Y 1 x ALA 422 ? A ALA 422 
338 1 Y 1 x ASP 423 ? A ASP 423 
339 1 Y 1 x ASP 424 ? A ASP 424 
340 1 Y 1 x GLY 425 ? A GLY 425 
341 1 Y 1 x VAL 426 ? A VAL 426 
342 1 Y 1 x MET 427 ? A MET 427 
343 1 Y 1 x PRO 428 ? A PRO 428 
344 1 Y 1 x GLN 429 ? A GLN 429 
345 1 Y 1 x THR 430 ? A THR 430 
346 1 Y 1 x GLN 431 ? A GLN 431 
347 1 Y 1 x GLU 432 ? A GLU 432 
348 1 Y 1 x ALA 433 ? A ALA 433 
349 1 Y 1 x VAL 434 ? A VAL 434 
350 1 Y 1 x GLN 435 ? A GLN 435 
351 1 Y 1 x HIS 436 ? A HIS 436 
352 1 Y 1 x ALA 437 ? A ALA 437 
353 1 Y 1 x LYS 438 ? A LYS 438 
354 1 Y 1 x ALA 439 ? A ALA 439 
355 1 Y 1 x ALA 440 ? A ALA 440 
356 1 Y 1 x GLY 441 ? A GLY 441 
357 1 Y 1 x VAL 442 ? A VAL 442 
358 1 Y 1 x PRO 443 ? A PRO 443 
359 1 Y 1 x ILE 444 ? A ILE 444 
360 1 Y 1 x VAL 445 ? A VAL 445 
361 1 Y 1 x VAL 446 ? A VAL 446 
362 1 Y 1 x ALA 447 ? A ALA 447 
363 1 Y 1 x VAL 448 ? A VAL 448 
364 1 Y 1 x ASN 449 ? A ASN 449 
365 1 Y 1 x LYS 450 ? A LYS 450 
366 1 Y 1 x ILE 451 ? A ILE 451 
367 1 Y 1 x ASP 452 ? A ASP 452 
368 1 Y 1 x LYS 453 ? A LYS 453 
369 1 Y 1 x PRO 454 ? A PRO 454 
370 1 Y 1 x GLU 455 ? A GLU 455 
371 1 Y 1 x ALA 456 ? A ALA 456 
372 1 Y 1 x ASN 457 ? A ASN 457 
373 1 Y 1 x PRO 458 ? A PRO 458 
374 1 Y 1 x ASP 459 ? A ASP 459 
375 1 Y 1 x ASN 460 ? A ASN 460 
376 1 Y 1 x ILE 461 ? A ILE 461 
377 1 Y 1 x LYS 462 ? A LYS 462 
378 1 Y 1 x ASN 463 ? A ASN 463 
379 1 Y 1 x GLY 464 ? A GLY 464 
380 1 Y 1 x LEU 465 ? A LEU 465 
381 1 Y 1 x ALA 466 ? A ALA 466 
382 1 Y 1 x ALA 467 ? A ALA 467 
383 1 Y 1 x LEU 468 ? A LEU 468 
384 1 Y 1 x ASP 469 ? A ASP 469 
385 1 Y 1 x VAL 470 ? A VAL 470 
386 1 Y 1 x ILE 471 ? A ILE 471 
387 1 Y 1 x PRO 472 ? A PRO 472 
388 1 Y 1 x GLU 473 ? A GLU 473 
389 1 Y 1 x GLU 474 ? A GLU 474 
390 1 Y 1 x TRP 475 ? A TRP 475 
391 1 Y 1 x GLY 476 ? A GLY 476 
392 1 Y 1 x GLY 477 ? A GLY 477 
393 1 Y 1 x ASP 478 ? A ASP 478 
394 1 Y 1 x ALA 479 ? A ALA 479 
395 1 Y 1 x PRO 480 ? A PRO 480 
396 1 Y 1 x PHE 481 ? A PHE 481 
397 1 Y 1 x VAL 482 ? A VAL 482 
398 1 Y 1 x PRO 483 ? A PRO 483 
399 1 Y 1 x VAL 484 ? A VAL 484 
400 1 Y 1 x SER 485 ? A SER 485 
401 1 Y 1 x ALA 486 ? A ALA 486 
402 1 Y 1 x LYS 487 ? A LYS 487 
403 1 Y 1 x LEU 488 ? A LEU 488 
404 1 Y 1 x GLY 489 ? A GLY 489 
405 1 Y 1 x THR 490 ? A THR 490 
406 1 Y 1 x GLY 491 ? A GLY 491 
407 1 Y 1 x VAL 492 ? A VAL 492 
408 1 Y 1 x ASP 493 ? A ASP 493 
409 1 Y 1 x GLU 494 ? A GLU 494 
410 1 Y 1 x LEU 495 ? A LEU 495 
411 1 Y 1 x LEU 496 ? A LEU 496 
412 1 Y 1 x GLU 497 ? A GLU 497 
413 1 Y 1 x ALA 498 ? A ALA 498 
414 1 Y 1 x VAL 499 ? A VAL 499 
415 1 Y 1 x LEU 500 ? A LEU 500 
416 1 Y 1 x LEU 501 ? A LEU 501 
417 1 Y 1 x GLN 502 ? A GLN 502 
418 1 Y 1 x ALA 503 ? A ALA 503 
419 1 Y 1 x GLU 504 ? A GLU 504 
420 1 Y 1 x VAL 505 ? A VAL 505 
421 1 Y 1 x LEU 506 ? A LEU 506 
422 1 Y 1 x GLU 507 ? A GLU 507 
423 1 Y 1 x LEU 508 ? A LEU 508 
424 1 Y 1 x LYS 509 ? A LYS 509 
425 1 Y 1 x ALA 510 ? A ALA 510 
426 1 Y 1 x THR 511 ? A THR 511 
427 1 Y 1 x PRO 512 ? A PRO 512 
428 1 Y 1 x SER 513 ? A SER 513 
429 1 Y 1 x ALA 514 ? A ALA 514 
430 1 Y 1 x PRO 515 ? A PRO 515 
431 1 Y 1 x GLY 516 ? A GLY 516 
432 1 Y 1 x ARG 517 ? A ARG 517 
433 1 Y 1 x GLY 518 ? A GLY 518 
434 1 Y 1 x VAL 519 ? A VAL 519 
435 1 Y 1 x VAL 520 ? A VAL 520 
436 1 Y 1 x VAL 521 ? A VAL 521 
437 1 Y 1 x GLU 522 ? A GLU 522 
438 1 Y 1 x SER 523 ? A SER 523 
439 1 Y 1 x ARG 524 ? A ARG 524 
440 1 Y 1 x LEU 525 ? A LEU 525 
441 1 Y 1 x ASP 526 ? A ASP 526 
442 1 Y 1 x LYS 527 ? A LYS 527 
443 1 Y 1 x GLY 528 ? A GLY 528 
444 1 Y 1 x ARG 529 ? A ARG 529 
445 1 Y 1 x GLY 530 ? A GLY 530 
446 1 Y 1 x PRO 531 ? A PRO 531 
447 1 Y 1 x VAL 532 ? A VAL 532 
448 1 Y 1 x ALA 533 ? A ALA 533 
449 1 Y 1 x THR 534 ? A THR 534 
450 1 Y 1 x VAL 535 ? A VAL 535 
451 1 Y 1 x LEU 536 ? A LEU 536 
452 1 Y 1 x VAL 537 ? A VAL 537 
453 1 Y 1 x GLN 538 ? A GLN 538 
454 1 Y 1 x ASP 539 ? A ASP 539 
455 1 Y 1 x GLY 540 ? A GLY 540 
456 1 Y 1 x THR 541 ? A THR 541 
457 1 Y 1 x LEU 542 ? A LEU 542 
458 1 Y 1 x ARG 543 ? A ARG 543 
459 1 Y 1 x GLN 544 ? A GLN 544 
460 1 Y 1 x GLY 545 ? A GLY 545 
461 1 Y 1 x ASP 546 ? A ASP 546 
462 1 Y 1 x MET 547 ? A MET 547 
463 1 Y 1 x VAL 548 ? A VAL 548 
464 1 Y 1 x LEU 549 ? A LEU 549 
465 1 Y 1 x VAL 550 ? A VAL 550 
466 1 Y 1 x GLY 551 ? A GLY 551 
467 1 Y 1 x ILE 552 ? A ILE 552 
468 1 Y 1 x ASN 553 ? A ASN 553 
469 1 Y 1 x TYR 554 ? A TYR 554 
470 1 Y 1 x GLY 555 ? A GLY 555 
471 1 Y 1 x ARG 556 ? A ARG 556 
472 1 Y 1 x VAL 557 ? A VAL 557 
473 1 Y 1 x ARG 558 ? A ARG 558 
474 1 Y 1 x ALA 559 ? A ALA 559 
475 1 Y 1 x MET 560 ? A MET 560 
476 1 Y 1 x LEU 561 ? A LEU 561 
477 1 Y 1 x ASP 562 ? A ASP 562 
478 1 Y 1 x GLU 563 ? A GLU 563 
479 1 Y 1 x ASN 564 ? A ASN 564 
480 1 Y 1 x GLY 565 ? A GLY 565 
481 1 Y 1 x LYS 566 ? A LYS 566 
482 1 Y 1 x PRO 567 ? A PRO 567 
483 1 Y 1 x ILE 568 ? A ILE 568 
484 1 Y 1 x LYS 569 ? A LYS 569 
485 1 Y 1 x GLU 570 ? A GLU 570 
486 1 Y 1 x ALA 571 ? A ALA 571 
487 1 Y 1 x GLY 572 ? A GLY 572 
488 1 Y 1 x PRO 573 ? A PRO 573 
489 1 Y 1 x SER 574 ? A SER 574 
490 1 Y 1 x ILE 575 ? A ILE 575 
491 1 Y 1 x PRO 576 ? A PRO 576 
492 1 Y 1 x VAL 577 ? A VAL 577 
493 1 Y 1 x GLU 578 ? A GLU 578 
494 1 Y 1 x ILE 579 ? A ILE 579 
495 1 Y 1 x LEU 580 ? A LEU 580 
496 1 Y 1 x GLY 581 ? A GLY 581 
497 1 Y 1 x LEU 582 ? A LEU 582 
498 1 Y 1 x ASP 583 ? A ASP 583 
499 1 Y 1 x GLY 584 ? A GLY 584 
500 1 Y 1 x THR 585 ? A THR 585 
501 1 Y 1 x PRO 586 ? A PRO 586 
502 1 Y 1 x ASP 587 ? A ASP 587 
503 1 Y 1 x ALA 588 ? A ALA 588 
504 1 Y 1 x GLY 589 ? A GLY 589 
505 1 Y 1 x ASP 590 ? A ASP 590 
506 1 Y 1 x GLU 591 ? A GLU 591 
507 1 Y 1 x MET 592 ? A MET 592 
508 1 Y 1 x THR 593 ? A THR 593 
509 1 Y 1 x VAL 594 ? A VAL 594 
510 1 Y 1 x VAL 595 ? A VAL 595 
511 1 Y 1 x ALA 596 ? A ALA 596 
512 1 Y 1 x ASP 597 ? A ASP 597 
513 1 Y 1 x GLU 598 ? A GLU 598 
514 1 Y 1 x LYS 599 ? A LYS 599 
515 1 Y 1 x LYS 600 ? A LYS 600 
516 1 Y 1 x ALA 601 ? A ALA 601 
517 1 Y 1 x ARG 602 ? A ARG 602 
518 1 Y 1 x GLU 603 ? A GLU 603 
519 1 Y 1 x VAL 604 ? A VAL 604 
520 1 Y 1 x ALA 605 ? A ALA 605 
521 1 Y 1 x LEU 606 ? A LEU 606 
522 1 Y 1 x PHE 607 ? A PHE 607 
523 1 Y 1 x ARG 608 ? A ARG 608 
524 1 Y 1 x GLN 609 ? A GLN 609 
525 1 Y 1 x GLY 610 ? A GLY 610 
526 1 Y 1 x LYS 611 ? A LYS 611 
527 1 Y 1 x PHE 612 ? A PHE 612 
528 1 Y 1 x ARG 613 ? A ARG 613 
529 1 Y 1 x GLU 614 ? A GLU 614 
530 1 Y 1 x VAL 615 ? A VAL 615 
531 1 Y 1 x LYS 616 ? A LYS 616 
532 1 Y 1 x LEU 617 ? A LEU 617 
533 1 Y 1 x ALA 618 ? A ALA 618 
534 1 Y 1 x ARG 619 ? A ARG 619 
535 1 Y 1 x ALA 620 ? A ALA 620 
536 1 Y 1 x HIS 621 ? A HIS 621 
537 1 Y 1 x ALA 622 ? A ALA 622 
538 1 Y 1 x GLY 623 ? A GLY 623 
539 1 Y 1 x LYS 624 ? A LYS 624 
540 1 Y 1 x LEU 625 ? A LEU 625 
541 1 Y 1 x GLU 626 ? A GLU 626 
542 1 Y 1 x ASN 627 ? A ASN 627 
543 1 Y 1 x ILE 628 ? A ILE 628 
544 1 Y 1 x PHE 629 ? A PHE 629 
545 1 Y 1 x GLU 630 ? A GLU 630 
546 1 Y 1 x ASN 631 ? A ASN 631 
547 1 Y 1 x MET 632 ? A MET 632 
548 1 Y 1 x GLY 633 ? A GLY 633 
549 1 Y 1 x GLN 634 ? A GLN 634 
550 1 Y 1 x GLU 635 ? A GLU 635 
551 1 Y 1 x GLU 636 ? A GLU 636 
552 1 Y 1 x LYS 637 ? A LYS 637 
553 1 Y 1 x LYS 638 ? A LYS 638 
554 1 Y 1 x THR 639 ? A THR 639 
555 1 Y 1 x LEU 640 ? A LEU 640 
556 1 Y 1 x ASN 641 ? A ASN 641 
557 1 Y 1 x ILE 642 ? A ILE 642 
558 1 Y 1 x VAL 643 ? A VAL 643 
559 1 Y 1 x LEU 644 ? A LEU 644 
560 1 Y 1 x LYS 645 ? A LYS 645 
561 1 Y 1 x ALA 646 ? A ALA 646 
562 1 Y 1 x ASP 647 ? A ASP 647 
563 1 Y 1 x VAL 648 ? A VAL 648 
564 1 Y 1 x ARG 649 ? A ARG 649 
565 1 Y 1 x GLY 650 ? A GLY 650 
566 1 Y 1 x SER 651 ? A SER 651 
567 1 Y 1 x LEU 652 ? A LEU 652 
568 1 Y 1 x GLU 653 ? A GLU 653 
569 1 Y 1 x ALA 654 ? A ALA 654 
570 1 Y 1 x LEU 655 ? A LEU 655 
571 1 Y 1 x GLN 656 ? A GLN 656 
572 1 Y 1 x GLY 657 ? A GLY 657 
573 1 Y 1 x SER 658 ? A SER 658 
574 1 Y 1 x LEU 659 ? A LEU 659 
575 1 Y 1 x SER 660 ? A SER 660 
576 1 Y 1 x GLY 661 ? A GLY 661 
577 1 Y 1 x LEU 662 ? A LEU 662 
578 1 Y 1 x GLY 663 ? A GLY 663 
579 1 Y 1 x ASN 664 ? A ASN 664 
580 1 Y 1 x ASP 665 ? A ASP 665 
581 1 Y 1 x GLU 666 ? A GLU 666 
582 1 Y 1 x VAL 667 ? A VAL 667 
583 1 Y 1 x GLN 668 ? A GLN 668 
584 1 Y 1 x VAL 669 ? A VAL 669 
585 1 Y 1 x ARG 670 ? A ARG 670 
586 1 Y 1 x VAL 671 ? A VAL 671 
587 1 Y 1 x VAL 672 ? A VAL 672 
588 1 Y 1 x GLY 673 ? A GLY 673 
589 1 Y 1 x GLY 674 ? A GLY 674 
590 1 Y 1 x GLY 675 ? A GLY 675 
591 1 Y 1 x VAL 676 ? A VAL 676 
592 1 Y 1 x GLY 677 ? A GLY 677 
593 1 Y 1 x GLY 678 ? A GLY 678 
594 1 Y 1 x ILE 679 ? A ILE 679 
595 1 Y 1 x THR 680 ? A THR 680 
596 1 Y 1 x GLU 681 ? A GLU 681 
597 1 Y 1 x SER 682 ? A SER 682 
598 1 Y 1 x ASP 683 ? A ASP 683 
599 1 Y 1 x ALA 684 ? A ALA 684 
600 1 Y 1 x ASN 685 ? A ASN 685 
601 1 Y 1 x LEU 686 ? A LEU 686 
602 1 Y 1 x ALA 687 ? A ALA 687 
603 1 Y 1 x LEU 688 ? A LEU 688 
604 1 Y 1 x ALA 689 ? A ALA 689 
605 1 Y 1 x SER 690 ? A SER 690 
606 1 Y 1 x ASN 691 ? A ASN 691 
607 1 Y 1 x ALA 692 ? A ALA 692 
608 1 Y 1 x VAL 693 ? A VAL 693 
609 1 Y 1 x LEU 694 ? A LEU 694 
610 1 Y 1 x PHE 695 ? A PHE 695 
611 1 Y 1 x GLY 696 ? A GLY 696 
612 1 Y 1 x PHE 697 ? A PHE 697 
613 1 Y 1 x ASN 698 ? A ASN 698 
614 1 Y 1 x VAL 699 ? A VAL 699 
615 1 Y 1 x ARG 700 ? A ARG 700 
616 1 Y 1 x ALA 701 ? A ALA 701 
617 1 Y 1 x ASP 702 ? A ASP 702 
618 1 Y 1 x ALA 703 ? A ALA 703 
619 1 Y 1 x GLY 704 ? A GLY 704 
620 1 Y 1 x ALA 705 ? A ALA 705 
621 1 Y 1 x ARG 706 ? A ARG 706 
622 1 Y 1 x LYS 707 ? A LYS 707 
623 1 Y 1 x ILE 708 ? A ILE 708 
624 1 Y 1 x VAL 709 ? A VAL 709 
625 1 Y 1 x GLU 710 ? A GLU 710 
626 1 Y 1 x ALA 711 ? A ALA 711 
627 1 Y 1 x GLU 712 ? A GLU 712 
628 1 Y 1 x GLY 713 ? A GLY 713 
629 1 Y 1 x LEU 714 ? A LEU 714 
630 1 Y 1 x ASP 715 ? A ASP 715 
631 1 Y 1 x MET 716 ? A MET 716 
632 1 Y 1 x ARG 717 ? A ARG 717 
633 1 Y 1 x TYR 718 ? A TYR 718 
634 1 Y 1 x TYR 719 ? A TYR 719 
635 1 Y 1 x ASN 720 ? A ASN 720 
636 1 Y 1 x VAL 721 ? A VAL 721 
637 1 Y 1 x ILE 722 ? A ILE 722 
638 1 Y 1 x TYR 723 ? A TYR 723 
639 1 Y 1 x ASP 724 ? A ASP 724 
640 1 Y 1 x ILE 725 ? A ILE 725 
641 1 Y 1 x ILE 726 ? A ILE 726 
642 1 Y 1 x GLU 727 ? A GLU 727 
643 1 Y 1 x ASP 728 ? A ASP 728 
644 1 Y 1 x VAL 729 ? A VAL 729 
645 1 Y 1 x LYS 730 ? A LYS 730 
646 1 Y 1 x LYS 731 ? A LYS 731 
647 1 Y 1 x ALA 732 ? A ALA 732 
648 1 Y 1 x LEU 733 ? A LEU 733 
649 1 Y 1 x THR 734 ? A THR 734 
650 1 Y 1 x GLY 735 ? A GLY 735 
651 1 Y 1 x MET 736 ? A MET 736 
652 1 Y 1 x LEU 737 ? A LEU 737 
653 1 Y 1 x GLY 738 ? A GLY 738 
654 1 Y 1 x SER 739 ? A SER 739 
655 1 Y 1 x ASP 740 ? A ASP 740 
656 1 Y 1 x LEU 741 ? A LEU 741 
657 1 Y 1 x ARG 742 ? A ARG 742 
658 1 Y 1 x GLU 743 ? A GLU 743 
659 1 Y 1 x ASN 744 ? A ASN 744 
660 1 Y 1 x ILE 745 ? A ILE 745 
661 1 Y 1 x LEU 746 ? A LEU 746 
662 1 Y 1 x GLY 747 ? A GLY 747 
663 1 Y 1 x ILE 748 ? A ILE 748 
664 1 Y 1 x ALA 749 ? A ALA 749 
665 1 Y 1 x GLU 750 ? A GLU 750 
666 1 Y 1 x VAL 751 ? A VAL 751 
667 1 Y 1 x ARG 752 ? A ARG 752 
668 1 Y 1 x ASP 753 ? A ASP 753 
669 1 Y 1 x VAL 754 ? A VAL 754 
670 1 Y 1 x PHE 755 ? A PHE 755 
671 1 Y 1 x ARG 756 ? A ARG 756 
672 1 Y 1 x SER 757 ? A SER 757 
673 1 Y 1 x PRO 758 ? A PRO 758 
674 1 Y 1 x LYS 759 ? A LYS 759 
675 1 Y 1 x PHE 760 ? A PHE 760 
676 1 Y 1 x GLY 761 ? A GLY 761 
677 1 Y 1 x ALA 762 ? A ALA 762 
678 1 Y 1 x ILE 763 ? A ILE 763 
679 1 Y 1 x ALA 764 ? A ALA 764 
680 1 Y 1 x GLY 765 ? A GLY 765 
681 1 Y 1 x CYS 766 ? A CYS 766 
682 1 Y 1 x MET 767 ? A MET 767 
683 1 Y 1 x VAL 768 ? A VAL 768 
684 1 Y 1 x THR 769 ? A THR 769 
685 1 Y 1 x GLU 770 ? A GLU 770 
686 1 Y 1 x GLY 771 ? A GLY 771 
687 1 Y 1 x MET 772 ? A MET 772 
688 1 Y 1 x VAL 773 ? A VAL 773 
689 1 Y 1 x HIS 774 ? A HIS 774 
690 1 Y 1 x ARG 775 ? A ARG 775 
691 1 Y 1 x ASN 776 ? A ASN 776 
692 1 Y 1 x ARG 777 ? A ARG 777 
693 1 Y 1 x PRO 778 ? A PRO 778 
694 1 Y 1 x ILE 779 ? A ILE 779 
695 1 Y 1 x ARG 780 ? A ARG 780 
696 1 Y 1 x VAL 781 ? A VAL 781 
697 1 Y 1 x LEU 782 ? A LEU 782 
698 1 Y 1 x ARG 783 ? A ARG 783 
699 1 Y 1 x ASP 784 ? A ASP 784 
700 1 Y 1 x ASP 785 ? A ASP 785 
701 1 Y 1 x VAL 786 ? A VAL 786 
702 1 Y 1 x VAL 787 ? A VAL 787 
703 1 Y 1 x ILE 788 ? A ILE 788 
704 1 Y 1 x PHE 789 ? A PHE 789 
705 1 Y 1 x GLU 790 ? A GLU 790 
706 1 Y 1 x GLY 791 ? A GLY 791 
707 1 Y 1 x GLU 792 ? A GLU 792 
708 1 Y 1 x LEU 793 ? A LEU 793 
709 1 Y 1 x GLU 794 ? A GLU 794 
710 1 Y 1 x SER 795 ? A SER 795 
711 1 Y 1 x LEU 796 ? A LEU 796 
712 1 Y 1 x ARG 797 ? A ARG 797 
713 1 Y 1 x ARG 798 ? A ARG 798 
714 1 Y 1 x PHE 799 ? A PHE 799 
715 1 Y 1 x LYS 800 ? A LYS 800 
716 1 Y 1 x ASP 801 ? A ASP 801 
717 1 Y 1 x ASP 802 ? A ASP 802 
718 1 Y 1 x VAL 803 ? A VAL 803 
719 1 Y 1 x ALA 804 ? A ALA 804 
720 1 Y 1 x GLU 805 ? A GLU 805 
721 1 Y 1 x VAL 806 ? A VAL 806 
722 1 Y 1 x ARG 807 ? A ARG 807 
723 1 Y 1 x ALA 808 ? A ALA 808 
724 1 Y 1 x GLY 809 ? A GLY 809 
725 1 Y 1 x MET 810 ? A MET 810 
726 1 Y 1 x GLU 811 ? A GLU 811 
727 1 Y 1 x CYS 812 ? A CYS 812 
728 1 Y 1 x GLY 813 ? A GLY 813 
729 1 Y 1 x ILE 814 ? A ILE 814 
730 1 Y 1 x GLY 815 ? A GLY 815 
731 1 Y 1 x VAL 816 ? A VAL 816 
732 1 Y 1 x LYS 817 ? A LYS 817 
733 1 Y 1 x SER 818 ? A SER 818 
734 1 Y 1 x TYR 819 ? A TYR 819 
735 1 Y 1 x ASN 820 ? A ASN 820 
736 1 Y 1 x ASP 821 ? A ASP 821 
737 1 Y 1 x VAL 822 ? A VAL 822 
738 1 Y 1 x LYS 823 ? A LYS 823 
739 1 Y 1 x VAL 824 ? A VAL 824 
740 1 Y 1 x GLY 825 ? A GLY 825 
741 1 Y 1 x ASP 826 ? A ASP 826 
742 1 Y 1 x LYS 827 ? A LYS 827 
743 1 Y 1 x ILE 828 ? A ILE 828 
744 1 Y 1 x GLU 829 ? A GLU 829 
745 1 Y 1 x VAL 830 ? A VAL 830 
746 1 Y 1 x PHE 831 ? A PHE 831 
747 1 Y 1 x GLU 832 ? A GLU 832 
748 1 Y 1 x LYS 833 ? A LYS 833 
749 1 Y 1 x VAL 834 ? A VAL 834 
750 1 Y 1 x GLU 835 ? A GLU 835 
751 1 Y 1 x VAL 836 ? A VAL 836 
752 1 Y 1 x ALA 837 ? A ALA 837 
753 1 Y 1 x ARG 838 ? A ARG 838 
754 1 Y 1 x SER 839 ? A SER 839 
755 1 Y 1 x LEU 840 ? A LEU 840 
# 
loop_
_chem_comp_atom.comp_id 
_chem_comp_atom.atom_id 
_chem_comp_atom.type_symbol 
_chem_comp_atom.pdbx_aromatic_flag 
_chem_comp_atom.pdbx_stereo_config 
_chem_comp_atom.pdbx_ordinal 
ALA N    N N N 1   
ALA CA   C N S 2   
ALA C    C N N 3   
ALA O    O N N 4   
ALA CB   C N N 5   
ALA OXT  O N N 6   
ALA H    H N N 7   
ALA H2   H N N 8   
ALA HA   H N N 9   
ALA HB1  H N N 10  
ALA HB2  H N N 11  
ALA HB3  H N N 12  
ALA HXT  H N N 13  
ARG N    N N N 14  
ARG CA   C N S 15  
ARG C    C N N 16  
ARG O    O N N 17  
ARG CB   C N N 18  
ARG CG   C N N 19  
ARG CD   C N N 20  
ARG NE   N N N 21  
ARG CZ   C N N 22  
ARG NH1  N N N 23  
ARG NH2  N N N 24  
ARG OXT  O N N 25  
ARG H    H N N 26  
ARG H2   H N N 27  
ARG HA   H N N 28  
ARG HB2  H N N 29  
ARG HB3  H N N 30  
ARG HG2  H N N 31  
ARG HG3  H N N 32  
ARG HD2  H N N 33  
ARG HD3  H N N 34  
ARG HE   H N N 35  
ARG HH11 H N N 36  
ARG HH12 H N N 37  
ARG HH21 H N N 38  
ARG HH22 H N N 39  
ARG HXT  H N N 40  
ASN N    N N N 41  
ASN CA   C N S 42  
ASN C    C N N 43  
ASN O    O N N 44  
ASN CB   C N N 45  
ASN CG   C N N 46  
ASN OD1  O N N 47  
ASN ND2  N N N 48  
ASN OXT  O N N 49  
ASN H    H N N 50  
ASN H2   H N N 51  
ASN HA   H N N 52  
ASN HB2  H N N 53  
ASN HB3  H N N 54  
ASN HD21 H N N 55  
ASN HD22 H N N 56  
ASN HXT  H N N 57  
ASP N    N N N 58  
ASP CA   C N S 59  
ASP C    C N N 60  
ASP O    O N N 61  
ASP CB   C N N 62  
ASP CG   C N N 63  
ASP OD1  O N N 64  
ASP OD2  O N N 65  
ASP OXT  O N N 66  
ASP H    H N N 67  
ASP H2   H N N 68  
ASP HA   H N N 69  
ASP HB2  H N N 70  
ASP HB3  H N N 71  
ASP HD2  H N N 72  
ASP HXT  H N N 73  
CYS N    N N N 74  
CYS CA   C N R 75  
CYS C    C N N 76  
CYS O    O N N 77  
CYS CB   C N N 78  
CYS SG   S N N 79  
CYS OXT  O N N 80  
CYS H    H N N 81  
CYS H2   H N N 82  
CYS HA   H N N 83  
CYS HB2  H N N 84  
CYS HB3  H N N 85  
CYS HG   H N N 86  
CYS HXT  H N N 87  
GLN N    N N N 88  
GLN CA   C N S 89  
GLN C    C N N 90  
GLN O    O N N 91  
GLN CB   C N N 92  
GLN CG   C N N 93  
GLN CD   C N N 94  
GLN OE1  O N N 95  
GLN NE2  N N N 96  
GLN OXT  O N N 97  
GLN H    H N N 98  
GLN H2   H N N 99  
GLN HA   H N N 100 
GLN HB2  H N N 101 
GLN HB3  H N N 102 
GLN HG2  H N N 103 
GLN HG3  H N N 104 
GLN HE21 H N N 105 
GLN HE22 H N N 106 
GLN HXT  H N N 107 
GLU N    N N N 108 
GLU CA   C N S 109 
GLU C    C N N 110 
GLU O    O N N 111 
GLU CB   C N N 112 
GLU CG   C N N 113 
GLU CD   C N N 114 
GLU OE1  O N N 115 
GLU OE2  O N N 116 
GLU OXT  O N N 117 
GLU H    H N N 118 
GLU H2   H N N 119 
GLU HA   H N N 120 
GLU HB2  H N N 121 
GLU HB3  H N N 122 
GLU HG2  H N N 123 
GLU HG3  H N N 124 
GLU HE2  H N N 125 
GLU HXT  H N N 126 
GLY N    N N N 127 
GLY CA   C N N 128 
GLY C    C N N 129 
GLY O    O N N 130 
GLY OXT  O N N 131 
GLY H    H N N 132 
GLY H2   H N N 133 
GLY HA2  H N N 134 
GLY HA3  H N N 135 
GLY HXT  H N N 136 
HIS N    N N N 137 
HIS CA   C N S 138 
HIS C    C N N 139 
HIS O    O N N 140 
HIS CB   C N N 141 
HIS CG   C Y N 142 
HIS ND1  N Y N 143 
HIS CD2  C Y N 144 
HIS CE1  C Y N 145 
HIS NE2  N Y N 146 
HIS OXT  O N N 147 
HIS H    H N N 148 
HIS H2   H N N 149 
HIS HA   H N N 150 
HIS HB2  H N N 151 
HIS HB3  H N N 152 
HIS HD1  H N N 153 
HIS HD2  H N N 154 
HIS HE1  H N N 155 
HIS HE2  H N N 156 
HIS HXT  H N N 157 
ILE N    N N N 158 
ILE CA   C N S 159 
ILE C    C N N 160 
ILE O    O N N 161 
ILE CB   C N S 162 
ILE CG1  C N N 163 
ILE CG2  C N N 164 
ILE CD1  C N N 165 
ILE OXT  O N N 166 
ILE H    H N N 167 
ILE H2   H N N 168 
ILE HA   H N N 169 
ILE HB   H N N 170 
ILE HG12 H N N 171 
ILE HG13 H N N 172 
ILE HG21 H N N 173 
ILE HG22 H N N 174 
ILE HG23 H N N 175 
ILE HD11 H N N 176 
ILE HD12 H N N 177 
ILE HD13 H N N 178 
ILE HXT  H N N 179 
LEU N    N N N 180 
LEU CA   C N S 181 
LEU C    C N N 182 
LEU O    O N N 183 
LEU CB   C N N 184 
LEU CG   C N N 185 
LEU CD1  C N N 186 
LEU CD2  C N N 187 
LEU OXT  O N N 188 
LEU H    H N N 189 
LEU H2   H N N 190 
LEU HA   H N N 191 
LEU HB2  H N N 192 
LEU HB3  H N N 193 
LEU HG   H N N 194 
LEU HD11 H N N 195 
LEU HD12 H N N 196 
LEU HD13 H N N 197 
LEU HD21 H N N 198 
LEU HD22 H N N 199 
LEU HD23 H N N 200 
LEU HXT  H N N 201 
LYS N    N N N 202 
LYS CA   C N S 203 
LYS C    C N N 204 
LYS O    O N N 205 
LYS CB   C N N 206 
LYS CG   C N N 207 
LYS CD   C N N 208 
LYS CE   C N N 209 
LYS NZ   N N N 210 
LYS OXT  O N N 211 
LYS H    H N N 212 
LYS H2   H N N 213 
LYS HA   H N N 214 
LYS HB2  H N N 215 
LYS HB3  H N N 216 
LYS HG2  H N N 217 
LYS HG3  H N N 218 
LYS HD2  H N N 219 
LYS HD3  H N N 220 
LYS HE2  H N N 221 
LYS HE3  H N N 222 
LYS HZ1  H N N 223 
LYS HZ2  H N N 224 
LYS HZ3  H N N 225 
LYS HXT  H N N 226 
MET N    N N N 227 
MET CA   C N S 228 
MET C    C N N 229 
MET O    O N N 230 
MET CB   C N N 231 
MET CG   C N N 232 
MET SD   S N N 233 
MET CE   C N N 234 
MET OXT  O N N 235 
MET H    H N N 236 
MET H2   H N N 237 
MET HA   H N N 238 
MET HB2  H N N 239 
MET HB3  H N N 240 
MET HG2  H N N 241 
MET HG3  H N N 242 
MET HE1  H N N 243 
MET HE2  H N N 244 
MET HE3  H N N 245 
MET HXT  H N N 246 
PHE N    N N N 247 
PHE CA   C N S 248 
PHE C    C N N 249 
PHE O    O N N 250 
PHE CB   C N N 251 
PHE CG   C Y N 252 
PHE CD1  C Y N 253 
PHE CD2  C Y N 254 
PHE CE1  C Y N 255 
PHE CE2  C Y N 256 
PHE CZ   C Y N 257 
PHE OXT  O N N 258 
PHE H    H N N 259 
PHE H2   H N N 260 
PHE HA   H N N 261 
PHE HB2  H N N 262 
PHE HB3  H N N 263 
PHE HD1  H N N 264 
PHE HD2  H N N 265 
PHE HE1  H N N 266 
PHE HE2  H N N 267 
PHE HZ   H N N 268 
PHE HXT  H N N 269 
PRO N    N N N 270 
PRO CA   C N S 271 
PRO C    C N N 272 
PRO O    O N N 273 
PRO CB   C N N 274 
PRO CG   C N N 275 
PRO CD   C N N 276 
PRO OXT  O N N 277 
PRO H    H N N 278 
PRO HA   H N N 279 
PRO HB2  H N N 280 
PRO HB3  H N N 281 
PRO HG2  H N N 282 
PRO HG3  H N N 283 
PRO HD2  H N N 284 
PRO HD3  H N N 285 
PRO HXT  H N N 286 
SER N    N N N 287 
SER CA   C N S 288 
SER C    C N N 289 
SER O    O N N 290 
SER CB   C N N 291 
SER OG   O N N 292 
SER OXT  O N N 293 
SER H    H N N 294 
SER H2   H N N 295 
SER HA   H N N 296 
SER HB2  H N N 297 
SER HB3  H N N 298 
SER HG   H N N 299 
SER HXT  H N N 300 
THR N    N N N 301 
THR CA   C N S 302 
THR C    C N N 303 
THR O    O N N 304 
THR CB   C N R 305 
THR OG1  O N N 306 
THR CG2  C N N 307 
THR OXT  O N N 308 
THR H    H N N 309 
THR H2   H N N 310 
THR HA   H N N 311 
THR HB   H N N 312 
THR HG1  H N N 313 
THR HG21 H N N 314 
THR HG22 H N N 315 
THR HG23 H N N 316 
THR HXT  H N N 317 
TRP N    N N N 318 
TRP CA   C N S 319 
TRP C    C N N 320 
TRP O    O N N 321 
TRP CB   C N N 322 
TRP CG   C Y N 323 
TRP CD1  C Y N 324 
TRP CD2  C Y N 325 
TRP NE1  N Y N 326 
TRP CE2  C Y N 327 
TRP CE3  C Y N 328 
TRP CZ2  C Y N 329 
TRP CZ3  C Y N 330 
TRP CH2  C Y N 331 
TRP OXT  O N N 332 
TRP H    H N N 333 
TRP H2   H N N 334 
TRP HA   H N N 335 
TRP HB2  H N N 336 
TRP HB3  H N N 337 
TRP HD1  H N N 338 
TRP HE1  H N N 339 
TRP HE3  H N N 340 
TRP HZ2  H N N 341 
TRP HZ3  H N N 342 
TRP HH2  H N N 343 
TRP HXT  H N N 344 
TYR N    N N N 345 
TYR CA   C N S 346 
TYR C    C N N 347 
TYR O    O N N 348 
TYR CB   C N N 349 
TYR CG   C Y N 350 
TYR CD1  C Y N 351 
TYR CD2  C Y N 352 
TYR CE1  C Y N 353 
TYR CE2  C Y N 354 
TYR CZ   C Y N 355 
TYR OH   O N N 356 
TYR OXT  O N N 357 
TYR H    H N N 358 
TYR H2   H N N 359 
TYR HA   H N N 360 
TYR HB2  H N N 361 
TYR HB3  H N N 362 
TYR HD1  H N N 363 
TYR HD2  H N N 364 
TYR HE1  H N N 365 
TYR HE2  H N N 366 
TYR HH   H N N 367 
TYR HXT  H N N 368 
VAL N    N N N 369 
VAL CA   C N S 370 
VAL C    C N N 371 
VAL O    O N N 372 
VAL CB   C N N 373 
VAL CG1  C N N 374 
VAL CG2  C N N 375 
VAL OXT  O N N 376 
VAL H    H N N 377 
VAL H2   H N N 378 
VAL HA   H N N 379 
VAL HB   H N N 380 
VAL HG11 H N N 381 
VAL HG12 H N N 382 
VAL HG13 H N N 383 
VAL HG21 H N N 384 
VAL HG22 H N N 385 
VAL HG23 H N N 386 
VAL HXT  H N N 387 
# 
loop_
_chem_comp_bond.comp_id 
_chem_comp_bond.atom_id_1 
_chem_comp_bond.atom_id_2 
_chem_comp_bond.value_order 
_chem_comp_bond.pdbx_aromatic_flag 
_chem_comp_bond.pdbx_stereo_config 
_chem_comp_bond.pdbx_ordinal 
ALA N   CA   sing N N 1   
ALA N   H    sing N N 2   
ALA N   H2   sing N N 3   
ALA CA  C    sing N N 4   
ALA CA  CB   sing N N 5   
ALA CA  HA   sing N N 6   
ALA C   O    doub N N 7   
ALA C   OXT  sing N N 8   
ALA CB  HB1  sing N N 9   
ALA CB  HB2  sing N N 10  
ALA CB  HB3  sing N N 11  
ALA OXT HXT  sing N N 12  
ARG N   CA   sing N N 13  
ARG N   H    sing N N 14  
ARG N   H2   sing N N 15  
ARG CA  C    sing N N 16  
ARG CA  CB   sing N N 17  
ARG CA  HA   sing N N 18  
ARG C   O    doub N N 19  
ARG C   OXT  sing N N 20  
ARG CB  CG   sing N N 21  
ARG CB  HB2  sing N N 22  
ARG CB  HB3  sing N N 23  
ARG CG  CD   sing N N 24  
ARG CG  HG2  sing N N 25  
ARG CG  HG3  sing N N 26  
ARG CD  NE   sing N N 27  
ARG CD  HD2  sing N N 28  
ARG CD  HD3  sing N N 29  
ARG NE  CZ   sing N N 30  
ARG NE  HE   sing N N 31  
ARG CZ  NH1  sing N N 32  
ARG CZ  NH2  doub N N 33  
ARG NH1 HH11 sing N N 34  
ARG NH1 HH12 sing N N 35  
ARG NH2 HH21 sing N N 36  
ARG NH2 HH22 sing N N 37  
ARG OXT HXT  sing N N 38  
ASN N   CA   sing N N 39  
ASN N   H    sing N N 40  
ASN N   H2   sing N N 41  
ASN CA  C    sing N N 42  
ASN CA  CB   sing N N 43  
ASN CA  HA   sing N N 44  
ASN C   O    doub N N 45  
ASN C   OXT  sing N N 46  
ASN CB  CG   sing N N 47  
ASN CB  HB2  sing N N 48  
ASN CB  HB3  sing N N 49  
ASN CG  OD1  doub N N 50  
ASN CG  ND2  sing N N 51  
ASN ND2 HD21 sing N N 52  
ASN ND2 HD22 sing N N 53  
ASN OXT HXT  sing N N 54  
ASP N   CA   sing N N 55  
ASP N   H    sing N N 56  
ASP N   H2   sing N N 57  
ASP CA  C    sing N N 58  
ASP CA  CB   sing N N 59  
ASP CA  HA   sing N N 60  
ASP C   O    doub N N 61  
ASP C   OXT  sing N N 62  
ASP CB  CG   sing N N 63  
ASP CB  HB2  sing N N 64  
ASP CB  HB3  sing N N 65  
ASP CG  OD1  doub N N 66  
ASP CG  OD2  sing N N 67  
ASP OD2 HD2  sing N N 68  
ASP OXT HXT  sing N N 69  
CYS N   CA   sing N N 70  
CYS N   H    sing N N 71  
CYS N   H2   sing N N 72  
CYS CA  C    sing N N 73  
CYS CA  CB   sing N N 74  
CYS CA  HA   sing N N 75  
CYS C   O    doub N N 76  
CYS C   OXT  sing N N 77  
CYS CB  SG   sing N N 78  
CYS CB  HB2  sing N N 79  
CYS CB  HB3  sing N N 80  
CYS SG  HG   sing N N 81  
CYS OXT HXT  sing N N 82  
GLN N   CA   sing N N 83  
GLN N   H    sing N N 84  
GLN N   H2   sing N N 85  
GLN CA  C    sing N N 86  
GLN CA  CB   sing N N 87  
GLN CA  HA   sing N N 88  
GLN C   O    doub N N 89  
GLN C   OXT  sing N N 90  
GLN CB  CG   sing N N 91  
GLN CB  HB2  sing N N 92  
GLN CB  HB3  sing N N 93  
GLN CG  CD   sing N N 94  
GLN CG  HG2  sing N N 95  
GLN CG  HG3  sing N N 96  
GLN CD  OE1  doub N N 97  
GLN CD  NE2  sing N N 98  
GLN NE2 HE21 sing N N 99  
GLN NE2 HE22 sing N N 100 
GLN OXT HXT  sing N N 101 
GLU N   CA   sing N N 102 
GLU N   H    sing N N 103 
GLU N   H2   sing N N 104 
GLU CA  C    sing N N 105 
GLU CA  CB   sing N N 106 
GLU CA  HA   sing N N 107 
GLU C   O    doub N N 108 
GLU C   OXT  sing N N 109 
GLU CB  CG   sing N N 110 
GLU CB  HB2  sing N N 111 
GLU CB  HB3  sing N N 112 
GLU CG  CD   sing N N 113 
GLU CG  HG2  sing N N 114 
GLU CG  HG3  sing N N 115 
GLU CD  OE1  doub N N 116 
GLU CD  OE2  sing N N 117 
GLU OE2 HE2  sing N N 118 
GLU OXT HXT  sing N N 119 
GLY N   CA   sing N N 120 
GLY N   H    sing N N 121 
GLY N   H2   sing N N 122 
GLY CA  C    sing N N 123 
GLY CA  HA2  sing N N 124 
GLY CA  HA3  sing N N 125 
GLY C   O    doub N N 126 
GLY C   OXT  sing N N 127 
GLY OXT HXT  sing N N 128 
HIS N   CA   sing N N 129 
HIS N   H    sing N N 130 
HIS N   H2   sing N N 131 
HIS CA  C    sing N N 132 
HIS CA  CB   sing N N 133 
HIS CA  HA   sing N N 134 
HIS C   O    doub N N 135 
HIS C   OXT  sing N N 136 
HIS CB  CG   sing N N 137 
HIS CB  HB2  sing N N 138 
HIS CB  HB3  sing N N 139 
HIS CG  ND1  sing Y N 140 
HIS CG  CD2  doub Y N 141 
HIS ND1 CE1  doub Y N 142 
HIS ND1 HD1  sing N N 143 
HIS CD2 NE2  sing Y N 144 
HIS CD2 HD2  sing N N 145 
HIS CE1 NE2  sing Y N 146 
HIS CE1 HE1  sing N N 147 
HIS NE2 HE2  sing N N 148 
HIS OXT HXT  sing N N 149 
ILE N   CA   sing N N 150 
ILE N   H    sing N N 151 
ILE N   H2   sing N N 152 
ILE CA  C    sing N N 153 
ILE CA  CB   sing N N 154 
ILE CA  HA   sing N N 155 
ILE C   O    doub N N 156 
ILE C   OXT  sing N N 157 
ILE CB  CG1  sing N N 158 
ILE CB  CG2  sing N N 159 
ILE CB  HB   sing N N 160 
ILE CG1 CD1  sing N N 161 
ILE CG1 HG12 sing N N 162 
ILE CG1 HG13 sing N N 163 
ILE CG2 HG21 sing N N 164 
ILE CG2 HG22 sing N N 165 
ILE CG2 HG23 sing N N 166 
ILE CD1 HD11 sing N N 167 
ILE CD1 HD12 sing N N 168 
ILE CD1 HD13 sing N N 169 
ILE OXT HXT  sing N N 170 
LEU N   CA   sing N N 171 
LEU N   H    sing N N 172 
LEU N   H2   sing N N 173 
LEU CA  C    sing N N 174 
LEU CA  CB   sing N N 175 
LEU CA  HA   sing N N 176 
LEU C   O    doub N N 177 
LEU C   OXT  sing N N 178 
LEU CB  CG   sing N N 179 
LEU CB  HB2  sing N N 180 
LEU CB  HB3  sing N N 181 
LEU CG  CD1  sing N N 182 
LEU CG  CD2  sing N N 183 
LEU CG  HG   sing N N 184 
LEU CD1 HD11 sing N N 185 
LEU CD1 HD12 sing N N 186 
LEU CD1 HD13 sing N N 187 
LEU CD2 HD21 sing N N 188 
LEU CD2 HD22 sing N N 189 
LEU CD2 HD23 sing N N 190 
LEU OXT HXT  sing N N 191 
LYS N   CA   sing N N 192 
LYS N   H    sing N N 193 
LYS N   H2   sing N N 194 
LYS CA  C    sing N N 195 
LYS CA  CB   sing N N 196 
LYS CA  HA   sing N N 197 
LYS C   O    doub N N 198 
LYS C   OXT  sing N N 199 
LYS CB  CG   sing N N 200 
LYS CB  HB2  sing N N 201 
LYS CB  HB3  sing N N 202 
LYS CG  CD   sing N N 203 
LYS CG  HG2  sing N N 204 
LYS CG  HG3  sing N N 205 
LYS CD  CE   sing N N 206 
LYS CD  HD2  sing N N 207 
LYS CD  HD3  sing N N 208 
LYS CE  NZ   sing N N 209 
LYS CE  HE2  sing N N 210 
LYS CE  HE3  sing N N 211 
LYS NZ  HZ1  sing N N 212 
LYS NZ  HZ2  sing N N 213 
LYS NZ  HZ3  sing N N 214 
LYS OXT HXT  sing N N 215 
MET N   CA   sing N N 216 
MET N   H    sing N N 217 
MET N   H2   sing N N 218 
MET CA  C    sing N N 219 
MET CA  CB   sing N N 220 
MET CA  HA   sing N N 221 
MET C   O    doub N N 222 
MET C   OXT  sing N N 223 
MET CB  CG   sing N N 224 
MET CB  HB2  sing N N 225 
MET CB  HB3  sing N N 226 
MET CG  SD   sing N N 227 
MET CG  HG2  sing N N 228 
MET CG  HG3  sing N N 229 
MET SD  CE   sing N N 230 
MET CE  HE1  sing N N 231 
MET CE  HE2  sing N N 232 
MET CE  HE3  sing N N 233 
MET OXT HXT  sing N N 234 
PHE N   CA   sing N N 235 
PHE N   H    sing N N 236 
PHE N   H2   sing N N 237 
PHE CA  C    sing N N 238 
PHE CA  CB   sing N N 239 
PHE CA  HA   sing N N 240 
PHE C   O    doub N N 241 
PHE C   OXT  sing N N 242 
PHE CB  CG   sing N N 243 
PHE CB  HB2  sing N N 244 
PHE CB  HB3  sing N N 245 
PHE CG  CD1  doub Y N 246 
PHE CG  CD2  sing Y N 247 
PHE CD1 CE1  sing Y N 248 
PHE CD1 HD1  sing N N 249 
PHE CD2 CE2  doub Y N 250 
PHE CD2 HD2  sing N N 251 
PHE CE1 CZ   doub Y N 252 
PHE CE1 HE1  sing N N 253 
PHE CE2 CZ   sing Y N 254 
PHE CE2 HE2  sing N N 255 
PHE CZ  HZ   sing N N 256 
PHE OXT HXT  sing N N 257 
PRO N   CA   sing N N 258 
PRO N   CD   sing N N 259 
PRO N   H    sing N N 260 
PRO CA  C    sing N N 261 
PRO CA  CB   sing N N 262 
PRO CA  HA   sing N N 263 
PRO C   O    doub N N 264 
PRO C   OXT  sing N N 265 
PRO CB  CG   sing N N 266 
PRO CB  HB2  sing N N 267 
PRO CB  HB3  sing N N 268 
PRO CG  CD   sing N N 269 
PRO CG  HG2  sing N N 270 
PRO CG  HG3  sing N N 271 
PRO CD  HD2  sing N N 272 
PRO CD  HD3  sing N N 273 
PRO OXT HXT  sing N N 274 
SER N   CA   sing N N 275 
SER N   H    sing N N 276 
SER N   H2   sing N N 277 
SER CA  C    sing N N 278 
SER CA  CB   sing N N 279 
SER CA  HA   sing N N 280 
SER C   O    doub N N 281 
SER C   OXT  sing N N 282 
SER CB  OG   sing N N 283 
SER CB  HB2  sing N N 284 
SER CB  HB3  sing N N 285 
SER OG  HG   sing N N 286 
SER OXT HXT  sing N N 287 
THR N   CA   sing N N 288 
THR N   H    sing N N 289 
THR N   H2   sing N N 290 
THR CA  C    sing N N 291 
THR CA  CB   sing N N 292 
THR CA  HA   sing N N 293 
THR C   O    doub N N 294 
THR C   OXT  sing N N 295 
THR CB  OG1  sing N N 296 
THR CB  CG2  sing N N 297 
THR CB  HB   sing N N 298 
THR OG1 HG1  sing N N 299 
THR CG2 HG21 sing N N 300 
THR CG2 HG22 sing N N 301 
THR CG2 HG23 sing N N 302 
THR OXT HXT  sing N N 303 
TRP N   CA   sing N N 304 
TRP N   H    sing N N 305 
TRP N   H2   sing N N 306 
TRP CA  C    sing N N 307 
TRP CA  CB   sing N N 308 
TRP CA  HA   sing N N 309 
TRP C   O    doub N N 310 
TRP C   OXT  sing N N 311 
TRP CB  CG   sing N N 312 
TRP CB  HB2  sing N N 313 
TRP CB  HB3  sing N N 314 
TRP CG  CD1  doub Y N 315 
TRP CG  CD2  sing Y N 316 
TRP CD1 NE1  sing Y N 317 
TRP CD1 HD1  sing N N 318 
TRP CD2 CE2  doub Y N 319 
TRP CD2 CE3  sing Y N 320 
TRP NE1 CE2  sing Y N 321 
TRP NE1 HE1  sing N N 322 
TRP CE2 CZ2  sing Y N 323 
TRP CE3 CZ3  doub Y N 324 
TRP CE3 HE3  sing N N 325 
TRP CZ2 CH2  doub Y N 326 
TRP CZ2 HZ2  sing N N 327 
TRP CZ3 CH2  sing Y N 328 
TRP CZ3 HZ3  sing N N 329 
TRP CH2 HH2  sing N N 330 
TRP OXT HXT  sing N N 331 
TYR N   CA   sing N N 332 
TYR N   H    sing N N 333 
TYR N   H2   sing N N 334 
TYR CA  C    sing N N 335 
TYR CA  CB   sing N N 336 
TYR CA  HA   sing N N 337 
TYR C   O    doub N N 338 
TYR C   OXT  sing N N 339 
TYR CB  CG   sing N N 340 
TYR CB  HB2  sing N N 341 
TYR CB  HB3  sing N N 342 
TYR CG  CD1  doub Y N 343 
TYR CG  CD2  sing Y N 344 
TYR CD1 CE1  sing Y N 345 
TYR CD1 HD1  sing N N 346 
TYR CD2 CE2  doub Y N 347 
TYR CD2 HD2  sing N N 348 
TYR CE1 CZ   doub Y N 349 
TYR CE1 HE1  sing N N 350 
TYR CE2 CZ   sing Y N 351 
TYR CE2 HE2  sing N N 352 
TYR CZ  OH   sing N N 353 
TYR OH  HH   sing N N 354 
TYR OXT HXT  sing N N 355 
VAL N   CA   sing N N 356 
VAL N   H    sing N N 357 
VAL N   H2   sing N N 358 
VAL CA  C    sing N N 359 
VAL CA  CB   sing N N 360 
VAL CA  HA   sing N N 361 
VAL C   O    doub N N 362 
VAL C   OXT  sing N N 363 
VAL CB  CG1  sing N N 364 
VAL CB  CG2  sing N N 365 
VAL CB  HB   sing N N 366 
VAL CG1 HG11 sing N N 367 
VAL CG1 HG12 sing N N 368 
VAL CG1 HG13 sing N N 369 
VAL CG2 HG21 sing N N 370 
VAL CG2 HG22 sing N N 371 
VAL CG2 HG23 sing N N 372 
VAL OXT HXT  sing N N 373 
# 
_em_ctf_correction.id                       1 
_em_ctf_correction.em_image_processing_id   1 
_em_ctf_correction.type                     'PHASE FLIPPING AND AMPLITUDE CORRECTION' 
_em_ctf_correction.details                  ? 
# 
_em_entity_assembly_molwt.entity_assembly_id   1 
_em_entity_assembly_molwt.id                   1 
_em_entity_assembly_molwt.experimental_flag    NO 
_em_entity_assembly_molwt.units                ? 
_em_entity_assembly_molwt.value                ? 
# 
_em_entity_assembly_naturalsource.id                   2 
_em_entity_assembly_naturalsource.entity_assembly_id   1 
_em_entity_assembly_naturalsource.cell                 ? 
_em_entity_assembly_naturalsource.cellular_location    ? 
_em_entity_assembly_naturalsource.ncbi_tax_id          208964 
_em_entity_assembly_naturalsource.organ                ? 
_em_entity_assembly_naturalsource.organelle            ? 
_em_entity_assembly_naturalsource.organism             'Pseudomonas aeruginosa PAO1' 
_em_entity_assembly_naturalsource.strain               ? 
_em_entity_assembly_naturalsource.tissue               ? 
# 
_em_entity_assembly_recombinant.id                   2 
_em_entity_assembly_recombinant.entity_assembly_id   1 
_em_entity_assembly_recombinant.cell                 ? 
_em_entity_assembly_recombinant.ncbi_tax_id          469008 
_em_entity_assembly_recombinant.organism             'Escherichia coli BL21(DE3)' 
_em_entity_assembly_recombinant.plasmid              pET28a 
_em_entity_assembly_recombinant.strain               ? 
# 
_em_image_processing.id                   1 
_em_image_processing.image_recording_id   1 
_em_image_processing.details              ? 
# 
_em_image_recording.id                                  1 
_em_image_recording.imaging_id                          1 
_em_image_recording.avg_electron_dose_per_image         31 
_em_image_recording.average_exposure_time               1 
_em_image_recording.details                             ? 
_em_image_recording.detector_mode                       ? 
_em_image_recording.film_or_detector_model              'GATAN K3 BIOQUANTUM (6k x 4k)' 
_em_image_recording.num_diffraction_images              ? 
_em_image_recording.num_grids_imaged                    1 
_em_image_recording.num_real_images                     8056 
_em_image_recording.avg_electron_dose_per_subtomogram   ? 
# 
_em_particle_selection.id                       1 
_em_particle_selection.image_processing_id      1 
_em_particle_selection.details                  ? 
_em_particle_selection.method                   ? 
_em_particle_selection.num_particles_selected   878576 
_em_particle_selection.reference_model          ? 
# 
loop_
_em_software.id 
_em_software.category 
_em_software.details 
_em_software.name 
_em_software.version 
_em_software.image_processing_id 
_em_software.fitting_id 
_em_software.imaging_id 
1  'PARTICLE SELECTION'       ? cryoSPARC 3.1.0   1 ? ? 
2  'IMAGE ACQUISITION'        ? EPU       2.11.1  ? ? 1 
3  MASKING                    ? ?         ?       ? ? ? 
4  'CTF CORRECTION'           ? cryoSPARC 3.1.0   1 ? ? 
5  'LAYERLINE INDEXING'       ? ?         ?       ? ? ? 
6  'DIFFRACTION INDEXING'     ? ?         ?       ? ? ? 
7  'MODEL FITTING'            ? Coot      0.8.9.1 ? 1 ? 
8  OTHER                      ? ?         ?       ? ? ? 
9  'INITIAL EULER ASSIGNMENT' ? cryoSPARC 3.1.0   1 ? ? 
10 'FINAL EULER ASSIGNMENT'   ? cryoSPARC 3.1.0   1 ? ? 
11 CLASSIFICATION             ? cryoSPARC 3.1.0   1 ? ? 
12 RECONSTRUCTION             ? cryoSPARC 3.1.0   1 ? ? 
13 'MODEL REFINEMENT'         ? PHENIX    1.19.2  ? 1 ? 
# 
_em_specimen.id                      1 
_em_specimen.experiment_id           1 
_em_specimen.concentration           ? 
_em_specimen.details                 ? 
_em_specimen.embedding_applied       NO 
_em_specimen.shadowing_applied       NO 
_em_specimen.staining_applied        NO 
_em_specimen.vitrification_applied   YES 
# 
loop_
_pdbx_audit_support.funding_organization 
_pdbx_audit_support.country 
_pdbx_audit_support.grant_number 
_pdbx_audit_support.ordinal 
'National Institutes of Health/National Institute of General Medical Sciences (NIH/NIGMS)' 'United States' R01GM136936     1 
'Robert A. Welch Foundation'                                                               'United States' H-2032-20200401 2 
# 
_atom_sites.entry_id                    7UIU 
_atom_sites.Cartn_transf_matrix[1][1]   ? 
_atom_sites.Cartn_transf_matrix[1][2]   ? 
_atom_sites.Cartn_transf_matrix[1][3]   ? 
_atom_sites.Cartn_transf_matrix[2][1]   ? 
_atom_sites.Cartn_transf_matrix[2][2]   ? 
_atom_sites.Cartn_transf_matrix[2][3]   ? 
_atom_sites.Cartn_transf_matrix[3][1]   ? 
_atom_sites.Cartn_transf_matrix[3][2]   ? 
_atom_sites.Cartn_transf_matrix[3][3]   ? 
_atom_sites.Cartn_transf_vector[1]      ? 
_atom_sites.Cartn_transf_vector[2]      ? 
_atom_sites.Cartn_transf_vector[3]      ? 
_atom_sites.fract_transf_matrix[1][1]   1.000000 
_atom_sites.fract_transf_matrix[1][2]   0.000000 
_atom_sites.fract_transf_matrix[1][3]   0.000000 
_atom_sites.fract_transf_matrix[2][1]   0.000000 
_atom_sites.fract_transf_matrix[2][2]   1.000000 
_atom_sites.fract_transf_matrix[2][3]   0.000000 
_atom_sites.fract_transf_matrix[3][1]   0.000000 
_atom_sites.fract_transf_matrix[3][2]   0.000000 
_atom_sites.fract_transf_matrix[3][3]   1.000000 
_atom_sites.fract_transf_vector[1]      0.00000 
_atom_sites.fract_transf_vector[2]      0.00000 
_atom_sites.fract_transf_vector[3]      0.00000 
_atom_sites.solution_primary            ? 
_atom_sites.solution_secondary          ? 
_atom_sites.solution_hydrogens          ? 
_atom_sites.special_details             ? 
# 
loop_
_atom_type.symbol 
C 
N 
O 
S 
# 
loop_
_atom_site.group_PDB 
_atom_site.id 
_atom_site.type_symbol 
_atom_site.label_atom_id 
_atom_site.label_alt_id 
_atom_site.label_comp_id 
_atom_site.label_asym_id 
_atom_site.label_entity_id 
_atom_site.label_seq_id 
_atom_site.pdbx_PDB_ins_code 
_atom_site.Cartn_x 
_atom_site.Cartn_y 
_atom_site.Cartn_z 
_atom_site.occupancy 
_atom_site.B_iso_or_equiv 
_atom_site.pdbx_formal_charge 
_atom_site.auth_seq_id 
_atom_site.auth_comp_id 
_atom_site.auth_asym_id 
_atom_site.auth_atom_id 
_atom_site.pdbx_PDB_model_num 
ATOM 1   N N   . HIS A 1 248 ? -24.206 6.348   -22.280 1.00 50.89 ? 248 HIS x N   1 
ATOM 2   C CA  . HIS A 1 248 ? -23.008 6.366   -21.450 1.00 50.89 ? 248 HIS x CA  1 
ATOM 3   C C   . HIS A 1 248 ? -23.067 7.469   -20.415 1.00 50.89 ? 248 HIS x C   1 
ATOM 4   O O   . HIS A 1 248 ? -22.133 8.253   -20.285 1.00 50.89 ? 248 HIS x O   1 
ATOM 5   C CB  . HIS A 1 248 ? -21.757 6.537   -22.310 1.00 50.89 ? 248 HIS x CB  1 
ATOM 6   C CG  . HIS A 1 248 ? -21.814 5.799   -23.609 1.00 50.89 ? 248 HIS x CG  1 
ATOM 7   N ND1 . HIS A 1 248 ? -22.033 4.442   -23.683 1.00 50.89 ? 248 HIS x ND1 1 
ATOM 8   C CD2 . HIS A 1 248 ? -21.683 6.229   -24.885 1.00 50.89 ? 248 HIS x CD2 1 
ATOM 9   C CE1 . HIS A 1 248 ? -22.036 4.067   -24.948 1.00 50.89 ? 248 HIS x CE1 1 
ATOM 10  N NE2 . HIS A 1 248 ? -21.827 5.133   -25.698 1.00 50.89 ? 248 HIS x NE2 1 
ATOM 11  N N   . GLY A 1 249 ? -24.173 7.528   -19.683 1.00 50.46 ? 249 GLY x N   1 
ATOM 12  C CA  . GLY A 1 249 ? -24.348 8.505   -18.635 1.00 50.46 ? 249 GLY x CA  1 
ATOM 13  C C   . GLY A 1 249 ? -23.709 8.066   -17.333 1.00 50.46 ? 249 GLY x C   1 
ATOM 14  O O   . GLY A 1 249 ? -23.008 7.057   -17.246 1.00 50.46 ? 249 GLY x O   1 
ATOM 15  N N   . PHE A 1 250 ? -23.976 8.846   -16.294 1.00 49.52 ? 250 PHE x N   1 
ATOM 16  C CA  . PHE A 1 250 ? -23.358 8.647   -14.993 1.00 49.52 ? 250 PHE x CA  1 
ATOM 17  C C   . PHE A 1 250 ? -24.143 7.622   -14.184 1.00 49.52 ? 250 PHE x C   1 
ATOM 18  O O   . PHE A 1 250 ? -25.334 7.807   -13.922 1.00 49.52 ? 250 PHE x O   1 
ATOM 19  C CB  . PHE A 1 250 ? -23.279 9.981   -14.251 1.00 49.52 ? 250 PHE x CB  1 
ATOM 20  C CG  . PHE A 1 250 ? -22.984 9.854   -12.785 1.00 49.52 ? 250 PHE x CG  1 
ATOM 21  C CD1 . PHE A 1 250 ? -21.702 9.595   -12.343 1.00 49.52 ? 250 PHE x CD1 1 
ATOM 22  C CD2 . PHE A 1 250 ? -23.984 10.025  -11.848 1.00 49.52 ? 250 PHE x CD2 1 
ATOM 23  C CE1 . PHE A 1 250 ? -21.425 9.494   -11.002 1.00 49.52 ? 250 PHE x CE1 1 
ATOM 24  C CE2 . PHE A 1 250 ? -23.711 9.920   -10.507 1.00 49.52 ? 250 PHE x CE2 1 
ATOM 25  C CZ  . PHE A 1 250 ? -22.430 9.652   -10.085 1.00 49.52 ? 250 PHE x CZ  1 
ATOM 26  N N   . GLN A 1 251 ? -23.472 6.537   -13.799 1.00 53.98 ? 251 GLN x N   1 
ATOM 27  C CA  . GLN A 1 251 ? -24.039 5.515   -12.923 1.00 53.98 ? 251 GLN x CA  1 
ATOM 28  C C   . GLN A 1 251 ? -23.381 5.672   -11.560 1.00 53.98 ? 251 GLN x C   1 
ATOM 29  O O   . GLN A 1 251 ? -22.178 5.428   -11.419 1.00 53.98 ? 251 GLN x O   1 
ATOM 30  C CB  . GLN A 1 251 ? -23.804 4.104   -13.466 1.00 53.98 ? 251 GLN x CB  1 
ATOM 31  C CG  . GLN A 1 251 ? -24.517 3.759   -14.761 1.00 53.98 ? 251 GLN x CG  1 
ATOM 32  C CD  . GLN A 1 251 ? -23.781 4.258   -15.987 1.00 53.98 ? 251 GLN x CD  1 
ATOM 33  O OE1 . GLN A 1 251 ? -22.598 4.582   -15.920 1.00 53.98 ? 251 GLN x OE1 1 
ATOM 34  N NE2 . GLN A 1 251 ? -24.473 4.297   -17.122 1.00 53.98 ? 251 GLN x NE2 1 
ATOM 35  N N   . ASN A 1 252 ? -24.159 6.064   -10.563 1.00 58.84 ? 252 ASN x N   1 
ATOM 36  C CA  . ASN A 1 252 ? -23.590 6.354   -9.255  1.00 58.84 ? 252 ASN x CA  1 
ATOM 37  C C   . ASN A 1 252 ? -23.003 5.106   -8.597  1.00 58.84 ? 252 ASN x C   1 
ATOM 38  O O   . ASN A 1 252 ? -23.696 4.088   -8.472  1.00 58.84 ? 252 ASN x O   1 
ATOM 39  C CB  . ASN A 1 252 ? -24.632 7.038   -8.364  1.00 58.84 ? 252 ASN x CB  1 
ATOM 40  C CG  . ASN A 1 252 ? -25.887 6.212   -8.147  1.00 58.84 ? 252 ASN x CG  1 
ATOM 41  O OD1 . ASN A 1 252 ? -25.990 5.066   -8.572  1.00 58.84 ? 252 ASN x OD1 1 
ATOM 42  N ND2 . ASN A 1 252 ? -26.862 6.808   -7.474  1.00 58.84 ? 252 ASN x ND2 1 
ATOM 43  N N   . PRO A 1 253 ? -21.732 5.128   -8.207  1.00 59.24 ? 253 PRO x N   1 
ATOM 44  C CA  . PRO A 1 253 ? -21.123 3.933   -7.619  1.00 59.24 ? 253 PRO x CA  1 
ATOM 45  C C   . PRO A 1 253 ? -21.763 3.584   -6.288  1.00 59.24 ? 253 PRO x C   1 
ATOM 46  O O   . PRO A 1 253 ? -22.230 4.453   -5.548  1.00 59.24 ? 253 PRO x O   1 
ATOM 47  C CB  . PRO A 1 253 ? -19.652 4.330   -7.445  1.00 59.24 ? 253 PRO x CB  1 
ATOM 48  C CG  . PRO A 1 253 ? -19.451 5.489   -8.368  1.00 59.24 ? 253 PRO x CG  1 
ATOM 49  C CD  . PRO A 1 253 ? -20.757 6.213   -8.394  1.00 59.24 ? 253 PRO x CD  1 
ATOM 50  N N   . THR A 1 254 ? -21.776 2.290   -5.985  1.00 66.29 ? 254 THR x N   1 
ATOM 51  C CA  . THR A 1 254 ? -22.413 1.777   -4.781  1.00 66.29 ? 254 THR x CA  1 
ATOM 52  C C   . THR A 1 254 ? -21.414 1.321   -3.729  1.00 66.29 ? 254 THR x C   1 
ATOM 53  O O   . THR A 1 254 ? -21.497 1.746   -2.573  1.00 66.29 ? 254 THR x O   1 
ATOM 54  C CB  . THR A 1 254 ? -23.351 0.619   -5.142  1.00 66.29 ? 254 THR x CB  1 
ATOM 55  O OG1 . THR A 1 254 ? -22.653 -0.327  -5.962  1.00 66.29 ? 254 THR x OG1 1 
ATOM 56  C CG2 . THR A 1 254 ? -24.561 1.141   -5.899  1.00 66.29 ? 254 THR x CG2 1 
ATOM 57  N N   . GLY A 1 255 ? -20.461 0.468   -4.100  1.00 68.68 ? 255 GLY x N   1 
ATOM 58  C CA  . GLY A 1 255 ? -19.503 -0.046  -3.152  1.00 68.68 ? 255 GLY x CA  1 
ATOM 59  C C   . GLY A 1 255 ? -18.397 0.941   -2.860  1.00 68.68 ? 255 GLY x C   1 
ATOM 60  O O   . GLY A 1 255 ? -18.379 2.079   -3.344  1.00 68.68 ? 255 GLY x O   1 
ATOM 61  N N   . PRO A 1 256 ? -17.442 0.503   -2.042  1.00 69.27 ? 256 PRO x N   1 
ATOM 62  C CA  . PRO A 1 256 ? -16.291 1.358   -1.728  1.00 69.27 ? 256 PRO x CA  1 
ATOM 63  C C   . PRO A 1 256 ? -15.335 1.493   -2.901  1.00 69.27 ? 256 PRO x C   1 
ATOM 64  O O   . PRO A 1 256 ? -15.622 1.018   -4.004  1.00 69.27 ? 256 PRO x O   1 
ATOM 65  C CB  . PRO A 1 256 ? -15.636 0.639   -0.545  1.00 69.27 ? 256 PRO x CB  1 
ATOM 66  C CG  . PRO A 1 256 ? -16.024 -0.782  -0.713  1.00 69.27 ? 256 PRO x CG  1 
ATOM 67  C CD  . PRO A 1 256 ? -17.395 -0.780  -1.323  1.00 69.27 ? 256 PRO x CD  1 
ATOM 68  N N   . ILE A 1 257 ? -14.200 2.146   -2.679  1.00 66.84 ? 257 ILE x N   1 
ATOM 69  C CA  . ILE A 1 257 ? -13.217 2.379   -3.728  1.00 66.84 ? 257 ILE x CA  1 
ATOM 70  C C   . ILE A 1 257 ? -12.016 1.473   -3.500  1.00 66.84 ? 257 ILE x C   1 
ATOM 71  O O   . ILE A 1 257 ? -11.680 1.120   -2.365  1.00 66.84 ? 257 ILE x O   1 
ATOM 72  C CB  . ILE A 1 257 ? -12.796 3.863   -3.791  1.00 66.84 ? 257 ILE x CB  1 
ATOM 73  C CG1 . ILE A 1 257 ? -11.784 4.191   -2.696  1.00 66.84 ? 257 ILE x CG1 1 
ATOM 74  C CG2 . ILE A 1 257 ? -14.008 4.761   -3.661  1.00 66.84 ? 257 ILE x CG2 1 
ATOM 75  C CD1 . ILE A 1 257 ? -11.234 5.593   -2.786  1.00 66.84 ? 257 ILE x CD1 1 
ATOM 76  N N   . VAL A 1 258 ? -11.384 1.074   -4.601  1.00 61.12 ? 258 VAL x N   1 
ATOM 77  C CA  . VAL A 1 258 ? -10.175 0.260   -4.576  1.00 61.12 ? 258 VAL x CA  1 
ATOM 78  C C   . VAL A 1 258 ? -9.117  0.953   -5.421  1.00 61.12 ? 258 VAL x C   1 
ATOM 79  O O   . VAL A 1 258 ? -9.429  1.555   -6.454  1.00 61.12 ? 258 VAL x O   1 
ATOM 80  C CB  . VAL A 1 258 ? -10.432 -1.178  -5.078  1.00 61.12 ? 258 VAL x CB  1 
ATOM 81  C CG1 . VAL A 1 258 ? -11.545 -1.831  -4.277  1.00 61.12 ? 258 VAL x CG1 1 
ATOM 82  C CG2 . VAL A 1 258 ? -10.774 -1.187  -6.560  1.00 61.12 ? 258 VAL x CG2 1 
ATOM 83  N N   . ARG A 1 259 ? -7.870  0.888   -4.973  1.00 57.81 ? 259 ARG x N   1 
ATOM 84  C CA  . ARG A 1 259 ? -6.761  1.532   -5.656  1.00 57.81 ? 259 ARG x CA  1 
ATOM 85  C C   . ARG A 1 259 ? -5.678  0.503   -5.944  1.00 57.81 ? 259 ARG x C   1 
ATOM 86  O O   . ARG A 1 259 ? -5.652  -0.588  -5.373  1.00 57.81 ? 259 ARG x O   1 
ATOM 87  C CB  . ARG A 1 259 ? -6.183  2.692   -4.829  1.00 57.81 ? 259 ARG x CB  1 
ATOM 88  C CG  . ARG A 1 259 ? -7.217  3.667   -4.294  1.00 57.81 ? 259 ARG x CG  1 
ATOM 89  C CD  . ARG A 1 259 ? -7.561  4.728   -5.322  1.00 57.81 ? 259 ARG x CD  1 
ATOM 90  N NE  . ARG A 1 259 ? -8.515  5.704   -4.808  1.00 57.81 ? 259 ARG x NE  1 
ATOM 91  C CZ  . ARG A 1 259 ? -8.888  6.802   -5.450  1.00 57.81 ? 259 ARG x CZ  1 
ATOM 92  N NH1 . ARG A 1 259 ? -8.428  7.090   -6.653  1.00 57.81 ? 259 ARG x NH1 1 
ATOM 93  N NH2 . ARG A 1 259 ? -9.749  7.629   -4.870  1.00 57.81 ? 259 ARG x NH2 1 
ATOM 94  N N   . GLU A 1 260 ? -4.780  0.861   -6.854  1.00 60.02 ? 260 GLU x N   1 
ATOM 95  C CA  . GLU A 1 260 ? -3.597  0.062   -7.151  1.00 60.02 ? 260 GLU x CA  1 
ATOM 96  C C   . GLU A 1 260 ? -2.441  0.642   -6.344  1.00 60.02 ? 260 GLU x C   1 
ATOM 97  O O   . GLU A 1 260 ? -1.822  1.628   -6.747  1.00 60.02 ? 260 GLU x O   1 
ATOM 98  C CB  . GLU A 1 260 ? -3.300  0.062   -8.645  1.00 60.02 ? 260 GLU x CB  1 
ATOM 99  N N   . VAL A 1 261 ? -2.154  0.028   -5.201  1.00 59.03 ? 261 VAL x N   1 
ATOM 100 C CA  . VAL A 1 261 ? -1.104  0.494   -4.306  1.00 59.03 ? 261 VAL x CA  1 
ATOM 101 C C   . VAL A 1 261 ? 0.230   -0.050  -4.795  1.00 59.03 ? 261 VAL x C   1 
ATOM 102 O O   . VAL A 1 261 ? 0.451   -1.265  -4.793  1.00 59.03 ? 261 VAL x O   1 
ATOM 103 C CB  . VAL A 1 261 ? -1.377  0.057   -2.861  1.00 59.03 ? 261 VAL x CB  1 
ATOM 104 C CG1 . VAL A 1 261 ? -0.292  0.568   -1.935  1.00 59.03 ? 261 VAL x CG1 1 
ATOM 105 C CG2 . VAL A 1 261 ? -2.736  0.543   -2.407  1.00 59.03 ? 261 VAL x CG2 1 
ATOM 106 N N   . ASN A 1 262 ? 1.122   0.845   -5.206  1.00 59.55 ? 262 ASN x N   1 
ATOM 107 C CA  . ASN A 1 262 ? 2.466   0.481   -5.635  1.00 59.55 ? 262 ASN x CA  1 
ATOM 108 C C   . ASN A 1 262 ? 3.411   0.646   -4.456  1.00 59.55 ? 262 ASN x C   1 
ATOM 109 O O   . ASN A 1 262 ? 3.590   1.759   -3.953  1.00 59.55 ? 262 ASN x O   1 
ATOM 110 C CB  . ASN A 1 262 ? 2.926   1.345   -6.805  1.00 59.55 ? 262 ASN x CB  1 
ATOM 111 C CG  . ASN A 1 262 ? 2.019   1.231   -8.004  1.00 59.55 ? 262 ASN x CG  1 
ATOM 112 O OD1 . ASN A 1 262 ? 1.491   0.161   -8.299  1.00 59.55 ? 262 ASN x OD1 1 
ATOM 113 N ND2 . ASN A 1 262 ? 1.837   2.336   -8.712  1.00 59.55 ? 262 ASN x ND2 1 
ATOM 114 N N   . ILE A 1 263 ? 4.026   -0.453  -4.030  1.00 60.48 ? 263 ILE x N   1 
ATOM 115 C CA  . ILE A 1 263 ? 4.885   -0.475  -2.853  1.00 60.48 ? 263 ILE x CA  1 
ATOM 116 C C   . ILE A 1 263 ? 6.305   -0.773  -3.304  1.00 60.48 ? 263 ILE x C   1 
ATOM 117 O O   . ILE A 1 263 ? 6.534   -1.722  -4.061  1.00 60.48 ? 263 ILE x O   1 
ATOM 118 C CB  . ILE A 1 263 ? 4.404   -1.510  -1.823  1.00 60.48 ? 263 ILE x CB  1 
ATOM 119 C CG1 . ILE A 1 263 ? 2.960   -1.224  -1.431  1.00 60.48 ? 263 ILE x CG1 1 
ATOM 120 C CG2 . ILE A 1 263 ? 5.287   -1.494  -0.599  1.00 60.48 ? 263 ILE x CG2 1 
ATOM 121 C CD1 . ILE A 1 263 ? 2.384   -2.235  -0.489  1.00 60.48 ? 263 ILE x CD1 1 
ATOM 122 N N   . GLY A 1 264 ? 7.247   0.037   -2.845  1.00 64.04 ? 264 GLY x N   1 
ATOM 123 C CA  . GLY A 1 264 ? 8.641   -0.043  -3.232  1.00 64.04 ? 264 GLY x CA  1 
ATOM 124 C C   . GLY A 1 264 ? 9.400   -1.088  -2.444  1.00 64.04 ? 264 GLY x C   1 
ATOM 125 O O   . GLY A 1 264 ? 9.016   -2.260  -2.396  1.00 64.04 ? 264 GLY x O   1 
ATOM 126 N N   . GLU A 1 265 ? 10.532  -0.674  -1.874  1.00 62.26 ? 265 GLU x N   1 
ATOM 127 C CA  . GLU A 1 265 ? 11.228  -1.520  -0.910  1.00 62.26 ? 265 GLU x CA  1 
ATOM 128 C C   . GLU A 1 265 ? 10.841  -1.145  0.513   1.00 62.26 ? 265 GLU x C   1 
ATOM 129 O O   . GLU A 1 265 ? 10.843  -1.993  1.413   1.00 62.26 ? 265 GLU x O   1 
ATOM 130 C CB  . GLU A 1 265 ? 12.739  -1.415  -1.107  1.00 62.26 ? 265 GLU x CB  1 
ATOM 131 N N   . THR A 1 266 ? 10.522  0.126   0.735   1.00 59.62 ? 266 THR x N   1 
ATOM 132 C CA  . THR A 1 266 ? 9.961   0.589   1.994   1.00 59.62 ? 266 THR x CA  1 
ATOM 133 C C   . THR A 1 266 ? 9.117   1.817   1.697   1.00 59.62 ? 266 THR x C   1 
ATOM 134 O O   . THR A 1 266 ? 9.267   2.454   0.651   1.00 59.62 ? 266 THR x O   1 
ATOM 135 C CB  . THR A 1 266 ? 11.046  0.913   3.029   1.00 59.62 ? 266 THR x CB  1 
ATOM 136 N N   . ILE A 1 267 ? 8.218   2.143   2.620   1.00 55.67 ? 267 ILE x N   1 
ATOM 137 C CA  . ILE A 1 267 ? 7.306   3.261   2.405   1.00 55.67 ? 267 ILE x CA  1 
ATOM 138 C C   . ILE A 1 267 ? 6.922   3.846   3.753   1.00 55.67 ? 267 ILE x C   1 
ATOM 139 O O   . ILE A 1 267 ? 6.716   3.115   4.724   1.00 55.67 ? 267 ILE x O   1 
ATOM 140 C CB  . ILE A 1 267 ? 6.067   2.814   1.596   1.00 55.67 ? 267 ILE x CB  1 
ATOM 141 C CG1 . ILE A 1 267 ? 5.212   4.015   1.199   1.00 55.67 ? 267 ILE x CG1 1 
ATOM 142 C CG2 . ILE A 1 267 ? 5.247   1.801   2.370   1.00 55.67 ? 267 ILE x CG2 1 
ATOM 143 C CD1 . ILE A 1 267 ? 4.212   3.707   0.119   1.00 55.67 ? 267 ILE x CD1 1 
ATOM 144 N N   . THR A 1 268 ? 6.853   5.169   3.827   1.00 55.05 ? 268 THR x N   1 
ATOM 145 C CA  . THR A 1 268 ? 6.323   5.798   5.025   1.00 55.05 ? 268 THR x CA  1 
ATOM 146 C C   . THR A 1 268 ? 4.812   5.634   5.057   1.00 55.05 ? 268 THR x C   1 
ATOM 147 O O   . THR A 1 268 ? 4.148   5.697   4.021   1.00 55.05 ? 268 THR x O   1 
ATOM 148 C CB  . THR A 1 268 ? 6.690   7.274   5.073   1.00 55.05 ? 268 THR x CB  1 
ATOM 149 O OG1 . THR A 1 268 ? 6.368   7.884   3.821   1.00 55.05 ? 268 THR x OG1 1 
ATOM 150 C CG2 . THR A 1 268 ? 8.169   7.438   5.338   1.00 55.05 ? 268 THR x CG2 1 
ATOM 151 N N   . VAL A 1 269 ? 4.265   5.431   6.257   1.00 52.95 ? 269 VAL x N   1 
ATOM 152 C CA  . VAL A 1 269 ? 2.838   5.169   6.382   1.00 52.95 ? 269 VAL x CA  1 
ATOM 153 C C   . VAL A 1 269 ? 2.015   6.338   5.863   1.00 52.95 ? 269 VAL x C   1 
ATOM 154 O O   . VAL A 1 269 ? 0.855   6.158   5.481   1.00 52.95 ? 269 VAL x O   1 
ATOM 155 C CB  . VAL A 1 269 ? 2.488   4.832   7.845   1.00 52.95 ? 269 VAL x CB  1 
ATOM 156 C CG1 . VAL A 1 269 ? 2.656   6.029   8.709   1.00 52.95 ? 269 VAL x CG1 1 
ATOM 157 C CG2 . VAL A 1 269 ? 1.083   4.300   7.958   1.00 52.95 ? 269 VAL x CG2 1 
ATOM 158 N N   . ALA A 1 270 ? 2.596   7.538   5.812   1.00 51.08 ? 270 ALA x N   1 
ATOM 159 C CA  . ALA A 1 270 ? 1.912   8.668   5.192   1.00 51.08 ? 270 ALA x CA  1 
ATOM 160 C C   . ALA A 1 270 ? 1.675   8.425   3.705   1.00 51.08 ? 270 ALA x C   1 
ATOM 161 O O   . ALA A 1 270 ? 0.572   8.652   3.198   1.00 51.08 ? 270 ALA x O   1 
ATOM 162 C CB  . ALA A 1 270 ? 2.715   9.948   5.408   1.00 51.08 ? 270 ALA x CB  1 
ATOM 163 N N   . GLU A 1 271 ? 2.697   7.953   2.987   1.00 51.64 ? 271 GLU x N   1 
ATOM 164 C CA  . GLU A 1 271 ? 2.520   7.673   1.564   1.00 51.64 ? 271 GLU x CA  1 
ATOM 165 C C   . GLU A 1 271 ? 1.585   6.493   1.344   1.00 51.64 ? 271 GLU x C   1 
ATOM 166 O O   . GLU A 1 271 ? 0.837   6.460   0.360   1.00 51.64 ? 271 GLU x O   1 
ATOM 167 C CB  . GLU A 1 271 ? 3.864   7.411   0.891   1.00 51.64 ? 271 GLU x CB  1 
ATOM 168 C CG  . GLU A 1 271 ? 4.879   8.516   1.057   1.00 51.64 ? 271 GLU x CG  1 
ATOM 169 C CD  . GLU A 1 271 ? 6.302   8.026   0.870   1.00 51.64 ? 271 GLU x CD  1 
ATOM 170 O OE1 . GLU A 1 271 ? 7.176   8.414   1.672   1.00 51.64 ? 271 GLU x OE1 1 
ATOM 171 O OE2 . GLU A 1 271 ? 6.547   7.252   -0.079  1.00 51.64 ? 271 GLU x OE2 1 
ATOM 172 N N   . LEU A 1 272 ? 1.628   5.507   2.239   1.00 49.13 ? 272 LEU x N   1 
ATOM 173 C CA  . LEU A 1 272 ? 0.709   4.382   2.140   1.00 49.13 ? 272 LEU x CA  1 
ATOM 174 C C   . LEU A 1 272 ? -0.730  4.838   2.310   1.00 49.13 ? 272 LEU x C   1 
ATOM 175 O O   . LEU A 1 272 ? -1.625  4.373   1.598   1.00 49.13 ? 272 LEU x O   1 
ATOM 176 C CB  . LEU A 1 272 ? 1.070   3.326   3.179   1.00 49.13 ? 272 LEU x CB  1 
ATOM 177 C CG  . LEU A 1 272 ? 0.249   2.036   3.177   1.00 49.13 ? 272 LEU x CG  1 
ATOM 178 C CD1 . LEU A 1 272 ? 0.728   1.091   2.094   1.00 49.13 ? 272 LEU x CD1 1 
ATOM 179 C CD2 . LEU A 1 272 ? 0.317   1.372   4.532   1.00 49.13 ? 272 LEU x CD2 1 
ATOM 180 N N   . ALA A 1 273 ? -0.972  5.755   3.247   1.00 50.66 ? 273 ALA x N   1 
ATOM 181 C CA  . ALA A 1 273 ? -2.305  6.323   3.401   1.00 50.66 ? 273 ALA x CA  1 
ATOM 182 C C   . ALA A 1 273 ? -2.691  7.157   2.188   1.00 50.66 ? 273 ALA x C   1 
ATOM 183 O O   . ALA A 1 273 ? -3.859  7.174   1.786   1.00 50.66 ? 273 ALA x O   1 
ATOM 184 C CB  . ALA A 1 273 ? -2.369  7.163   4.672   1.00 50.66 ? 273 ALA x CB  1 
ATOM 185 N N   . ALA A 1 274 ? -1.726  7.863   1.602   1.00 50.66 ? 274 ALA x N   1 
ATOM 186 C CA  . ALA A 1 274 ? -2.011  8.668   0.420   1.00 50.66 ? 274 ALA x CA  1 
ATOM 187 C C   . ALA A 1 274 ? -2.453  7.803   -0.748  1.00 50.66 ? 274 ALA x C   1 
ATOM 188 O O   . ALA A 1 274 ? -3.379  8.164   -1.481  1.00 50.66 ? 274 ALA x O   1 
ATOM 189 C CB  . ALA A 1 274 ? -0.784  9.488   0.036   1.00 50.66 ? 274 ALA x CB  1 
ATOM 190 N N   . GLN A 1 275 ? -1.795  6.660   -0.948  1.00 51.78 ? 275 GLN x N   1 
ATOM 191 C CA  . GLN A 1 275 ? -2.079  5.839   -2.121  1.00 51.78 ? 275 GLN x CA  1 
ATOM 192 C C   . GLN A 1 275 ? -3.381  5.056   -2.005  1.00 51.78 ? 275 GLN x C   1 
ATOM 193 O O   . GLN A 1 275 ? -3.900  4.599   -3.025  1.00 51.78 ? 275 GLN x O   1 
ATOM 194 C CB  . GLN A 1 275 ? -0.924  4.879   -2.383  1.00 51.78 ? 275 GLN x CB  1 
ATOM 195 C CG  . GLN A 1 275 ? 0.266   5.515   -3.065  1.00 51.78 ? 275 GLN x CG  1 
ATOM 196 C CD  . GLN A 1 275 ? 1.285   4.492   -3.501  1.00 51.78 ? 275 GLN x CD  1 
ATOM 197 O OE1 . GLN A 1 275 ? 1.158   3.309   -3.195  1.00 51.78 ? 275 GLN x OE1 1 
ATOM 198 N NE2 . GLN A 1 275 ? 2.300   4.938   -4.228  1.00 51.78 ? 275 GLN x NE2 1 
ATOM 199 N N   . MET A 1 276 ? -3.909  4.872   -0.800  1.00 51.80 ? 276 MET x N   1 
ATOM 200 C CA  . MET A 1 276 ? -5.195  4.219   -0.612  1.00 51.80 ? 276 MET x CA  1 
ATOM 201 C C   . MET A 1 276 ? -6.348  5.198   -0.477  1.00 51.80 ? 276 MET x C   1 
ATOM 202 O O   . MET A 1 276 ? -7.487  4.761   -0.289  1.00 51.80 ? 276 MET x O   1 
ATOM 203 C CB  . MET A 1 276 ? -5.157  3.306   0.617   1.00 51.80 ? 276 MET x CB  1 
ATOM 204 C CG  . MET A 1 276 ? -3.931  2.432   0.707   1.00 51.80 ? 276 MET x CG  1 
ATOM 205 S SD  . MET A 1 276 ? -4.056  1.198   2.008   1.00 51.80 ? 276 MET x SD  1 
ATOM 206 C CE  . MET A 1 276 ? -3.609  2.161   3.441   1.00 51.80 ? 276 MET x CE  1 
ATOM 207 N N   . SER A 1 277 ? -6.081  6.503   -0.570  1.00 51.02 ? 277 SER x N   1 
ATOM 208 C CA  . SER A 1 277 ? -7.103  7.541   -0.434  1.00 51.02 ? 277 SER x CA  1 
ATOM 209 C C   . SER A 1 277 ? -7.806  7.458   0.916   1.00 51.02 ? 277 SER x C   1 
ATOM 210 O O   . SER A 1 277 ? -9.027  7.570   1.010   1.00 51.02 ? 277 SER x O   1 
ATOM 211 C CB  . SER A 1 277 ? -8.108  7.473   -1.578  1.00 51.02 ? 277 SER x CB  1 
ATOM 212 O OG  . SER A 1 277 ? -7.436  7.405   -2.819  1.00 51.02 ? 277 SER x OG  1 
ATOM 213 N N   . VAL A 1 278 ? -7.022  7.249   1.967   1.00 50.56 ? 278 VAL x N   1 
ATOM 214 C CA  . VAL A 1 278 ? -7.499  7.254   3.342   1.00 50.56 ? 278 VAL x CA  1 
ATOM 215 C C   . VAL A 1 278 ? -6.617  8.206   4.131   1.00 50.56 ? 278 VAL x C   1 
ATOM 216 O O   . VAL A 1 278 ? -5.470  8.463   3.760   1.00 50.56 ? 278 VAL x O   1 
ATOM 217 C CB  . VAL A 1 278 ? -7.484  5.845   3.972   1.00 50.56 ? 278 VAL x CB  1 
ATOM 218 C CG1 . VAL A 1 278 ? -8.463  4.935   3.266   1.00 50.56 ? 278 VAL x CG1 1 
ATOM 219 C CG2 . VAL A 1 278 ? -6.095  5.258   3.911   1.00 50.56 ? 278 VAL x CG2 1 
ATOM 220 N N   . LYS A 1 279 ? -7.164  8.750   5.210   1.00 55.92 ? 279 LYS x N   1 
ATOM 221 C CA  . LYS A 1 279 ? -6.406  9.685   6.027   1.00 55.92 ? 279 LYS x CA  1 
ATOM 222 C C   . LYS A 1 279 ? -5.381  8.934   6.864   1.00 55.92 ? 279 LYS x C   1 
ATOM 223 O O   . LYS A 1 279 ? -5.613  7.797   7.281   1.00 55.92 ? 279 LYS x O   1 
ATOM 224 C CB  . LYS A 1 279 ? -7.341  10.482  6.927   1.00 55.92 ? 279 LYS x CB  1 
ATOM 225 C CG  . LYS A 1 279 ? -8.431  11.211  6.176   1.00 55.92 ? 279 LYS x CG  1 
ATOM 226 C CD  . LYS A 1 279 ? -9.239  12.092  7.091   1.00 55.92 ? 279 LYS x CD  1 
ATOM 227 C CE  . LYS A 1 279 ? -8.627  13.465  7.201   1.00 55.92 ? 279 LYS x CE  1 
ATOM 228 N NZ  . LYS A 1 279 ? -8.871  14.262  5.972   1.00 55.92 ? 279 LYS x NZ  1 
ATOM 229 N N   . GLY A 1 280 ? -4.239  9.577   7.113   1.00 58.87 ? 280 GLY x N   1 
ATOM 230 C CA  . GLY A 1 280 ? -3.172  8.912   7.844   1.00 58.87 ? 280 GLY x CA  1 
ATOM 231 C C   . GLY A 1 280 ? -3.588  8.484   9.238   1.00 58.87 ? 280 GLY x C   1 
ATOM 232 O O   . GLY A 1 280 ? -3.191  7.416   9.714   1.00 58.87 ? 280 GLY x O   1 
ATOM 233 N N   . ALA A 1 281 ? -4.395  9.308   9.907   1.00 60.75 ? 281 ALA x N   1 
ATOM 234 C CA  . ALA A 1 281 ? -4.880  8.960   11.236  1.00 60.75 ? 281 ALA x CA  1 
ATOM 235 C C   . ALA A 1 281 ? -5.645  7.648   11.241  1.00 60.75 ? 281 ALA x C   1 
ATOM 236 O O   . ALA A 1 281 ? -5.517  6.871   12.192  1.00 60.75 ? 281 ALA x O   1 
ATOM 237 C CB  . ALA A 1 281 ? -5.766  10.078  11.780  1.00 60.75 ? 281 ALA x CB  1 
ATOM 238 N N   . GLU A 1 282 ? -6.432  7.380   10.204  1.00 63.31 ? 282 GLU x N   1 
ATOM 239 C CA  . GLU A 1 282 ? -7.140  6.112   10.127  1.00 63.31 ? 282 GLU x CA  1 
ATOM 240 C C   . GLU A 1 282 ? -6.192  4.931   10.000  1.00 63.31 ? 282 GLU x C   1 
ATOM 241 O O   . GLU A 1 282 ? -6.419  3.898   10.634  1.00 63.31 ? 282 GLU x O   1 
ATOM 242 C CB  . GLU A 1 282 ? -8.130  6.129   8.965   1.00 63.31 ? 282 GLU x CB  1 
ATOM 243 C CG  . GLU A 1 282 ? -9.293  7.065   9.197   1.00 63.31 ? 282 GLU x CG  1 
ATOM 244 C CD  . GLU A 1 282 ? -10.179 6.596   10.334  1.00 63.31 ? 282 GLU x CD  1 
ATOM 245 O OE1 . GLU A 1 282 ? -10.295 5.368   10.519  1.00 63.31 ? 282 GLU x OE1 1 
ATOM 246 O OE2 . GLU A 1 282 ? -10.748 7.447   11.050  1.00 63.31 ? 282 GLU x OE2 1 
ATOM 247 N N   . VAL A 1 283 ? -5.128  5.057   9.207   1.00 62.10 ? 283 VAL x N   1 
ATOM 248 C CA  . VAL A 1 283 ? -4.170  3.961   9.101   1.00 62.10 ? 283 VAL x CA  1 
ATOM 249 C C   . VAL A 1 283 ? -3.479  3.729   10.438  1.00 62.10 ? 283 VAL x C   1 
ATOM 250 O O   . VAL A 1 283 ? -3.268  2.581   10.853  1.00 62.10 ? 283 VAL x O   1 
ATOM 251 C CB  . VAL A 1 283 ? -3.153  4.234   7.982   1.00 62.10 ? 283 VAL x CB  1 
ATOM 252 C CG1 . VAL A 1 283 ? -2.218  3.065   7.838   1.00 62.10 ? 283 VAL x CG1 1 
ATOM 253 C CG2 . VAL A 1 283 ? -3.863  4.493   6.676   1.00 62.10 ? 283 VAL x CG2 1 
ATOM 254 N N   . VAL A 1 284 ? -3.111  4.808   11.131  1.00 63.79 ? 284 VAL x N   1 
ATOM 255 C CA  . VAL A 1 284 ? -2.435  4.659   12.417  1.00 63.79 ? 284 VAL x CA  1 
ATOM 256 C C   . VAL A 1 284 ? -3.350  3.981   13.429  1.00 63.79 ? 284 VAL x C   1 
ATOM 257 O O   . VAL A 1 284 ? -2.936  3.069   14.154  1.00 63.79 ? 284 VAL x O   1 
ATOM 258 C CB  . VAL A 1 284 ? -1.935  6.020   12.925  1.00 63.79 ? 284 VAL x CB  1 
ATOM 259 C CG1 . VAL A 1 284 ? -1.240  5.859   14.258  1.00 63.79 ? 284 VAL x CG1 1 
ATOM 260 C CG2 . VAL A 1 284 ? -0.983  6.615   11.920  1.00 63.79 ? 284 VAL x CG2 1 
ATOM 261 N N   . LYS A 1 285 ? -4.612  4.410   13.490  1.00 66.38 ? 285 LYS x N   1 
ATOM 262 C CA  . LYS A 1 285 ? -5.549  3.772   14.408  1.00 66.38 ? 285 LYS x CA  1 
ATOM 263 C C   . LYS A 1 285 ? -5.795  2.318   14.037  1.00 66.38 ? 285 LYS x C   1 
ATOM 264 O O   . LYS A 1 285 ? -5.954  1.469   14.923  1.00 66.38 ? 285 LYS x O   1 
ATOM 265 C CB  . LYS A 1 285 ? -6.871  4.535   14.444  1.00 66.38 ? 285 LYS x CB  1 
ATOM 266 C CG  . LYS A 1 285 ? -6.786  5.896   15.102  1.00 66.38 ? 285 LYS x CG  1 
ATOM 267 C CD  . LYS A 1 285 ? -8.101  6.635   14.969  1.00 66.38 ? 285 LYS x CD  1 
ATOM 268 C CE  . LYS A 1 285 ? -9.168  5.993   15.845  1.00 66.38 ? 285 LYS x CE  1 
ATOM 269 N NZ  . LYS A 1 285 ? -10.450 6.747   15.841  1.00 66.38 ? 285 LYS x NZ  1 
ATOM 270 N N   . PHE A 1 286 ? -5.838  2.011   12.743  1.00 67.51 ? 286 PHE x N   1 
ATOM 271 C CA  . PHE A 1 286 ? -6.052  0.632   12.327  1.00 67.51 ? 286 PHE x CA  1 
ATOM 272 C C   . PHE A 1 286 ? -4.889  -0.259  12.737  1.00 67.51 ? 286 PHE x C   1 
ATOM 273 O O   . PHE A 1 286 ? -5.100  -1.371  13.231  1.00 67.51 ? 286 PHE x O   1 
ATOM 274 C CB  . PHE A 1 286 ? -6.270  0.564   10.822  1.00 67.51 ? 286 PHE x CB  1 
ATOM 275 C CG  . PHE A 1 286 ? -6.849  -0.731  10.365  1.00 67.51 ? 286 PHE x CG  1 
ATOM 276 C CD1 . PHE A 1 286 ? -8.211  -0.957  10.453  1.00 67.51 ? 286 PHE x CD1 1 
ATOM 277 C CD2 . PHE A 1 286 ? -6.039  -1.727  9.857   1.00 67.51 ? 286 PHE x CD2 1 
ATOM 278 C CE1 . PHE A 1 286 ? -8.755  -2.146  10.040  1.00 67.51 ? 286 PHE x CE1 1 
ATOM 279 C CE2 . PHE A 1 286 ? -6.575  -2.916  9.440   1.00 67.51 ? 286 PHE x CE2 1 
ATOM 280 C CZ  . PHE A 1 286 ? -7.939  -3.128  9.534   1.00 67.51 ? 286 PHE x CZ  1 
ATOM 281 N N   . MET A 1 287 ? -3.654  0.205   12.542  1.00 69.47 ? 287 MET x N   1 
ATOM 282 C CA  . MET A 1 287 ? -2.520  -0.591  12.997  1.00 69.47 ? 287 MET x CA  1 
ATOM 283 C C   . MET A 1 287 ? -2.465  -0.691  14.512  1.00 69.47 ? 287 MET x C   1 
ATOM 284 O O   . MET A 1 287 ? -2.026  -1.717  15.041  1.00 69.47 ? 287 MET x O   1 
ATOM 285 C CB  . MET A 1 287 ? -1.200  -0.034  12.468  1.00 69.47 ? 287 MET x CB  1 
ATOM 286 C CG  . MET A 1 287 ? -1.028  -0.161  10.977  1.00 69.47 ? 287 MET x CG  1 
ATOM 287 S SD  . MET A 1 287 ? 0.541   0.515   10.423  1.00 69.47 ? 287 MET x SD  1 
ATOM 288 C CE  . MET A 1 287 ? 0.378   0.294   8.657   1.00 69.47 ? 287 MET x CE  1 
ATOM 289 N N   . PHE A 1 288 ? -2.894  0.350   15.228  1.00 71.79 ? 288 PHE x N   1 
ATOM 290 C CA  . PHE A 1 288 ? -2.965  0.236   16.680  1.00 71.79 ? 288 PHE x CA  1 
ATOM 291 C C   . PHE A 1 288 ? -3.977  -0.812  17.114  1.00 71.79 ? 288 PHE x C   1 
ATOM 292 O O   . PHE A 1 288 ? -3.743  -1.523  18.095  1.00 71.79 ? 288 PHE x O   1 
ATOM 293 C CB  . PHE A 1 288 ? -3.309  1.577   17.318  1.00 71.79 ? 288 PHE x CB  1 
ATOM 294 C CG  . PHE A 1 288 ? -3.358  1.525   18.814  1.00 71.79 ? 288 PHE x CG  1 
ATOM 295 C CD1 . PHE A 1 288 ? -2.192  1.484   19.554  1.00 71.79 ? 288 PHE x CD1 1 
ATOM 296 C CD2 . PHE A 1 288 ? -4.569  1.494   19.479  1.00 71.79 ? 288 PHE x CD2 1 
ATOM 297 C CE1 . PHE A 1 288 ? -2.232  1.425   20.931  1.00 71.79 ? 288 PHE x CE1 1 
ATOM 298 C CE2 . PHE A 1 288 ? -4.615  1.436   20.858  1.00 71.79 ? 288 PHE x CE2 1 
ATOM 299 C CZ  . PHE A 1 288 ? -3.443  1.402   21.583  1.00 71.79 ? 288 PHE x CZ  1 
ATOM 300 N N   . LYS A 1 289 ? -5.107  -0.911  16.410  1.00 73.29 ? 289 LYS x N   1 
ATOM 301 C CA  . LYS A 1 289 ? -6.127  -1.884  16.787  1.00 73.29 ? 289 LYS x CA  1 
ATOM 302 C C   . LYS A 1 289 ? -5.596  -3.310  16.750  1.00 73.29 ? 289 LYS x C   1 
ATOM 303 O O   . LYS A 1 289 ? -6.093  -4.172  17.484  1.00 73.29 ? 289 LYS x O   1 
ATOM 304 C CB  . LYS A 1 289 ? -7.344  -1.754  15.873  1.00 73.29 ? 289 LYS x CB  1 
ATOM 305 N N   . MET A 1 290 ? -4.600  -3.586  15.911  1.00 75.52 ? 290 MET x N   1 
ATOM 306 C CA  . MET A 1 290 ? -3.995  -4.915  15.817  1.00 75.52 ? 290 MET x CA  1 
ATOM 307 C C   . MET A 1 290 ? -2.481  -4.798  15.979  1.00 75.52 ? 290 MET x C   1 
ATOM 308 O O   . MET A 1 290 ? -1.755  -4.573  15.009  1.00 75.52 ? 290 MET x O   1 
ATOM 309 C CB  . MET A 1 290 ? -4.346  -5.603  14.498  1.00 75.52 ? 290 MET x CB  1 
ATOM 310 C CG  . MET A 1 290 ? -5.749  -6.176  14.432  1.00 75.52 ? 290 MET x CG  1 
ATOM 311 S SD  . MET A 1 290 ? -7.032  -4.928  14.265  1.00 75.52 ? 290 MET x SD  1 
ATOM 312 C CE  . MET A 1 290 ? -6.794  -4.465  12.559  1.00 75.52 ? 290 MET x CE  1 
ATOM 313 N N   . GLY A 1 291 ? -2.010  -4.955  17.212  1.00 73.92 ? 291 GLY x N   1 
ATOM 314 C CA  . GLY A 1 291 ? -0.596  -5.145  17.461  1.00 73.92 ? 291 GLY x CA  1 
ATOM 315 C C   . GLY A 1 291 ? 0.281   -3.911  17.413  1.00 73.92 ? 291 GLY x C   1 
ATOM 316 O O   . GLY A 1 291 ? 0.224   -3.057  18.304  1.00 73.92 ? 291 GLY x O   1 
ATOM 317 N N   . SER A 1 292 ? 1.101   -3.815  16.374  1.00 71.51 ? 292 SER x N   1 
ATOM 318 C CA  . SER A 1 292 ? 2.191   -2.843  16.343  1.00 71.51 ? 292 SER x CA  1 
ATOM 319 C C   . SER A 1 292 ? 1.669   -1.420  16.198  1.00 71.51 ? 292 SER x C   1 
ATOM 320 O O   . SER A 1 292 ? 0.946   -1.130  15.238  1.00 71.51 ? 292 SER x O   1 
ATOM 321 C CB  . SER A 1 292 ? 3.141   -3.171  15.196  1.00 71.51 ? 292 SER x CB  1 
ATOM 322 O OG  . SER A 1 292 ? 4.025   -2.095  14.944  1.00 71.51 ? 292 SER x OG  1 
ATOM 323 N N   . PRO A 1 293 ? 2.008   -0.513  17.107  1.00 70.44 ? 293 PRO x N   1 
ATOM 324 C CA  . PRO A 1 293 ? 1.662   0.896   16.921  1.00 70.44 ? 293 PRO x CA  1 
ATOM 325 C C   . PRO A 1 293 ? 2.666   1.589   16.014  1.00 70.44 ? 293 PRO x C   1 
ATOM 326 O O   . PRO A 1 293 ? 3.792   1.131   15.823  1.00 70.44 ? 293 PRO x O   1 
ATOM 327 C CB  . PRO A 1 293 ? 1.726   1.459   18.344  1.00 70.44 ? 293 PRO x CB  1 
ATOM 328 C CG  . PRO A 1 293 ? 2.759   0.626   19.011  1.00 70.44 ? 293 PRO x CG  1 
ATOM 329 C CD  . PRO A 1 293 ? 2.710   -0.744  18.381  1.00 70.44 ? 293 PRO x CD  1 
ATOM 330 N N   . VAL A 1 294 ? 2.238   2.718   15.449  1.00 67.36 ? 294 VAL x N   1 
ATOM 331 C CA  . VAL A 1 294 ? 3.042   3.474   14.501  1.00 67.36 ? 294 VAL x CA  1 
ATOM 332 C C   . VAL A 1 294 ? 2.867   4.966   14.761  1.00 67.36 ? 294 VAL x C   1 
ATOM 333 O O   . VAL A 1 294 ? 2.069   5.387   15.602  1.00 67.36 ? 294 VAL x O   1 
ATOM 334 C CB  . VAL A 1 294 ? 2.688   3.140   13.039  1.00 67.36 ? 294 VAL x CB  1 
ATOM 335 C CG1 . VAL A 1 294 ? 3.165   1.744   12.680  1.00 67.36 ? 294 VAL x CG1 1 
ATOM 336 C CG2 . VAL A 1 294 ? 1.195   3.272   12.817  1.00 67.36 ? 294 VAL x CG2 1 
ATOM 337 N N   . THR A 1 295 ? 3.644   5.767   14.037  1.00 66.76 ? 295 THR x N   1 
ATOM 338 C CA  . THR A 1 295 ? 3.496   7.213   13.952  1.00 66.76 ? 295 THR x CA  1 
ATOM 339 C C   . THR A 1 295 ? 3.249   7.602   12.495  1.00 66.76 ? 295 THR x C   1 
ATOM 340 O O   . THR A 1 295 ? 3.248   6.758   11.603  1.00 66.76 ? 295 THR x O   1 
ATOM 341 C CB  . THR A 1 295 ? 4.729   7.928   14.510  1.00 66.76 ? 295 THR x CB  1 
ATOM 342 O OG1 . THR A 1 295 ? 5.881   7.570   13.738  1.00 66.76 ? 295 THR x OG1 1 
ATOM 343 C CG2 . THR A 1 295 ? 4.959   7.530   15.957  1.00 66.76 ? 295 THR x CG2 1 
ATOM 344 N N   . ILE A 1 296 ? 3.049   8.900   12.258  1.00 65.58 ? 296 ILE x N   1 
ATOM 345 C CA  . ILE A 1 296 ? 2.649   9.368   10.932  1.00 65.58 ? 296 ILE x CA  1 
ATOM 346 C C   . ILE A 1 296 ? 3.769   9.200   9.913   1.00 65.58 ? 296 ILE x C   1 
ATOM 347 O O   . ILE A 1 296 ? 3.511   8.915   8.739   1.00 65.58 ? 296 ILE x O   1 
ATOM 348 C CB  . ILE A 1 296 ? 2.166   10.826  11.001  1.00 65.58 ? 296 ILE x CB  1 
ATOM 349 C CG1 . ILE A 1 296 ? 0.929   10.923  11.886  1.00 65.58 ? 296 ILE x CG1 1 
ATOM 350 C CG2 . ILE A 1 296 ? 1.853   11.359  9.617   1.00 65.58 ? 296 ILE x CG2 1 
ATOM 351 C CD1 . ILE A 1 296 ? -0.234  10.132  11.347  1.00 65.58 ? 296 ILE x CD1 1 
ATOM 352 N N   . ASN A 1 297 ? 5.017   9.400   10.317  1.00 65.85 ? 297 ASN x N   1 
ATOM 353 C CA  . ASN A 1 297 ? 6.122   9.362   9.367   1.00 65.85 ? 297 ASN x CA  1 
ATOM 354 C C   . ASN A 1 297 ? 7.009   8.136   9.531   1.00 65.85 ? 297 ASN x C   1 
ATOM 355 O O   . ASN A 1 297 ? 8.097   8.094   8.950   1.00 65.85 ? 297 ASN x O   1 
ATOM 356 C CB  . ASN A 1 297 ? 6.957   10.636  9.479   1.00 65.85 ? 297 ASN x CB  1 
ATOM 357 C CG  . ASN A 1 297 ? 6.325   11.806  8.757   1.00 65.85 ? 297 ASN x CG  1 
ATOM 358 O OD1 . ASN A 1 297 ? 5.928   11.694  7.599   1.00 65.85 ? 297 ASN x OD1 1 
ATOM 359 N ND2 . ASN A 1 297 ? 6.228   12.940  9.440   1.00 65.85 ? 297 ASN x ND2 1 
ATOM 360 N N   . GLN A 1 298 ? 6.574   7.142   10.295  1.00 65.08 ? 298 GLN x N   1 
ATOM 361 C CA  . GLN A 1 298 ? 7.376   5.944   10.483  1.00 65.08 ? 298 GLN x CA  1 
ATOM 362 C C   . GLN A 1 298 ? 7.470   5.153   9.185   1.00 65.08 ? 298 GLN x C   1 
ATOM 363 O O   . GLN A 1 298 ? 6.513   5.089   8.409   1.00 65.08 ? 298 GLN x O   1 
ATOM 364 C CB  . GLN A 1 298 ? 6.780   5.075   11.584  1.00 65.08 ? 298 GLN x CB  1 
ATOM 365 C CG  . GLN A 1 298 ? 7.604   3.849   11.906  1.00 65.08 ? 298 GLN x CG  1 
ATOM 366 C CD  . GLN A 1 298 ? 7.016   3.047   13.035  1.00 65.08 ? 298 GLN x CD  1 
ATOM 367 O OE1 . GLN A 1 298 ? 5.962   3.389   13.561  1.00 65.08 ? 298 GLN x OE1 1 
ATOM 368 N NE2 . GLN A 1 298 ? 7.694   1.975   13.419  1.00 65.08 ? 298 GLN x NE2 1 
ATOM 369 N N   . VAL A 1 299 ? 8.632   4.553   8.951   1.00 61.21 ? 299 VAL x N   1 
ATOM 370 C CA  . VAL A 1 299 ? 8.894   3.796   7.734   1.00 61.21 ? 299 VAL x CA  1 
ATOM 371 C C   . VAL A 1 299 ? 8.509   2.341   7.958   1.00 61.21 ? 299 VAL x C   1 
ATOM 372 O O   . VAL A 1 299 ? 8.928   1.725   8.943   1.00 61.21 ? 299 VAL x O   1 
ATOM 373 C CB  . VAL A 1 299 ? 10.370  3.916   7.324   1.00 61.21 ? 299 VAL x CB  1 
ATOM 374 C CG1 . VAL A 1 299 ? 10.674  2.983   6.176   1.00 61.21 ? 299 VAL x CG1 1 
ATOM 375 C CG2 . VAL A 1 299 ? 10.696  5.340   6.946   1.00 61.21 ? 299 VAL x CG2 1 
ATOM 376 N N   . LEU A 1 300 ? 7.710   1.792   7.050   1.00 61.50 ? 300 LEU x N   1 
ATOM 377 C CA  . LEU A 1 300 ? 7.299   0.401   7.071   1.00 61.50 ? 300 LEU x CA  1 
ATOM 378 C C   . LEU A 1 300 ? 7.934   -0.346  5.906   1.00 61.50 ? 300 LEU x C   1 
ATOM 379 O O   . LEU A 1 300 ? 8.284   0.238   4.873   1.00 61.50 ? 300 LEU x O   1 
ATOM 380 C CB  . LEU A 1 300 ? 5.777   0.274   6.989   1.00 61.50 ? 300 LEU x CB  1 
ATOM 381 C CG  . LEU A 1 300 ? 4.935   0.977   8.044   1.00 61.50 ? 300 LEU x CG  1 
ATOM 382 C CD1 . LEU A 1 300 ? 3.608   1.366   7.435   1.00 61.50 ? 300 LEU x CD1 1 
ATOM 383 C CD2 . LEU A 1 300 ? 4.723   0.073   9.228   1.00 61.50 ? 300 LEU x CD2 1 
ATOM 384 N N   . ASP A 1 301 ? 8.066   -1.656  6.085   1.00 62.11 ? 301 ASP x N   1 
ATOM 385 C CA  . ASP A 1 301 ? 8.699   -2.536  5.117   1.00 62.11 ? 301 ASP x CA  1 
ATOM 386 C C   . ASP A 1 301 ? 7.651   -3.190  4.229   1.00 62.11 ? 301 ASP x C   1 
ATOM 387 O O   . ASP A 1 301 ? 6.458   -2.905  4.344   1.00 62.11 ? 301 ASP x O   1 
ATOM 388 C CB  . ASP A 1 301 ? 9.509   -3.616  5.829   1.00 62.11 ? 301 ASP x CB  1 
ATOM 389 C CG  . ASP A 1 301 ? 8.658   -4.453  6.757   1.00 62.11 ? 301 ASP x CG  1 
ATOM 390 O OD1 . ASP A 1 301 ? 7.906   -3.865  7.561   1.00 62.11 ? 301 ASP x OD1 1 
ATOM 391 O OD2 . ASP A 1 301 ? 8.740   -5.696  6.681   1.00 62.11 ? 301 ASP x OD2 1 
ATOM 392 N N   . GLN A 1 302 ? 8.108   -4.080  3.354   1.00 60.43 ? 302 GLN x N   1 
ATOM 393 C CA  . GLN A 1 302 ? 7.235   -4.759  2.407   1.00 60.43 ? 302 GLN x CA  1 
ATOM 394 C C   . GLN A 1 302 ? 6.139   -5.559  3.089   1.00 60.43 ? 302 GLN x C   1 
ATOM 395 O O   . GLN A 1 302 ? 4.965   -5.434  2.734   1.00 60.43 ? 302 GLN x O   1 
ATOM 396 C CB  . GLN A 1 302 ? 8.056   -5.688  1.519   1.00 60.43 ? 302 GLN x CB  1 
ATOM 397 C CG  . GLN A 1 302 ? 9.027   -4.947  0.667   1.00 60.43 ? 302 GLN x CG  1 
ATOM 398 C CD  . GLN A 1 302 ? 8.319   -3.974  -0.222  1.00 60.43 ? 302 GLN x CD  1 
ATOM 399 O OE1 . GLN A 1 302 ? 8.315   -2.773  0.038   1.00 60.43 ? 302 GLN x OE1 1 
ATOM 400 N NE2 . GLN A 1 302 ? 7.715   -4.480  -1.289  1.00 60.43 ? 302 GLN x NE2 1 
ATOM 401 N N   . GLU A 1 303 ? 6.512   -6.393  4.060   1.00 61.78 ? 303 GLU x N   1 
ATOM 402 C CA  . GLU A 1 303 ? 5.561   -7.348  4.615   1.00 61.78 ? 303 GLU x CA  1 
ATOM 403 C C   . GLU A 1 303 ? 4.394   -6.639  5.286   1.00 61.78 ? 303 GLU x C   1 
ATOM 404 O O   . GLU A 1 303 ? 3.228   -6.902  4.970   1.00 61.78 ? 303 GLU x O   1 
ATOM 405 C CB  . GLU A 1 303 ? 6.270   -8.272  5.604   1.00 61.78 ? 303 GLU x CB  1 
ATOM 406 N N   . THR A 1 304 ? 4.692   -5.714  6.199   1.00 62.90 ? 304 THR x N   1 
ATOM 407 C CA  . THR A 1 304 ? 3.641   -5.040  6.952   1.00 62.90 ? 304 THR x CA  1 
ATOM 408 C C   . THR A 1 304 ? 2.775   -4.187  6.035   1.00 62.90 ? 304 THR x C   1 
ATOM 409 O O   . THR A 1 304 ? 1.541   -4.232  6.103   1.00 62.90 ? 304 THR x O   1 
ATOM 410 C CB  . THR A 1 304 ? 4.262   -4.186  8.055   1.00 62.90 ? 304 THR x CB  1 
ATOM 411 O OG1 . THR A 1 304 ? 5.016   -5.024  8.939   1.00 62.90 ? 304 THR x OG1 1 
ATOM 412 C CG2 . THR A 1 304 ? 3.180   -3.474  8.848   1.00 62.90 ? 304 THR x CG2 1 
ATOM 413 N N   . ALA A 1 305 ? 3.412   -3.397  5.170   1.00 61.56 ? 305 ALA x N   1 
ATOM 414 C CA  . ALA A 1 305 ? 2.665   -2.520  4.275   1.00 61.56 ? 305 ALA x CA  1 
ATOM 415 C C   . ALA A 1 305 ? 1.759   -3.318  3.352   1.00 61.56 ? 305 ALA x C   1 
ATOM 416 O O   . ALA A 1 305 ? 0.575   -2.997  3.203   1.00 61.56 ? 305 ALA x O   1 
ATOM 417 C CB  . ALA A 1 305 ? 3.627   -1.658  3.462   1.00 61.56 ? 305 ALA x CB  1 
ATOM 418 N N   . GLN A 1 306 ? 2.292   -4.370  2.733   1.00 62.77 ? 306 GLN x N   1 
ATOM 419 C CA  . GLN A 1 306 ? 1.479   -5.183  1.841   1.00 62.77 ? 306 GLN x CA  1 
ATOM 420 C C   . GLN A 1 306 ? 0.347   -5.860  2.594   1.00 62.77 ? 306 GLN x C   1 
ATOM 421 O O   . GLN A 1 306 ? -0.788  -5.901  2.109   1.00 62.77 ? 306 GLN x O   1 
ATOM 422 C CB  . GLN A 1 306 ? 2.343   -6.221  1.132   1.00 62.77 ? 306 GLN x CB  1 
ATOM 423 C CG  . GLN A 1 306 ? 1.563   -7.092  0.166   1.00 62.77 ? 306 GLN x CG  1 
ATOM 424 C CD  . GLN A 1 306 ? 2.215   -8.435  -0.067  1.00 62.77 ? 306 GLN x CD  1 
ATOM 425 O OE1 . GLN A 1 306 ? 3.383   -8.513  -0.438  1.00 62.77 ? 306 GLN x OE1 1 
ATOM 426 N NE2 . GLN A 1 306 ? 1.460   -9.503  0.149   1.00 62.77 ? 306 GLN x NE2 1 
ATOM 427 N N   . LEU A 1 307 ? 0.624   -6.379  3.792   1.00 61.72 ? 307 LEU x N   1 
ATOM 428 C CA  . LEU A 1 307 ? -0.415  -7.057  4.557   1.00 61.72 ? 307 LEU x CA  1 
ATOM 429 C C   . LEU A 1 307 ? -1.551  -6.105  4.902   1.00 61.72 ? 307 LEU x C   1 
ATOM 430 O O   . LEU A 1 307 ? -2.723  -6.414  4.669   1.00 61.72 ? 307 LEU x O   1 
ATOM 431 C CB  . LEU A 1 307 ? 0.183   -7.668  5.823   1.00 61.72 ? 307 LEU x CB  1 
ATOM 432 N N   . VAL A 1 308 ? -1.221  -4.923  5.424   1.00 62.83 ? 308 VAL x N   1 
ATOM 433 C CA  . VAL A 1 308 ? -2.267  -3.998  5.848   1.00 62.83 ? 308 VAL x CA  1 
ATOM 434 C C   . VAL A 1 308 ? -3.028  -3.450  4.645   1.00 62.83 ? 308 VAL x C   1 
ATOM 435 O O   . VAL A 1 308 ? -4.262  -3.338  4.675   1.00 62.83 ? 308 VAL x O   1 
ATOM 436 C CB  . VAL A 1 308 ? -1.675  -2.877  6.728   1.00 62.83 ? 308 VAL x CB  1 
ATOM 437 C CG1 . VAL A 1 308 ? -0.770  -1.952  5.935   1.00 62.83 ? 308 VAL x CG1 1 
ATOM 438 C CG2 . VAL A 1 308 ? -2.785  -2.088  7.395   1.00 62.83 ? 308 VAL x CG2 1 
ATOM 439 N N   . ALA A 1 309 ? -2.321  -3.131  3.556   1.00 61.82 ? 309 ALA x N   1 
ATOM 440 C CA  . ALA A 1 309 ? -2.985  -2.576  2.386   1.00 61.82 ? 309 ALA x CA  1 
ATOM 441 C C   . ALA A 1 309 ? -3.898  -3.601  1.726   1.00 61.82 ? 309 ALA x C   1 
ATOM 442 O O   . ALA A 1 309 ? -5.017  -3.268  1.318   1.00 61.82 ? 309 ALA x O   1 
ATOM 443 C CB  . ALA A 1 309 ? -1.948  -2.058  1.394   1.00 61.82 ? 309 ALA x CB  1 
ATOM 444 N N   . GLU A 1 310 ? -3.446  -4.851  1.611   1.00 61.29 ? 310 GLU x N   1 
ATOM 445 C CA  . GLU A 1 310 ? -4.303  -5.882  1.047   1.00 61.29 ? 310 GLU x CA  1 
ATOM 446 C C   . GLU A 1 310 ? -5.459  -6.208  1.978   1.00 61.29 ? 310 GLU x C   1 
ATOM 447 O O   . GLU A 1 310 ? -6.538  -6.590  1.511   1.00 61.29 ? 310 GLU x O   1 
ATOM 448 C CB  . GLU A 1 310 ? -3.488  -7.138  0.746   1.00 61.29 ? 310 GLU x CB  1 
ATOM 449 N N   . GLU A 1 311 ? -5.256  -6.075  3.289   1.00 65.58 ? 311 GLU x N   1 
ATOM 450 C CA  . GLU A 1 311 ? -6.349  -6.326  4.217   1.00 65.58 ? 311 GLU x CA  1 
ATOM 451 C C   . GLU A 1 311 ? -7.438  -5.275  4.077   1.00 65.58 ? 311 GLU x C   1 
ATOM 452 O O   . GLU A 1 311 ? -8.630  -5.601  4.102   1.00 65.58 ? 311 GLU x O   1 
ATOM 453 C CB  . GLU A 1 311 ? -5.832  -6.358  5.650   1.00 65.58 ? 311 GLU x CB  1 
ATOM 454 C CG  . GLU A 1 311 ? -6.865  -6.849  6.637   1.00 65.58 ? 311 GLU x CG  1 
ATOM 455 C CD  . GLU A 1 311 ? -7.798  -5.748  7.063   1.00 65.58 ? 311 GLU x CD  1 
ATOM 456 O OE1 . GLU A 1 311 ? -7.362  -4.583  7.053   1.00 65.58 ? 311 GLU x OE1 1 
ATOM 457 O OE2 . GLU A 1 311 ? -8.966  -6.041  7.385   1.00 65.58 ? 311 GLU x OE2 1 
ATOM 458 N N   . LEU A 1 312 ? -7.052  -4.003  3.932   1.00 61.63 ? 312 LEU x N   1 
ATOM 459 C CA  . LEU A 1 312 ? -8.051  -2.943  3.819   1.00 61.63 ? 312 LEU x CA  1 
ATOM 460 C C   . LEU A 1 312 ? -8.869  -3.040  2.538   1.00 61.63 ? 312 LEU x C   1 
ATOM 461 O O   . LEU A 1 312 ? -9.873  -2.333  2.414   1.00 61.63 ? 312 LEU x O   1 
ATOM 462 C CB  . LEU A 1 312 ? -7.388  -1.567  3.907   1.00 61.63 ? 312 LEU x CB  1 
ATOM 463 C CG  . LEU A 1 312 ? -6.901  -1.145  5.293   1.00 61.63 ? 312 LEU x CG  1 
ATOM 464 C CD1 . LEU A 1 312 ? -6.222  0.215   5.249   1.00 61.63 ? 312 LEU x CD1 1 
ATOM 465 C CD2 . LEU A 1 312 ? -8.056  -1.132  6.269   1.00 61.63 ? 312 LEU x CD2 1 
ATOM 466 N N   . GLY A 1 313 ? -8.468  -3.881  1.594   1.00 62.71 ? 313 GLY x N   1 
ATOM 467 C CA  . GLY A 1 313 ? -9.251  -4.155  0.405   1.00 62.71 ? 313 GLY x CA  1 
ATOM 468 C C   . GLY A 1 313 ? -8.573  -3.819  -0.903  1.00 62.71 ? 313 GLY x C   1 
ATOM 469 O O   . GLY A 1 313 ? -9.014  -4.309  -1.951  1.00 62.71 ? 313 GLY x O   1 
ATOM 470 N N   . HIS A 1 314 ? -7.517  -3.014  -0.897  1.00 59.92 ? 314 HIS x N   1 
ATOM 471 C CA  . HIS A 1 314 ? -6.892  -2.605  -2.141  1.00 59.92 ? 314 HIS x CA  1 
ATOM 472 C C   . HIS A 1 314 ? -5.981  -3.706  -2.669  1.00 59.92 ? 314 HIS x C   1 
ATOM 473 O O   . HIS A 1 314 ? -5.602  -4.633  -1.952  1.00 59.92 ? 314 HIS x O   1 
ATOM 474 C CB  . HIS A 1 314 ? -6.106  -1.313  -1.933  1.00 59.92 ? 314 HIS x CB  1 
ATOM 475 C CG  . HIS A 1 314 ? -6.934  -0.194  -1.388  1.00 59.92 ? 314 HIS x CG  1 
ATOM 476 N ND1 . HIS A 1 314 ? -7.930  0.418   -2.115  1.00 59.92 ? 314 HIS x ND1 1 
ATOM 477 C CD2 . HIS A 1 314 ? -6.929  0.408   -0.177  1.00 59.92 ? 314 HIS x CD2 1 
ATOM 478 C CE1 . HIS A 1 314 ? -8.497  1.356   -1.380  1.00 59.92 ? 314 HIS x CE1 1 
ATOM 479 N NE2 . HIS A 1 314 ? -7.908  1.370   -0.199  1.00 59.92 ? 314 HIS x NE2 1 
ATOM 480 N N   . LYS A 1 315 ? -5.634  -3.601  -3.945  1.00 60.92 ? 315 LYS x N   1 
ATOM 481 C CA  . LYS A 1 315 ? -4.766  -4.570  -4.600  1.00 60.92 ? 315 LYS x CA  1 
ATOM 482 C C   . LYS A 1 315 ? -3.339  -4.031  -4.594  1.00 60.92 ? 315 LYS x C   1 
ATOM 483 O O   . LYS A 1 315 ? -3.101  -2.874  -4.954  1.00 60.92 ? 315 LYS x O   1 
ATOM 484 C CB  . LYS A 1 315 ? -5.261  -4.882  -6.013  1.00 60.92 ? 315 LYS x CB  1 
ATOM 485 C CG  . LYS A 1 315 ? -5.243  -3.723  -6.988  1.00 60.92 ? 315 LYS x CG  1 
ATOM 486 C CD  . LYS A 1 315 ? -5.812  -4.139  -8.337  1.00 60.92 ? 315 LYS x CD  1 
ATOM 487 C CE  . LYS A 1 315 ? -5.784  -3.000  -9.344  1.00 60.92 ? 315 LYS x CE  1 
ATOM 488 N NZ  . LYS A 1 315 ? -6.712  -1.890  -8.973  1.00 60.92 ? 315 LYS x NZ  1 
ATOM 489 N N   . VAL A 1 316 ? -2.399  -4.866  -4.160  1.00 64.43 ? 316 VAL x N   1 
ATOM 490 C CA  . VAL A 1 316 ? -1.005  -4.463  -4.028  1.00 64.43 ? 316 VAL x CA  1 
ATOM 491 C C   . VAL A 1 316 ? -0.230  -4.903  -5.258  1.00 64.43 ? 316 VAL x C   1 
ATOM 492 O O   . VAL A 1 316 ? -0.355  -6.042  -5.718  1.00 64.43 ? 316 VAL x O   1 
ATOM 493 C CB  . VAL A 1 316 ? -0.392  -5.055  -2.749  1.00 64.43 ? 316 VAL x CB  1 
ATOM 494 C CG1 . VAL A 1 316 ? 1.086   -4.752  -2.691  1.00 64.43 ? 316 VAL x CG1 1 
ATOM 495 C CG2 . VAL A 1 316 ? -1.090  -4.502  -1.526  1.00 64.43 ? 316 VAL x CG2 1 
ATOM 496 N N   . LYS A 1 317 ? 0.573   -3.993  -5.798  1.00 63.48 ? 317 LYS x N   1 
ATOM 497 C CA  . LYS A 1 317 ? 1.418   -4.268  -6.961  1.00 63.48 ? 317 LYS x CA  1 
ATOM 498 C C   . LYS A 1 317 ? 2.818   -3.785  -6.585  1.00 63.48 ? 317 LYS x C   1 
ATOM 499 O O   . LYS A 1 317 ? 3.191   -2.643  -6.859  1.00 63.48 ? 317 LYS x O   1 
ATOM 500 C CB  . LYS A 1 317 ? 0.863   -3.580  -8.202  1.00 63.48 ? 317 LYS x CB  1 
ATOM 501 C CG  . LYS A 1 317 ? 1.541   -3.919  -9.521  1.00 63.48 ? 317 LYS x CG  1 
ATOM 502 C CD  . LYS A 1 317 ? 2.669   -2.957  -9.841  1.00 63.48 ? 317 LYS x CD  1 
ATOM 503 C CE  . LYS A 1 317 ? 3.288   -3.253  -11.191 1.00 63.48 ? 317 LYS x CE  1 
ATOM 504 N NZ  . LYS A 1 317 ? 4.414   -2.323  -11.474 1.00 63.48 ? 317 LYS x NZ  1 
ATOM 505 N N   . LEU A 1 318 ? 3.580   -4.657  -5.935  1.00 66.51 ? 318 LEU x N   1 
ATOM 506 C CA  . LEU A 1 318 ? 4.891   -4.287  -5.431  1.00 66.51 ? 318 LEU x CA  1 
ATOM 507 C C   . LEU A 1 318 ? 5.933   -4.328  -6.542  1.00 66.51 ? 318 LEU x C   1 
ATOM 508 O O   . LEU A 1 318 ? 5.814   -5.082  -7.510  1.00 66.51 ? 318 LEU x O   1 
ATOM 509 C CB  . LEU A 1 318 ? 5.292   -5.200  -4.269  1.00 66.51 ? 318 LEU x CB  1 
ATOM 510 C CG  . LEU A 1 318 ? 5.549   -6.690  -4.502  1.00 66.51 ? 318 LEU x CG  1 
ATOM 511 C CD1 . LEU A 1 318 ? 6.968   -6.973  -4.979  1.00 66.51 ? 318 LEU x CD1 1 
ATOM 512 C CD2 . LEU A 1 318 ? 5.239   -7.473  -3.231  1.00 66.51 ? 318 LEU x CD2 1 
ATOM 513 N N   . VAL A 1 319 ? 6.962   -3.490  -6.394  1.00 66.36 ? 319 VAL x N   1 
ATOM 514 C CA  . VAL A 1 319 ? 8.025   -3.365  -7.380  1.00 66.36 ? 319 VAL x CA  1 
ATOM 515 C C   . VAL A 1 319 ? 9.372   -3.395  -6.673  1.00 66.36 ? 319 VAL x C   1 
ATOM 516 O O   . VAL A 1 319 ? 9.472   -3.180  -5.464  1.00 66.36 ? 319 VAL x O   1 
ATOM 517 C CB  . VAL A 1 319 ? 7.892   -2.081  -8.220  1.00 66.36 ? 319 VAL x CB  1 
ATOM 518 C CG1 . VAL A 1 319 ? 6.596   -2.098  -9.000  1.00 66.36 ? 319 VAL x CG1 1 
ATOM 519 C CG2 . VAL A 1 319 ? 7.967   -0.856  -7.325  1.00 66.36 ? 319 VAL x CG2 1 
ATOM 520 N N   . SER A 1 320 ? 10.415  -3.663  -7.455  1.00 69.89 ? 320 SER x N   1 
ATOM 521 C CA  . SER A 1 320 ? 11.768  -3.817  -6.944  1.00 69.89 ? 320 SER x CA  1 
ATOM 522 C C   . SER A 1 320 ? 12.683  -2.756  -7.536  1.00 69.89 ? 320 SER x C   1 
ATOM 523 O O   . SER A 1 320 ? 12.506  -2.325  -8.678  1.00 69.89 ? 320 SER x O   1 
ATOM 524 C CB  . SER A 1 320 ? 12.322  -5.209  -7.258  1.00 69.89 ? 320 SER x CB  1 
ATOM 525 N N   . GLU A 1 321 ? 13.677  -2.352  -6.748  1.00 72.62 ? 321 GLU x N   1 
ATOM 526 C CA  . GLU A 1 321 ? 14.614  -1.305  -7.135  1.00 72.62 ? 321 GLU x CA  1 
ATOM 527 C C   . GLU A 1 321 ? 15.764  -1.811  -7.992  1.00 72.62 ? 321 GLU x C   1 
ATOM 528 O O   . GLU A 1 321 ? 16.616  -1.011  -8.388  1.00 72.62 ? 321 GLU x O   1 
ATOM 529 C CB  . GLU A 1 321 ? 15.172  -0.620  -5.888  1.00 72.62 ? 321 GLU x CB  1 
ATOM 530 C CG  . GLU A 1 321 ? 16.000  -1.533  -5.001  1.00 72.62 ? 321 GLU x CG  1 
ATOM 531 C CD  . GLU A 1 321 ? 15.152  -2.263  -3.976  1.00 72.62 ? 321 GLU x CD  1 
ATOM 532 O OE1 . GLU A 1 321 ? 15.640  -2.490  -2.850  1.00 72.62 ? 321 GLU x OE1 1 
ATOM 533 O OE2 . GLU A 1 321 ? 13.994  -2.605  -4.296  1.00 72.62 ? 321 GLU x OE2 1 
ATOM 534 N N   . ASN A 1 322 ? 15.815  -3.106  -8.281  1.00 71.11 ? 322 ASN x N   1 
ATOM 535 C CA  . ASN A 1 322 ? 16.869  -3.651  -9.123  1.00 71.11 ? 322 ASN x CA  1 
ATOM 536 C C   . ASN A 1 322 ? 16.266  -4.304  -10.355 1.00 71.11 ? 322 ASN x C   1 
ATOM 537 O O   . ASN A 1 322 ? 16.691  -5.391  -10.751 1.00 71.11 ? 322 ASN x O   1 
ATOM 538 C CB  . ASN A 1 322 ? 17.711  -4.658  -8.340  1.00 71.11 ? 322 ASN x CB  1 
ATOM 539 C CG  . ASN A 1 322 ? 16.862  -5.611  -7.530  1.00 71.11 ? 322 ASN x CG  1 
ATOM 540 O OD1 . ASN A 1 322 ? 16.143  -5.200  -6.620  1.00 71.11 ? 322 ASN x OD1 1 
ATOM 541 N ND2 . ASN A 1 322 ? 16.937  -6.895  -7.856  1.00 71.11 ? 322 ASN x ND2 1 
ATOM 542 N N   . ALA A 1 323 ? 15.300  -3.629  -10.984 1.00 69.59 ? 323 ALA x N   1 
ATOM 543 C CA  . ALA A 1 323 ? 14.497  -4.263  -12.024 1.00 69.59 ? 323 ALA x CA  1 
ATOM 544 C C   . ALA A 1 323 ? 15.358  -4.796  -13.161 1.00 69.59 ? 323 ALA x C   1 
ATOM 545 O O   . ALA A 1 323 ? 15.142  -5.915  -13.632 1.00 69.59 ? 323 ALA x O   1 
ATOM 546 C CB  . ALA A 1 323 ? 13.464  -3.277  -12.562 1.00 69.59 ? 323 ALA x CB  1 
ATOM 547 N N   . LEU A 1 324 ? 16.347  -4.017  -13.607 1.00 68.98 ? 324 LEU x N   1 
ATOM 548 C CA  . LEU A 1 324 ? 17.189  -4.463  -14.713 1.00 68.98 ? 324 LEU x CA  1 
ATOM 549 C C   . LEU A 1 324 ? 17.965  -5.725  -14.368 1.00 68.98 ? 324 LEU x C   1 
ATOM 550 O O   . LEU A 1 324 ? 18.381  -6.459  -15.269 1.00 68.98 ? 324 LEU x O   1 
ATOM 551 C CB  . LEU A 1 324 ? 18.170  -3.365  -15.121 1.00 68.98 ? 324 LEU x CB  1 
ATOM 552 C CG  . LEU A 1 324 ? 17.614  -2.099  -15.756 1.00 68.98 ? 324 LEU x CG  1 
ATOM 553 C CD1 . LEU A 1 324 ? 18.734  -1.101  -15.973 1.00 68.98 ? 324 LEU x CD1 1 
ATOM 554 C CD2 . LEU A 1 324 ? 16.917  -2.429  -17.065 1.00 68.98 ? 324 LEU x CD2 1 
ATOM 555 N N   . GLU A 1 325 ? 18.186  -5.988  -13.080 1.00 70.92 ? 325 GLU x N   1 
ATOM 556 C CA  . GLU A 1 325 ? 19.004  -7.135  -12.704 1.00 70.92 ? 325 GLU x CA  1 
ATOM 557 C C   . GLU A 1 325 ? 18.260  -8.443  -12.940 1.00 70.92 ? 325 GLU x C   1 
ATOM 558 O O   . GLU A 1 325 ? 18.850  -9.416  -13.421 1.00 70.92 ? 325 GLU x O   1 
ATOM 559 C CB  . GLU A 1 325 ? 19.447  -7.006  -11.250 1.00 70.92 ? 325 GLU x CB  1 
ATOM 560 C CG  . GLU A 1 325 ? 20.717  -7.771  -10.940 1.00 70.92 ? 325 GLU x CG  1 
ATOM 561 C CD  . GLU A 1 325 ? 21.922  -7.214  -11.683 1.00 70.92 ? 325 GLU x CD  1 
ATOM 562 O OE1 . GLU A 1 325 ? 21.903  -6.018  -12.047 1.00 70.92 ? 325 GLU x OE1 1 
ATOM 563 O OE2 . GLU A 1 325 ? 22.889  -7.973  -11.905 1.00 70.92 ? 325 GLU x OE2 1 
ATOM 564 N N   . GLU A 1 326 ? 16.970  -8.495  -12.598 1.00 68.55 ? 326 GLU x N   1 
ATOM 565 C CA  . GLU A 1 326 ? 16.158  -9.644  -12.979 1.00 68.55 ? 326 GLU x CA  1 
ATOM 566 C C   . GLU A 1 326 ? 15.749  -9.603  -14.443 1.00 68.55 ? 326 GLU x C   1 
ATOM 567 O O   . GLU A 1 326 ? 15.541  -10.660 -15.045 1.00 68.55 ? 326 GLU x O   1 
ATOM 568 C CB  . GLU A 1 326 ? 14.911  -9.756  -12.099 1.00 68.55 ? 326 GLU x CB  1 
ATOM 569 C CG  . GLU A 1 326 ? 15.177  -10.046 -10.628 1.00 68.55 ? 326 GLU x CG  1 
ATOM 570 C CD  . GLU A 1 326 ? 15.514  -8.816  -9.827  1.00 68.55 ? 326 GLU x CD  1 
ATOM 571 O OE1 . GLU A 1 326 ? 16.008  -7.846  -10.423 1.00 68.55 ? 326 GLU x OE1 1 
ATOM 572 O OE2 . GLU A 1 326 ? 15.288  -8.821  -8.599  1.00 68.55 ? 326 GLU x OE2 1 
ATOM 573 N N   . GLN A 1 327 ? 15.613  -8.414  -15.029 1.00 68.96 ? 327 GLN x N   1 
ATOM 574 C CA  . GLN A 1 327 ? 15.324  -8.343  -16.457 1.00 68.96 ? 327 GLN x CA  1 
ATOM 575 C C   . GLN A 1 327 ? 16.417  -9.039  -17.253 1.00 68.96 ? 327 GLN x C   1 
ATOM 576 O O   . GLN A 1 327 ? 16.135  -9.869  -18.124 1.00 68.96 ? 327 GLN x O   1 
ATOM 577 C CB  . GLN A 1 327 ? 15.185  -6.888  -16.905 1.00 68.96 ? 327 GLN x CB  1 
ATOM 578 C CG  . GLN A 1 327 ? 13.907  -6.195  -16.475 1.00 68.96 ? 327 GLN x CG  1 
ATOM 579 C CD  . GLN A 1 327 ? 12.665  -6.961  -16.857 1.00 68.96 ? 327 GLN x CD  1 
ATOM 580 O OE1 . GLN A 1 327 ? 11.796  -7.209  -16.022 1.00 68.96 ? 327 GLN x OE1 1 
ATOM 581 N NE2 . GLN A 1 327 ? 12.571  -7.346  -18.122 1.00 68.96 ? 327 GLN x NE2 1 
ATOM 582 N N   . LEU A 1 328 ? 17.674  -8.723  -16.955 1.00 66.93 ? 328 LEU x N   1 
ATOM 583 C CA  . LEU A 1 328 ? 18.814  -9.404  -17.563 1.00 66.93 ? 328 LEU x CA  1 
ATOM 584 C C   . LEU A 1 328 ? 19.273  -10.583 -16.715 1.00 66.93 ? 328 LEU x C   1 
ATOM 585 O O   . LEU A 1 328 ? 20.454  -10.758 -16.428 1.00 66.93 ? 328 LEU x O   1 
ATOM 586 C CB  . LEU A 1 328 ? 19.949  -8.415  -17.781 1.00 66.93 ? 328 LEU x CB  1 
ATOM 587 N N   . ALA A 1 329 ? 18.311  -11.402 -16.299 1.00 66.10 ? 329 ALA x N   1 
ATOM 588 C CA  . ALA A 1 329 ? 18.591  -12.707 -15.714 1.00 66.10 ? 329 ALA x CA  1 
ATOM 589 C C   . ALA A 1 329 ? 17.676  -13.800 -16.232 1.00 66.10 ? 329 ALA x C   1 
ATOM 590 O O   . ALA A 1 329 ? 18.062  -14.972 -16.189 1.00 66.10 ? 329 ALA x O   1 
ATOM 591 C CB  . ALA A 1 329 ? 18.488  -12.649 -14.187 1.00 66.10 ? 329 ALA x CB  1 
ATOM 592 N N   . GLU A 1 330 ? 16.487  -13.465 -16.723 1.00 67.85 ? 330 GLU x N   1 
ATOM 593 C CA  . GLU A 1 330 ? 15.638  -14.385 -17.457 1.00 67.85 ? 330 GLU x CA  1 
ATOM 594 C C   . GLU A 1 330 ? 15.984  -14.423 -18.936 1.00 67.85 ? 330 GLU x C   1 
ATOM 595 O O   . GLU A 1 330 ? 15.376  -15.192 -19.686 1.00 67.85 ? 330 GLU x O   1 
ATOM 596 C CB  . GLU A 1 330 ? 14.166  -14.001 -17.280 1.00 67.85 ? 330 GLU x CB  1 
ATOM 597 N N   . SER A 1 331 ? 16.937  -13.608 -19.372 1.00 70.37 ? 331 SER x N   1 
ATOM 598 C CA  . SER A 1 331 ? 17.409  -13.626 -20.744 1.00 70.37 ? 331 SER x CA  1 
ATOM 599 C C   . SER A 1 331 ? 18.536  -14.626 -20.963 1.00 70.37 ? 331 SER x C   1 
ATOM 600 O O   . SER A 1 331 ? 19.034  -14.743 -22.088 1.00 70.37 ? 331 SER x O   1 
ATOM 601 C CB  . SER A 1 331 ? 17.866  -12.225 -21.159 1.00 70.37 ? 331 SER x CB  1 
ATOM 602 O OG  . SER A 1 331 ? 18.797  -11.700 -20.232 1.00 70.37 ? 331 SER x OG  1 
ATOM 603 N N   . LEU A 1 332 ? 18.948  -15.343 -19.922 1.00 71.50 ? 332 LEU x N   1 
ATOM 604 C CA  . LEU A 1 332 ? 20.003  -16.339 -20.038 1.00 71.50 ? 332 LEU x CA  1 
ATOM 605 C C   . LEU A 1 332 ? 19.910  -17.362 -18.910 1.00 71.50 ? 332 LEU x C   1 
ATOM 606 O O   . LEU A 1 332 ? 20.793  -17.445 -18.056 1.00 71.50 ? 332 LEU x O   1 
ATOM 607 C CB  . LEU A 1 332 ? 21.378  -15.672 -20.031 1.00 71.50 ? 332 LEU x CB  1 
# 
